data_9F6S
# 
_entry.id   9F6S 
# 
_audit_conform.dict_name       mmcif_pdbx.dic 
_audit_conform.dict_version    5.403 
_audit_conform.dict_location   http://mmcif.pdb.org/dictionaries/ascii/mmcif_pdbx.dic 
# 
loop_
_database_2.database_id 
_database_2.database_code 
_database_2.pdbx_database_accession 
_database_2.pdbx_DOI 
PDB   9F6S         pdb_00009f6s 10.2210/pdb9f6s/pdb 
WWPDB D_1292138224 ?            ?                   
# 
_pdbx_audit_revision_history.ordinal             1 
_pdbx_audit_revision_history.data_content_type   'Structure model' 
_pdbx_audit_revision_history.major_revision      1 
_pdbx_audit_revision_history.minor_revision      0 
_pdbx_audit_revision_history.revision_date       2025-05-14 
_pdbx_audit_revision_history.part_number         ? 
# 
_pdbx_audit_revision_details.ordinal             1 
_pdbx_audit_revision_details.revision_ordinal    1 
_pdbx_audit_revision_details.data_content_type   'Structure model' 
_pdbx_audit_revision_details.provider            repository 
_pdbx_audit_revision_details.type                'Initial release' 
_pdbx_audit_revision_details.description         ? 
_pdbx_audit_revision_details.details             ? 
# 
_pdbx_database_status.status_code                     REL 
_pdbx_database_status.status_code_sf                  REL 
_pdbx_database_status.status_code_mr                  ? 
_pdbx_database_status.entry_id                        9F6S 
_pdbx_database_status.recvd_initial_deposition_date   2024-05-02 
_pdbx_database_status.SG_entry                        N 
_pdbx_database_status.deposit_site                    PDBE 
_pdbx_database_status.process_site                    PDBE 
_pdbx_database_status.status_code_cs                  ? 
_pdbx_database_status.status_code_nmr_data            ? 
_pdbx_database_status.methods_development_category    ? 
_pdbx_database_status.pdb_format_compatible           Y 
# 
_pdbx_contact_author.id                 2 
_pdbx_contact_author.email              boura@uochb.cas.cz 
_pdbx_contact_author.name_first         Evzen 
_pdbx_contact_author.name_last          Boura 
_pdbx_contact_author.name_mi            ? 
_pdbx_contact_author.role               'principal investigator/group leader' 
_pdbx_contact_author.identifier_ORCID   0000-0002-9652-4065 
# 
loop_
_audit_author.name 
_audit_author.pdbx_ordinal 
_audit_author.identifier_ORCID 
'Benova, V.' 1 ?                   
'Boura, E.'  2 0000-0002-9652-4065 
# 
_citation.abstract                  ? 
_citation.abstract_id_CAS           ? 
_citation.book_id_ISBN              ? 
_citation.book_publisher            ? 
_citation.book_publisher_city       ? 
_citation.book_title                ? 
_citation.coordinate_linkage        ? 
_citation.country                   ? 
_citation.database_id_Medline       ? 
_citation.details                   ? 
_citation.id                        primary 
_citation.journal_abbrev            'To Be Published' 
_citation.journal_id_ASTM           ? 
_citation.journal_id_CSD            0353 
_citation.journal_id_ISSN           ? 
_citation.journal_full              ? 
_citation.journal_issue             ? 
_citation.journal_volume            ? 
_citation.language                  ? 
_citation.page_first                ? 
_citation.page_last                 ? 
_citation.title                     'PDZ domain in complex with the peptide from AP2-associated protein kinase 1' 
_citation.year                      ? 
_citation.database_id_CSD           ? 
_citation.pdbx_database_id_DOI      ? 
_citation.pdbx_database_id_PubMed   ? 
_citation.pdbx_database_id_patent   ? 
_citation.unpublished_flag          ? 
# 
loop_
_citation_author.citation_id 
_citation_author.name 
_citation_author.ordinal 
_citation_author.identifier_ORCID 
primary 'Benova, V.' 1 ?                   
primary 'Boura, E.'  2 0000-0002-9652-4065 
# 
loop_
_entity.id 
_entity.type 
_entity.src_method 
_entity.pdbx_description 
_entity.formula_weight 
_entity.pdbx_number_of_molecules 
_entity.pdbx_ec 
_entity.pdbx_mutation 
_entity.pdbx_fragment 
_entity.details 
1 polymer man 'PDZ and LIM domain protein 5'    9355.678 1   ?        ? ? ? 
2 polymer man 'AP2-associated protein kinase 1' 715.793  1   2.7.11.1 ? ? ? 
3 water   nat water                             18.015   104 ?        ? ? ? 
# 
loop_
_entity_name_com.entity_id 
_entity_name_com.name 
1 'Enigma homolog,Enigma-like PDZ and LIM domains protein' 
2 'Adaptor-associated kinase 1'                            
# 
loop_
_entity_poly.entity_id 
_entity_poly.type 
_entity_poly.nstd_linkage 
_entity_poly.nstd_monomer 
_entity_poly.pdbx_seq_one_letter_code 
_entity_poly.pdbx_seq_one_letter_code_can 
_entity_poly.pdbx_strand_id 
_entity_poly.pdbx_target_identifier 
1 'polypeptide(L)' no no 
;GPLGSMSNYSVSLVGPAPWGFRLQGGKDFNMPLTISSLKDGGKAAQANVRIGDVVLSIDGINAQGMTHLEAQNKIKGCTG
SLNMTLQRAS
;
;GPLGSMSNYSVSLVGPAPWGFRLQGGKDFNMPLTISSLKDGGKAAQANVRIGDVVLSIDGINAQGMTHLEAQNKIKGCTG
SLNMTLQRAS
;
A ? 
2 'polypeptide(L)' no no DQLIDL                                                                                        DQLIDL B ? 
# 
_pdbx_entity_nonpoly.entity_id   3 
_pdbx_entity_nonpoly.name        water 
_pdbx_entity_nonpoly.comp_id     HOH 
# 
loop_
_entity_poly_seq.entity_id 
_entity_poly_seq.num 
_entity_poly_seq.mon_id 
_entity_poly_seq.hetero 
1 1  GLY n 
1 2  PRO n 
1 3  LEU n 
1 4  GLY n 
1 5  SER n 
1 6  MET n 
1 7  SER n 
1 8  ASN n 
1 9  TYR n 
1 10 SER n 
1 11 VAL n 
1 12 SER n 
1 13 LEU n 
1 14 VAL n 
1 15 GLY n 
1 16 PRO n 
1 17 ALA n 
1 18 PRO n 
1 19 TRP n 
1 20 GLY n 
1 21 PHE n 
1 22 ARG n 
1 23 LEU n 
1 24 GLN n 
1 25 GLY n 
1 26 GLY n 
1 27 LYS n 
1 28 ASP n 
1 29 PHE n 
1 30 ASN n 
1 31 MET n 
1 32 PRO n 
1 33 LEU n 
1 34 THR n 
1 35 ILE n 
1 36 SER n 
1 37 SER n 
1 38 LEU n 
1 39 LYS n 
1 40 ASP n 
1 41 GLY n 
1 42 GLY n 
1 43 LYS n 
1 44 ALA n 
1 45 ALA n 
1 46 GLN n 
1 47 ALA n 
1 48 ASN n 
1 49 VAL n 
1 50 ARG n 
1 51 ILE n 
1 52 GLY n 
1 53 ASP n 
1 54 VAL n 
1 55 VAL n 
1 56 LEU n 
1 57 SER n 
1 58 ILE n 
1 59 ASP n 
1 60 GLY n 
1 61 ILE n 
1 62 ASN n 
1 63 ALA n 
1 64 GLN n 
1 65 GLY n 
1 66 MET n 
1 67 THR n 
1 68 HIS n 
1 69 LEU n 
1 70 GLU n 
1 71 ALA n 
1 72 GLN n 
1 73 ASN n 
1 74 LYS n 
1 75 ILE n 
1 76 LYS n 
1 77 GLY n 
1 78 CYS n 
1 79 THR n 
1 80 GLY n 
1 81 SER n 
1 82 LEU n 
1 83 ASN n 
1 84 MET n 
1 85 THR n 
1 86 LEU n 
1 87 GLN n 
1 88 ARG n 
1 89 ALA n 
1 90 SER n 
2 1  ASP n 
2 2  GLN n 
2 3  LEU n 
2 4  ILE n 
2 5  ASP n 
2 6  LEU n 
# 
loop_
_entity_src_gen.entity_id 
_entity_src_gen.pdbx_src_id 
_entity_src_gen.pdbx_alt_source_flag 
_entity_src_gen.pdbx_seq_type 
_entity_src_gen.pdbx_beg_seq_num 
_entity_src_gen.pdbx_end_seq_num 
_entity_src_gen.gene_src_common_name 
_entity_src_gen.gene_src_genus 
_entity_src_gen.pdbx_gene_src_gene 
_entity_src_gen.gene_src_species 
_entity_src_gen.gene_src_strain 
_entity_src_gen.gene_src_tissue 
_entity_src_gen.gene_src_tissue_fraction 
_entity_src_gen.gene_src_details 
_entity_src_gen.pdbx_gene_src_fragment 
_entity_src_gen.pdbx_gene_src_scientific_name 
_entity_src_gen.pdbx_gene_src_ncbi_taxonomy_id 
_entity_src_gen.pdbx_gene_src_variant 
_entity_src_gen.pdbx_gene_src_cell_line 
_entity_src_gen.pdbx_gene_src_atcc 
_entity_src_gen.pdbx_gene_src_organ 
_entity_src_gen.pdbx_gene_src_organelle 
_entity_src_gen.pdbx_gene_src_cell 
_entity_src_gen.pdbx_gene_src_cellular_location 
_entity_src_gen.host_org_common_name 
_entity_src_gen.pdbx_host_org_scientific_name 
_entity_src_gen.pdbx_host_org_ncbi_taxonomy_id 
_entity_src_gen.host_org_genus 
_entity_src_gen.pdbx_host_org_gene 
_entity_src_gen.pdbx_host_org_organ 
_entity_src_gen.host_org_species 
_entity_src_gen.pdbx_host_org_tissue 
_entity_src_gen.pdbx_host_org_tissue_fraction 
_entity_src_gen.pdbx_host_org_strain 
_entity_src_gen.pdbx_host_org_variant 
_entity_src_gen.pdbx_host_org_cell_line 
_entity_src_gen.pdbx_host_org_atcc 
_entity_src_gen.pdbx_host_org_culture_collection 
_entity_src_gen.pdbx_host_org_cell 
_entity_src_gen.pdbx_host_org_organelle 
_entity_src_gen.pdbx_host_org_cellular_location 
_entity_src_gen.pdbx_host_org_vector_type 
_entity_src_gen.pdbx_host_org_vector 
_entity_src_gen.host_org_details 
_entity_src_gen.expression_system_id 
_entity_src_gen.plasmid_name 
_entity_src_gen.plasmid_details 
_entity_src_gen.pdbx_description 
1 1 sample 'Biological sequence' 1 90 human ? 'PDLIM5, ENH, L9' ? ? ? ? ? ? 'Homo sapiens' 9606 ? ? ? ? ? ? ? ? 
'Escherichia coli BL21(DE3)' 469008 ? ? ? ? ? ? ? ? ? ? ? ? ? ? ? ? ? ? ? ? ? 
2 1 sample 'Biological sequence' 1 6  human ? 'AAK1, KIAA1048'  ? ? ? ? ? ? 'Homo sapiens' 9606 ? ? ? ? ? ? ? ? 
'Escherichia coli BL21(DE3)' 469008 ? ? ? ? ? ? ? ? ? ? ? ? ? ? ? ? ? ? ? ? ? 
# 
loop_
_chem_comp.id 
_chem_comp.type 
_chem_comp.mon_nstd_flag 
_chem_comp.name 
_chem_comp.pdbx_synonyms 
_chem_comp.formula 
_chem_comp.formula_weight 
ALA 'L-peptide linking' y ALANINE         ? 'C3 H7 N O2'     89.093  
ARG 'L-peptide linking' y ARGININE        ? 'C6 H15 N4 O2 1' 175.209 
ASN 'L-peptide linking' y ASPARAGINE      ? 'C4 H8 N2 O3'    132.118 
ASP 'L-peptide linking' y 'ASPARTIC ACID' ? 'C4 H7 N O4'     133.103 
CYS 'L-peptide linking' y CYSTEINE        ? 'C3 H7 N O2 S'   121.158 
GLN 'L-peptide linking' y GLUTAMINE       ? 'C5 H10 N2 O3'   146.144 
GLU 'L-peptide linking' y 'GLUTAMIC ACID' ? 'C5 H9 N O4'     147.129 
GLY 'peptide linking'   y GLYCINE         ? 'C2 H5 N O2'     75.067  
HIS 'L-peptide linking' y HISTIDINE       ? 'C6 H10 N3 O2 1' 156.162 
HOH non-polymer         . WATER           ? 'H2 O'           18.015  
ILE 'L-peptide linking' y ISOLEUCINE      ? 'C6 H13 N O2'    131.173 
LEU 'L-peptide linking' y LEUCINE         ? 'C6 H13 N O2'    131.173 
LYS 'L-peptide linking' y LYSINE          ? 'C6 H15 N2 O2 1' 147.195 
MET 'L-peptide linking' y METHIONINE      ? 'C5 H11 N O2 S'  149.211 
PHE 'L-peptide linking' y PHENYLALANINE   ? 'C9 H11 N O2'    165.189 
PRO 'L-peptide linking' y PROLINE         ? 'C5 H9 N O2'     115.130 
SER 'L-peptide linking' y SERINE          ? 'C3 H7 N O3'     105.093 
THR 'L-peptide linking' y THREONINE       ? 'C4 H9 N O3'     119.119 
TRP 'L-peptide linking' y TRYPTOPHAN      ? 'C11 H12 N2 O2'  204.225 
TYR 'L-peptide linking' y TYROSINE        ? 'C9 H11 N O3'    181.189 
VAL 'L-peptide linking' y VALINE          ? 'C5 H11 N O2'    117.146 
# 
loop_
_pdbx_poly_seq_scheme.asym_id 
_pdbx_poly_seq_scheme.entity_id 
_pdbx_poly_seq_scheme.seq_id 
_pdbx_poly_seq_scheme.mon_id 
_pdbx_poly_seq_scheme.ndb_seq_num 
_pdbx_poly_seq_scheme.pdb_seq_num 
_pdbx_poly_seq_scheme.auth_seq_num 
_pdbx_poly_seq_scheme.pdb_mon_id 
_pdbx_poly_seq_scheme.auth_mon_id 
_pdbx_poly_seq_scheme.pdb_strand_id 
_pdbx_poly_seq_scheme.pdb_ins_code 
_pdbx_poly_seq_scheme.hetero 
A 1 1  GLY 1  -4  ?   ?   ?   A . n 
A 1 2  PRO 2  -3  ?   ?   ?   A . n 
A 1 3  LEU 3  -2  ?   ?   ?   A . n 
A 1 4  GLY 4  -1  ?   ?   ?   A . n 
A 1 5  SER 5  0   ?   ?   ?   A . n 
A 1 6  MET 6  1   1   MET MET A . n 
A 1 7  SER 7  2   2   SER SER A . n 
A 1 8  ASN 8  3   3   ASN ASN A . n 
A 1 9  TYR 9  4   4   TYR TYR A . n 
A 1 10 SER 10 5   5   SER SER A . n 
A 1 11 VAL 11 6   6   VAL VAL A . n 
A 1 12 SER 12 7   7   SER SER A . n 
A 1 13 LEU 13 8   8   LEU LEU A . n 
A 1 14 VAL 14 9   9   VAL VAL A . n 
A 1 15 GLY 15 10  10  GLY GLY A . n 
A 1 16 PRO 16 11  11  PRO PRO A . n 
A 1 17 ALA 17 12  12  ALA ALA A . n 
A 1 18 PRO 18 13  13  PRO PRO A . n 
A 1 19 TRP 19 14  14  TRP TRP A . n 
A 1 20 GLY 20 15  15  GLY GLY A . n 
A 1 21 PHE 21 16  16  PHE PHE A . n 
A 1 22 ARG 22 17  17  ARG ARG A . n 
A 1 23 LEU 23 18  18  LEU LEU A . n 
A 1 24 GLN 24 19  19  GLN GLN A . n 
A 1 25 GLY 25 20  20  GLY GLY A . n 
A 1 26 GLY 26 21  21  GLY GLY A . n 
A 1 27 LYS 27 22  22  LYS LYS A . n 
A 1 28 ASP 28 23  23  ASP ASP A . n 
A 1 29 PHE 29 24  24  PHE PHE A . n 
A 1 30 ASN 30 25  25  ASN ASN A . n 
A 1 31 MET 31 26  26  MET MET A . n 
A 1 32 PRO 32 27  27  PRO PRO A . n 
A 1 33 LEU 33 28  28  LEU LEU A . n 
A 1 34 THR 34 29  29  THR THR A . n 
A 1 35 ILE 35 30  30  ILE ILE A . n 
A 1 36 SER 36 31  31  SER SER A . n 
A 1 37 SER 37 32  32  SER SER A . n 
A 1 38 LEU 38 33  33  LEU LEU A . n 
A 1 39 LYS 39 34  34  LYS LYS A . n 
A 1 40 ASP 40 35  35  ASP ASP A . n 
A 1 41 GLY 41 36  36  GLY GLY A . n 
A 1 42 GLY 42 37  37  GLY GLY A . n 
A 1 43 LYS 43 38  38  LYS LYS A . n 
A 1 44 ALA 44 39  39  ALA ALA A . n 
A 1 45 ALA 45 40  40  ALA ALA A . n 
A 1 46 GLN 46 41  41  GLN GLN A . n 
A 1 47 ALA 47 42  42  ALA ALA A . n 
A 1 48 ASN 48 43  43  ASN ASN A . n 
A 1 49 VAL 49 44  44  VAL VAL A . n 
A 1 50 ARG 50 45  45  ARG ARG A . n 
A 1 51 ILE 51 46  46  ILE ILE A . n 
A 1 52 GLY 52 47  47  GLY GLY A . n 
A 1 53 ASP 53 48  48  ASP ASP A . n 
A 1 54 VAL 54 49  49  VAL VAL A . n 
A 1 55 VAL 55 50  50  VAL VAL A . n 
A 1 56 LEU 56 51  51  LEU LEU A . n 
A 1 57 SER 57 52  52  SER SER A . n 
A 1 58 ILE 58 53  53  ILE ILE A . n 
A 1 59 ASP 59 54  54  ASP ASP A . n 
A 1 60 GLY 60 55  55  GLY GLY A . n 
A 1 61 ILE 61 56  56  ILE ILE A . n 
A 1 62 ASN 62 57  57  ASN ASN A . n 
A 1 63 ALA 63 58  58  ALA ALA A . n 
A 1 64 GLN 64 59  59  GLN GLN A . n 
A 1 65 GLY 65 60  60  GLY GLY A . n 
A 1 66 MET 66 61  61  MET MET A . n 
A 1 67 THR 67 62  62  THR THR A . n 
A 1 68 HIS 68 63  63  HIS HIS A . n 
A 1 69 LEU 69 64  64  LEU LEU A . n 
A 1 70 GLU 70 65  65  GLU GLU A . n 
A 1 71 ALA 71 66  66  ALA ALA A . n 
A 1 72 GLN 72 67  67  GLN GLN A . n 
A 1 73 ASN 73 68  68  ASN ASN A . n 
A 1 74 LYS 74 69  69  LYS LYS A . n 
A 1 75 ILE 75 70  70  ILE ILE A . n 
A 1 76 LYS 76 71  71  LYS LYS A . n 
A 1 77 GLY 77 72  72  GLY GLY A . n 
A 1 78 CYS 78 73  73  CYS CYS A . n 
A 1 79 THR 79 74  74  THR THR A . n 
A 1 80 GLY 80 75  75  GLY GLY A . n 
A 1 81 SER 81 76  76  SER SER A . n 
A 1 82 LEU 82 77  77  LEU LEU A . n 
A 1 83 ASN 83 78  78  ASN ASN A . n 
A 1 84 MET 84 79  79  MET MET A . n 
A 1 85 THR 85 80  80  THR THR A . n 
A 1 86 LEU 86 81  81  LEU LEU A . n 
A 1 87 GLN 87 82  82  GLN GLN A . n 
A 1 88 ARG 88 83  83  ARG ARG A . n 
A 1 89 ALA 89 84  84  ALA ALA A . n 
A 1 90 SER 90 85  ?   ?   ?   A . n 
B 2 1  ASP 1  956 956 ASP ASP B . n 
B 2 2  GLN 2  957 957 GLN GLN B . n 
B 2 3  LEU 3  958 958 LEU LEU B . n 
B 2 4  ILE 4  959 959 ILE ILE B . n 
B 2 5  ASP 5  960 960 ASP ASP B . n 
B 2 6  LEU 6  961 961 LEU LEU B . n 
# 
loop_
_pdbx_nonpoly_scheme.asym_id 
_pdbx_nonpoly_scheme.entity_id 
_pdbx_nonpoly_scheme.mon_id 
_pdbx_nonpoly_scheme.ndb_seq_num 
_pdbx_nonpoly_scheme.pdb_seq_num 
_pdbx_nonpoly_scheme.auth_seq_num 
_pdbx_nonpoly_scheme.pdb_mon_id 
_pdbx_nonpoly_scheme.auth_mon_id 
_pdbx_nonpoly_scheme.pdb_strand_id 
_pdbx_nonpoly_scheme.pdb_ins_code 
C 3 HOH 1  101  95  HOH HOH A . 
C 3 HOH 2  102  104 HOH HOH A . 
C 3 HOH 3  103  42  HOH HOH A . 
C 3 HOH 4  104  60  HOH HOH A . 
C 3 HOH 5  105  32  HOH HOH A . 
C 3 HOH 6  106  40  HOH HOH A . 
C 3 HOH 7  107  71  HOH HOH A . 
C 3 HOH 8  108  2   HOH HOH A . 
C 3 HOH 9  109  59  HOH HOH A . 
C 3 HOH 10 110  90  HOH HOH A . 
C 3 HOH 11 111  43  HOH HOH A . 
C 3 HOH 12 112  44  HOH HOH A . 
C 3 HOH 13 113  37  HOH HOH A . 
C 3 HOH 14 114  10  HOH HOH A . 
C 3 HOH 15 115  61  HOH HOH A . 
C 3 HOH 16 116  38  HOH HOH A . 
C 3 HOH 17 117  12  HOH HOH A . 
C 3 HOH 18 118  3   HOH HOH A . 
C 3 HOH 19 119  15  HOH HOH A . 
C 3 HOH 20 120  29  HOH HOH A . 
C 3 HOH 21 121  65  HOH HOH A . 
C 3 HOH 22 122  76  HOH HOH A . 
C 3 HOH 23 123  66  HOH HOH A . 
C 3 HOH 24 124  31  HOH HOH A . 
C 3 HOH 25 125  89  HOH HOH A . 
C 3 HOH 26 126  78  HOH HOH A . 
C 3 HOH 27 127  98  HOH HOH A . 
C 3 HOH 28 128  13  HOH HOH A . 
C 3 HOH 29 129  30  HOH HOH A . 
C 3 HOH 30 130  53  HOH HOH A . 
C 3 HOH 31 131  8   HOH HOH A . 
C 3 HOH 32 132  101 HOH HOH A . 
C 3 HOH 33 133  84  HOH HOH A . 
C 3 HOH 34 134  1   HOH HOH A . 
C 3 HOH 35 135  48  HOH HOH A . 
C 3 HOH 36 136  96  HOH HOH A . 
C 3 HOH 37 137  51  HOH HOH A . 
C 3 HOH 38 138  39  HOH HOH A . 
C 3 HOH 39 139  5   HOH HOH A . 
C 3 HOH 40 140  14  HOH HOH A . 
C 3 HOH 41 141  56  HOH HOH A . 
C 3 HOH 42 142  79  HOH HOH A . 
C 3 HOH 43 143  57  HOH HOH A . 
C 3 HOH 44 144  23  HOH HOH A . 
C 3 HOH 45 145  83  HOH HOH A . 
C 3 HOH 46 146  77  HOH HOH A . 
C 3 HOH 47 147  6   HOH HOH A . 
C 3 HOH 48 148  16  HOH HOH A . 
C 3 HOH 49 149  54  HOH HOH A . 
C 3 HOH 50 150  25  HOH HOH A . 
C 3 HOH 51 151  103 HOH HOH A . 
C 3 HOH 52 152  67  HOH HOH A . 
C 3 HOH 53 153  24  HOH HOH A . 
C 3 HOH 54 154  33  HOH HOH A . 
C 3 HOH 55 155  26  HOH HOH A . 
C 3 HOH 56 156  73  HOH HOH A . 
C 3 HOH 57 157  49  HOH HOH A . 
C 3 HOH 58 158  21  HOH HOH A . 
C 3 HOH 59 159  97  HOH HOH A . 
C 3 HOH 60 160  46  HOH HOH A . 
C 3 HOH 61 161  28  HOH HOH A . 
C 3 HOH 62 162  27  HOH HOH A . 
C 3 HOH 63 163  17  HOH HOH A . 
C 3 HOH 64 164  70  HOH HOH A . 
C 3 HOH 65 165  41  HOH HOH A . 
C 3 HOH 66 166  9   HOH HOH A . 
C 3 HOH 67 167  35  HOH HOH A . 
C 3 HOH 68 168  11  HOH HOH A . 
C 3 HOH 69 169  34  HOH HOH A . 
C 3 HOH 70 170  18  HOH HOH A . 
C 3 HOH 71 171  82  HOH HOH A . 
C 3 HOH 72 172  75  HOH HOH A . 
C 3 HOH 73 173  7   HOH HOH A . 
C 3 HOH 74 174  93  HOH HOH A . 
C 3 HOH 75 175  69  HOH HOH A . 
C 3 HOH 76 176  68  HOH HOH A . 
C 3 HOH 77 177  102 HOH HOH A . 
C 3 HOH 78 178  52  HOH HOH A . 
C 3 HOH 79 179  99  HOH HOH A . 
C 3 HOH 80 180  100 HOH HOH A . 
C 3 HOH 81 181  64  HOH HOH A . 
C 3 HOH 82 182  72  HOH HOH A . 
C 3 HOH 83 183  80  HOH HOH A . 
C 3 HOH 84 184  74  HOH HOH A . 
C 3 HOH 85 185  88  HOH HOH A . 
C 3 HOH 86 186  47  HOH HOH A . 
C 3 HOH 87 187  20  HOH HOH A . 
C 3 HOH 88 188  55  HOH HOH A . 
C 3 HOH 89 189  62  HOH HOH A . 
C 3 HOH 90 190  87  HOH HOH A . 
C 3 HOH 91 191  85  HOH HOH A . 
C 3 HOH 92 192  81  HOH HOH A . 
C 3 HOH 93 193  45  HOH HOH A . 
C 3 HOH 94 194  58  HOH HOH A . 
C 3 HOH 95 195  63  HOH HOH A . 
D 3 HOH 1  1001 91  HOH HOH B . 
D 3 HOH 2  1002 36  HOH HOH B . 
D 3 HOH 3  1003 92  HOH HOH B . 
D 3 HOH 4  1004 19  HOH HOH B . 
D 3 HOH 5  1005 4   HOH HOH B . 
D 3 HOH 6  1006 86  HOH HOH B . 
D 3 HOH 7  1007 22  HOH HOH B . 
D 3 HOH 8  1008 50  HOH HOH B . 
D 3 HOH 9  1009 94  HOH HOH B . 
# 
loop_
_pdbx_unobs_or_zero_occ_atoms.id 
_pdbx_unobs_or_zero_occ_atoms.PDB_model_num 
_pdbx_unobs_or_zero_occ_atoms.polymer_flag 
_pdbx_unobs_or_zero_occ_atoms.occupancy_flag 
_pdbx_unobs_or_zero_occ_atoms.auth_asym_id 
_pdbx_unobs_or_zero_occ_atoms.auth_comp_id 
_pdbx_unobs_or_zero_occ_atoms.auth_seq_id 
_pdbx_unobs_or_zero_occ_atoms.PDB_ins_code 
_pdbx_unobs_or_zero_occ_atoms.auth_atom_id 
_pdbx_unobs_or_zero_occ_atoms.label_alt_id 
_pdbx_unobs_or_zero_occ_atoms.label_asym_id 
_pdbx_unobs_or_zero_occ_atoms.label_comp_id 
_pdbx_unobs_or_zero_occ_atoms.label_seq_id 
_pdbx_unobs_or_zero_occ_atoms.label_atom_id 
1 1 Y 1 A MET 1   ? CG  ? A MET 6  CG  
2 1 Y 1 A MET 1   ? SD  ? A MET 6  SD  
3 1 Y 1 A MET 1   ? CE  ? A MET 6  CE  
4 1 Y 1 A LYS 34  ? CD  ? A LYS 39 CD  
5 1 Y 1 A LYS 34  ? CE  ? A LYS 39 CE  
6 1 Y 1 A LYS 34  ? NZ  ? A LYS 39 NZ  
7 1 Y 1 B ASP 956 ? CG  ? B ASP 1  CG  
8 1 Y 1 B ASP 956 ? OD1 ? B ASP 1  OD1 
9 1 Y 1 B ASP 956 ? OD2 ? B ASP 1  OD2 
# 
loop_
_software.citation_id 
_software.classification 
_software.compiler_name 
_software.compiler_version 
_software.contact_author 
_software.contact_author_email 
_software.date 
_software.description 
_software.dependencies 
_software.hardware 
_software.language 
_software.location 
_software.mods 
_software.name 
_software.os 
_software.os_version 
_software.type 
_software.version 
_software.pdbx_ordinal 
? refinement       ? ? ? ? ? ? ? ? ? ? ? PHENIX ? ? ? 1.20.1_4487 1 
? refinement       ? ? ? ? ? ? ? ? ? ? ? PHENIX ? ? ? 1.20.1_4487 2 
? 'data reduction' ? ? ? ? ? ? ? ? ? ? ? XDS    ? ? ? .           3 
? 'data scaling'   ? ? ? ? ? ? ? ? ? ? ? XDS    ? ? ? .           4 
? phasing          ? ? ? ? ? ? ? ? ? ? ? PHASER ? ? ? .           5 
# 
_cell.angle_alpha                  90.000 
_cell.angle_alpha_esd              ? 
_cell.angle_beta                   90.000 
_cell.angle_beta_esd               ? 
_cell.angle_gamma                  90.000 
_cell.angle_gamma_esd              ? 
_cell.entry_id                     9F6S 
_cell.details                      ? 
_cell.formula_units_Z              ? 
_cell.length_a                     36.930 
_cell.length_a_esd                 ? 
_cell.length_b                     37.840 
_cell.length_b_esd                 ? 
_cell.length_c                     52.390 
_cell.length_c_esd                 ? 
_cell.volume                       73211.421 
_cell.volume_esd                   ? 
_cell.Z_PDB                        4 
_cell.reciprocal_angle_alpha       ? 
_cell.reciprocal_angle_beta        ? 
_cell.reciprocal_angle_gamma       ? 
_cell.reciprocal_angle_alpha_esd   ? 
_cell.reciprocal_angle_beta_esd    ? 
_cell.reciprocal_angle_gamma_esd   ? 
_cell.reciprocal_length_a          ? 
_cell.reciprocal_length_b          ? 
_cell.reciprocal_length_c          ? 
_cell.reciprocal_length_a_esd      ? 
_cell.reciprocal_length_b_esd      ? 
_cell.reciprocal_length_c_esd      ? 
_cell.pdbx_unique_axis             ? 
_cell.pdbx_esd_method              ? 
# 
_symmetry.entry_id                         9F6S 
_symmetry.cell_setting                     ? 
_symmetry.Int_Tables_number                19 
_symmetry.space_group_name_Hall            'P 2ac 2ab' 
_symmetry.space_group_name_H-M             'P 21 21 21' 
_symmetry.pdbx_full_space_group_name_H-M   ? 
# 
_exptl.absorpt_coefficient_mu     ? 
_exptl.absorpt_correction_T_max   ? 
_exptl.absorpt_correction_T_min   ? 
_exptl.absorpt_correction_type    ? 
_exptl.absorpt_process_details    ? 
_exptl.entry_id                   9F6S 
_exptl.crystals_number            1 
_exptl.details                    ? 
_exptl.method                     'X-RAY DIFFRACTION' 
_exptl.method_details             ? 
# 
_exptl_crystal.colour                       ? 
_exptl_crystal.density_diffrn               ? 
_exptl_crystal.density_Matthews             1.82 
_exptl_crystal.density_method               ? 
_exptl_crystal.density_percent_sol          32.32 
_exptl_crystal.description                  ? 
_exptl_crystal.F_000                        ? 
_exptl_crystal.id                           1 
_exptl_crystal.preparation                  ? 
_exptl_crystal.size_max                     ? 
_exptl_crystal.size_mid                     ? 
_exptl_crystal.size_min                     ? 
_exptl_crystal.size_rad                     ? 
_exptl_crystal.colour_lustre                ? 
_exptl_crystal.colour_modifier              ? 
_exptl_crystal.colour_primary               ? 
_exptl_crystal.density_meas                 ? 
_exptl_crystal.density_meas_esd             ? 
_exptl_crystal.density_meas_gt              ? 
_exptl_crystal.density_meas_lt              ? 
_exptl_crystal.density_meas_temp            ? 
_exptl_crystal.density_meas_temp_esd        ? 
_exptl_crystal.density_meas_temp_gt         ? 
_exptl_crystal.density_meas_temp_lt         ? 
_exptl_crystal.pdbx_crystal_image_url       ? 
_exptl_crystal.pdbx_crystal_image_format    ? 
_exptl_crystal.pdbx_mosaicity               ? 
_exptl_crystal.pdbx_mosaicity_esd           ? 
_exptl_crystal.pdbx_mosaic_method           ? 
_exptl_crystal.pdbx_mosaic_block_size       ? 
_exptl_crystal.pdbx_mosaic_block_size_esd   ? 
# 
_exptl_crystal_grow.apparatus       ? 
_exptl_crystal_grow.atmosphere      ? 
_exptl_crystal_grow.crystal_id      1 
_exptl_crystal_grow.details         ? 
_exptl_crystal_grow.method          'VAPOR DIFFUSION, SITTING DROP' 
_exptl_crystal_grow.method_ref      ? 
_exptl_crystal_grow.pH              ? 
_exptl_crystal_grow.pressure        ? 
_exptl_crystal_grow.pressure_esd    ? 
_exptl_crystal_grow.seeding         ? 
_exptl_crystal_grow.seeding_ref     ? 
_exptl_crystal_grow.temp_details    ? 
_exptl_crystal_grow.temp_esd        ? 
_exptl_crystal_grow.time            ? 
_exptl_crystal_grow.pdbx_details    '0.2 M Sodium chloride, 2.0 M Ammonium sulfate, 0.1 M Sodium cacodylate 6.5' 
_exptl_crystal_grow.pdbx_pH_range   ? 
_exptl_crystal_grow.temp            291 
# 
_diffrn.ambient_environment              ? 
_diffrn.ambient_temp                     100 
_diffrn.ambient_temp_details             ? 
_diffrn.ambient_temp_esd                 ? 
_diffrn.crystal_id                       1 
_diffrn.crystal_support                  ? 
_diffrn.crystal_treatment                ? 
_diffrn.details                          ? 
_diffrn.id                               1 
_diffrn.ambient_pressure                 ? 
_diffrn.ambient_pressure_esd             ? 
_diffrn.ambient_pressure_gt              ? 
_diffrn.ambient_pressure_lt              ? 
_diffrn.ambient_temp_gt                  ? 
_diffrn.ambient_temp_lt                  ? 
_diffrn.pdbx_serial_crystal_experiment   N 
# 
_diffrn_detector.details                      ? 
_diffrn_detector.detector                     PIXEL 
_diffrn_detector.diffrn_id                    1 
_diffrn_detector.type                         'DECTRIS PILATUS 6M' 
_diffrn_detector.area_resol_mean              ? 
_diffrn_detector.dtime                        ? 
_diffrn_detector.pdbx_frames_total            ? 
_diffrn_detector.pdbx_collection_time_total   ? 
_diffrn_detector.pdbx_collection_date         2024-04-25 
_diffrn_detector.pdbx_frequency               ? 
_diffrn_detector.id                           ? 
_diffrn_detector.number_of_axes               ? 
# 
_diffrn_radiation.collimation                      ? 
_diffrn_radiation.diffrn_id                        1 
_diffrn_radiation.filter_edge                      ? 
_diffrn_radiation.inhomogeneity                    ? 
_diffrn_radiation.monochromator                    ? 
_diffrn_radiation.polarisn_norm                    ? 
_diffrn_radiation.polarisn_ratio                   ? 
_diffrn_radiation.probe                            ? 
_diffrn_radiation.type                             ? 
_diffrn_radiation.xray_symbol                      ? 
_diffrn_radiation.wavelength_id                    1 
_diffrn_radiation.pdbx_monochromatic_or_laue_m_l   M 
_diffrn_radiation.pdbx_wavelength_list             ? 
_diffrn_radiation.pdbx_wavelength                  ? 
_diffrn_radiation.pdbx_diffrn_protocol             'SINGLE WAVELENGTH' 
_diffrn_radiation.pdbx_analyzer                    ? 
_diffrn_radiation.pdbx_scattering_type             x-ray 
# 
_diffrn_radiation_wavelength.id           1 
_diffrn_radiation_wavelength.wavelength   0.9184 
_diffrn_radiation_wavelength.wt           1.0 
# 
_diffrn_source.current                     ? 
_diffrn_source.details                     ? 
_diffrn_source.diffrn_id                   1 
_diffrn_source.power                       ? 
_diffrn_source.size                        ? 
_diffrn_source.source                      SYNCHROTRON 
_diffrn_source.target                      ? 
_diffrn_source.type                        'BESSY BEAMLINE 14.1' 
_diffrn_source.voltage                     ? 
_diffrn_source.take-off_angle              ? 
_diffrn_source.pdbx_wavelength_list        0.9184 
_diffrn_source.pdbx_wavelength             ? 
_diffrn_source.pdbx_synchrotron_beamline   14.1 
_diffrn_source.pdbx_synchrotron_site       BESSY 
# 
_reflns.B_iso_Wilson_estimate                          ? 
_reflns.entry_id                                       9F6S 
_reflns.data_reduction_details                         ? 
_reflns.data_reduction_method                          ? 
_reflns.d_resolution_high                              1.0 
_reflns.d_resolution_low                               30.68 
_reflns.details                                        ? 
_reflns.limit_h_max                                    ? 
_reflns.limit_h_min                                    ? 
_reflns.limit_k_max                                    ? 
_reflns.limit_k_min                                    ? 
_reflns.limit_l_max                                    ? 
_reflns.limit_l_min                                    ? 
_reflns.number_all                                     ? 
_reflns.number_obs                                     39979 
_reflns.observed_criterion                             ? 
_reflns.observed_criterion_F_max                       ? 
_reflns.observed_criterion_F_min                       ? 
_reflns.observed_criterion_I_max                       ? 
_reflns.observed_criterion_I_min                       ? 
_reflns.observed_criterion_sigma_F                     ? 
_reflns.observed_criterion_sigma_I                     ? 
_reflns.percent_possible_obs                           98.88 
_reflns.R_free_details                                 ? 
_reflns.Rmerge_F_all                                   ? 
_reflns.Rmerge_F_obs                                   ? 
_reflns.Friedel_coverage                               ? 
_reflns.number_gt                                      ? 
_reflns.threshold_expression                           ? 
_reflns.pdbx_redundancy                                12.0 
_reflns.pdbx_netI_over_av_sigmaI                       ? 
_reflns.pdbx_netI_over_sigmaI                          24.56 
_reflns.pdbx_res_netI_over_av_sigmaI_2                 ? 
_reflns.pdbx_res_netI_over_sigmaI_2                    ? 
_reflns.pdbx_chi_squared                               ? 
_reflns.pdbx_scaling_rejects                           ? 
_reflns.pdbx_d_res_high_opt                            ? 
_reflns.pdbx_d_res_low_opt                             ? 
_reflns.pdbx_d_res_opt_method                          ? 
_reflns.phase_calculation_details                      ? 
_reflns.pdbx_Rrim_I_all                                ? 
_reflns.pdbx_Rpim_I_all                                ? 
_reflns.pdbx_d_opt                                     ? 
_reflns.pdbx_number_measured_all                       ? 
_reflns.pdbx_diffrn_id                                 1 
_reflns.pdbx_ordinal                                   1 
_reflns.pdbx_CC_half                                   1 
_reflns.pdbx_CC_star                                   ? 
_reflns.pdbx_R_split                                   ? 
_reflns.pdbx_Rmerge_I_obs                              0.03947 
_reflns.pdbx_Rmerge_I_all                              ? 
_reflns.pdbx_Rsym_value                                ? 
_reflns.pdbx_CC_split_method                           ? 
_reflns.pdbx_aniso_diffraction_limit_axis_1_ortho[1]   ? 
_reflns.pdbx_aniso_diffraction_limit_axis_1_ortho[2]   ? 
_reflns.pdbx_aniso_diffraction_limit_axis_1_ortho[3]   ? 
_reflns.pdbx_aniso_diffraction_limit_axis_2_ortho[1]   ? 
_reflns.pdbx_aniso_diffraction_limit_axis_2_ortho[2]   ? 
_reflns.pdbx_aniso_diffraction_limit_axis_2_ortho[3]   ? 
_reflns.pdbx_aniso_diffraction_limit_axis_3_ortho[1]   ? 
_reflns.pdbx_aniso_diffraction_limit_axis_3_ortho[2]   ? 
_reflns.pdbx_aniso_diffraction_limit_axis_3_ortho[3]   ? 
_reflns.pdbx_aniso_diffraction_limit_1                 ? 
_reflns.pdbx_aniso_diffraction_limit_2                 ? 
_reflns.pdbx_aniso_diffraction_limit_3                 ? 
_reflns.pdbx_aniso_B_tensor_eigenvector_1_ortho[1]     ? 
_reflns.pdbx_aniso_B_tensor_eigenvector_1_ortho[2]     ? 
_reflns.pdbx_aniso_B_tensor_eigenvector_1_ortho[3]     ? 
_reflns.pdbx_aniso_B_tensor_eigenvector_2_ortho[1]     ? 
_reflns.pdbx_aniso_B_tensor_eigenvector_2_ortho[2]     ? 
_reflns.pdbx_aniso_B_tensor_eigenvector_2_ortho[3]     ? 
_reflns.pdbx_aniso_B_tensor_eigenvector_3_ortho[1]     ? 
_reflns.pdbx_aniso_B_tensor_eigenvector_3_ortho[2]     ? 
_reflns.pdbx_aniso_B_tensor_eigenvector_3_ortho[3]     ? 
_reflns.pdbx_aniso_B_tensor_eigenvalue_1               ? 
_reflns.pdbx_aniso_B_tensor_eigenvalue_2               ? 
_reflns.pdbx_aniso_B_tensor_eigenvalue_3               ? 
_reflns.pdbx_orthogonalization_convention              ? 
_reflns.pdbx_percent_possible_ellipsoidal              ? 
_reflns.pdbx_percent_possible_spherical                ? 
_reflns.pdbx_percent_possible_ellipsoidal_anomalous    ? 
_reflns.pdbx_percent_possible_spherical_anomalous      ? 
_reflns.pdbx_redundancy_anomalous                      ? 
_reflns.pdbx_CC_half_anomalous                         ? 
_reflns.pdbx_absDiff_over_sigma_anomalous              ? 
_reflns.pdbx_percent_possible_anomalous                ? 
_reflns.pdbx_observed_signal_threshold                 ? 
_reflns.pdbx_signal_type                               ? 
_reflns.pdbx_signal_details                            ? 
_reflns.pdbx_signal_software_id                        ? 
# 
_reflns_shell.d_res_high                                    1 
_reflns_shell.d_res_low                                     1.036 
_reflns_shell.meanI_over_sigI_all                           ? 
_reflns_shell.meanI_over_sigI_obs                           0.75 
_reflns_shell.number_measured_all                           ? 
_reflns_shell.number_measured_obs                           ? 
_reflns_shell.number_possible                               ? 
_reflns_shell.number_unique_all                             ? 
_reflns_shell.number_unique_obs                             3611 
_reflns_shell.percent_possible_obs                          ? 
_reflns_shell.Rmerge_F_all                                  ? 
_reflns_shell.Rmerge_F_obs                                  ? 
_reflns_shell.meanI_over_sigI_gt                            ? 
_reflns_shell.meanI_over_uI_all                             ? 
_reflns_shell.meanI_over_uI_gt                              ? 
_reflns_shell.number_measured_gt                            ? 
_reflns_shell.number_unique_gt                              ? 
_reflns_shell.percent_possible_gt                           ? 
_reflns_shell.Rmerge_F_gt                                   ? 
_reflns_shell.Rmerge_I_gt                                   ? 
_reflns_shell.pdbx_redundancy                               ? 
_reflns_shell.pdbx_chi_squared                              ? 
_reflns_shell.pdbx_netI_over_sigmaI_all                     ? 
_reflns_shell.pdbx_netI_over_sigmaI_obs                     ? 
_reflns_shell.pdbx_Rrim_I_all                               ? 
_reflns_shell.pdbx_Rpim_I_all                               ? 
_reflns_shell.pdbx_rejects                                  ? 
_reflns_shell.pdbx_ordinal                                  1 
_reflns_shell.pdbx_diffrn_id                                1 
_reflns_shell.pdbx_CC_half                                  0.466 
_reflns_shell.pdbx_CC_star                                  ? 
_reflns_shell.pdbx_R_split                                  ? 
_reflns_shell.percent_possible_all                          ? 
_reflns_shell.Rmerge_I_all                                  ? 
_reflns_shell.Rmerge_I_obs                                  2.353 
_reflns_shell.pdbx_Rsym_value                               ? 
_reflns_shell.pdbx_percent_possible_ellipsoidal             ? 
_reflns_shell.pdbx_percent_possible_spherical               ? 
_reflns_shell.pdbx_percent_possible_ellipsoidal_anomalous   ? 
_reflns_shell.pdbx_percent_possible_spherical_anomalous     ? 
_reflns_shell.pdbx_redundancy_anomalous                     ? 
_reflns_shell.pdbx_CC_half_anomalous                        ? 
_reflns_shell.pdbx_absDiff_over_sigma_anomalous             ? 
_reflns_shell.pdbx_percent_possible_anomalous               ? 
# 
_refine.aniso_B[1][1]                            ? 
_refine.aniso_B[1][2]                            ? 
_refine.aniso_B[1][3]                            ? 
_refine.aniso_B[2][2]                            ? 
_refine.aniso_B[2][3]                            ? 
_refine.aniso_B[3][3]                            ? 
_refine.B_iso_max                                ? 
_refine.B_iso_mean                               17.58 
_refine.B_iso_min                                ? 
_refine.correlation_coeff_Fo_to_Fc               ? 
_refine.correlation_coeff_Fo_to_Fc_free          ? 
_refine.details                                  ? 
_refine.diff_density_max                         ? 
_refine.diff_density_max_esd                     ? 
_refine.diff_density_min                         ? 
_refine.diff_density_min_esd                     ? 
_refine.diff_density_rms                         ? 
_refine.diff_density_rms_esd                     ? 
_refine.entry_id                                 9F6S 
_refine.pdbx_refine_id                           'X-RAY DIFFRACTION' 
_refine.ls_abs_structure_details                 ? 
_refine.ls_abs_structure_Flack                   ? 
_refine.ls_abs_structure_Flack_esd               ? 
_refine.ls_abs_structure_Rogers                  ? 
_refine.ls_abs_structure_Rogers_esd              ? 
_refine.ls_d_res_high                            1.00 
_refine.ls_d_res_low                             30.68 
_refine.ls_extinction_coef                       ? 
_refine.ls_extinction_coef_esd                   ? 
_refine.ls_extinction_expression                 ? 
_refine.ls_extinction_method                     ? 
_refine.ls_goodness_of_fit_all                   ? 
_refine.ls_goodness_of_fit_all_esd               ? 
_refine.ls_goodness_of_fit_obs                   ? 
_refine.ls_goodness_of_fit_obs_esd               ? 
_refine.ls_hydrogen_treatment                    ? 
_refine.ls_matrix_type                           ? 
_refine.ls_number_constraints                    ? 
_refine.ls_number_parameters                     ? 
_refine.ls_number_reflns_all                     ? 
_refine.ls_number_reflns_obs                     39933 
_refine.ls_number_reflns_R_free                  1106 
_refine.ls_number_reflns_R_work                  38827 
_refine.ls_number_restraints                     ? 
_refine.ls_percent_reflns_obs                    98.88 
_refine.ls_percent_reflns_R_free                 2.77 
_refine.ls_R_factor_all                          ? 
_refine.ls_R_factor_obs                          0.2004 
_refine.ls_R_factor_R_free                       0.2134 
_refine.ls_R_factor_R_free_error                 ? 
_refine.ls_R_factor_R_free_error_details         ? 
_refine.ls_R_factor_R_work                       0.2000 
_refine.ls_R_Fsqd_factor_obs                     ? 
_refine.ls_R_I_factor_obs                        ? 
_refine.ls_redundancy_reflns_all                 ? 
_refine.ls_redundancy_reflns_obs                 ? 
_refine.ls_restrained_S_all                      ? 
_refine.ls_restrained_S_obs                      ? 
_refine.ls_shift_over_esd_max                    ? 
_refine.ls_shift_over_esd_mean                   ? 
_refine.ls_structure_factor_coef                 ? 
_refine.ls_weighting_details                     ? 
_refine.ls_weighting_scheme                      ? 
_refine.ls_wR_factor_all                         ? 
_refine.ls_wR_factor_obs                         ? 
_refine.ls_wR_factor_R_free                      ? 
_refine.ls_wR_factor_R_work                      ? 
_refine.occupancy_max                            ? 
_refine.occupancy_min                            ? 
_refine.solvent_model_details                    'FLAT BULK SOLVENT MODEL' 
_refine.solvent_model_param_bsol                 ? 
_refine.solvent_model_param_ksol                 ? 
_refine.pdbx_R_complete                          ? 
_refine.ls_R_factor_gt                           ? 
_refine.ls_goodness_of_fit_gt                    ? 
_refine.ls_goodness_of_fit_ref                   ? 
_refine.ls_shift_over_su_max                     ? 
_refine.ls_shift_over_su_max_lt                  ? 
_refine.ls_shift_over_su_mean                    ? 
_refine.ls_shift_over_su_mean_lt                 ? 
_refine.pdbx_ls_sigma_I                          ? 
_refine.pdbx_ls_sigma_F                          1.34 
_refine.pdbx_ls_sigma_Fsqd                       ? 
_refine.pdbx_data_cutoff_high_absF               ? 
_refine.pdbx_data_cutoff_high_rms_absF           ? 
_refine.pdbx_data_cutoff_low_absF                ? 
_refine.pdbx_isotropic_thermal_model             ? 
_refine.pdbx_ls_cross_valid_method               'FREE R-VALUE' 
_refine.pdbx_method_to_determine_struct          'MOLECULAR REPLACEMENT' 
_refine.pdbx_starting_model                      ? 
_refine.pdbx_stereochemistry_target_values       'GeoStd + Monomer Library + CDL v1.2' 
_refine.pdbx_R_Free_selection_details            ? 
_refine.pdbx_stereochem_target_val_spec_case     ? 
_refine.pdbx_overall_ESU_R                       ? 
_refine.pdbx_overall_ESU_R_Free                  ? 
_refine.pdbx_solvent_vdw_probe_radii             1.1000 
_refine.pdbx_solvent_ion_probe_radii             ? 
_refine.pdbx_solvent_shrinkage_radii             0.9000 
_refine.pdbx_real_space_R                        ? 
_refine.pdbx_density_correlation                 ? 
_refine.pdbx_pd_number_of_powder_patterns        ? 
_refine.pdbx_pd_number_of_points                 ? 
_refine.pdbx_pd_meas_number_of_points            ? 
_refine.pdbx_pd_proc_ls_prof_R_factor            ? 
_refine.pdbx_pd_proc_ls_prof_wR_factor           ? 
_refine.pdbx_pd_Marquardt_correlation_coeff      ? 
_refine.pdbx_pd_Fsqrd_R_factor                   ? 
_refine.pdbx_pd_ls_matrix_band_width             ? 
_refine.pdbx_overall_phase_error                 27.9411 
_refine.pdbx_overall_SU_R_free_Cruickshank_DPI   ? 
_refine.pdbx_overall_SU_R_free_Blow_DPI          ? 
_refine.pdbx_overall_SU_R_Blow_DPI               ? 
_refine.pdbx_TLS_residual_ADP_flag               ? 
_refine.pdbx_diffrn_id                           1 
_refine.overall_SU_B                             ? 
_refine.overall_SU_ML                            0.1166 
_refine.overall_SU_R_Cruickshank_DPI             ? 
_refine.overall_SU_R_free                        ? 
_refine.overall_FOM_free_R_set                   ? 
_refine.overall_FOM_work_R_set                   ? 
_refine.pdbx_average_fsc_overall                 ? 
_refine.pdbx_average_fsc_work                    ? 
_refine.pdbx_average_fsc_free                    ? 
# 
_refine_hist.pdbx_refine_id                   'X-RAY DIFFRACTION' 
_refine_hist.cycle_id                         LAST 
_refine_hist.details                          ? 
_refine_hist.d_res_high                       1.00 
_refine_hist.d_res_low                        30.68 
_refine_hist.number_atoms_solvent             104 
_refine_hist.number_atoms_total               763 
_refine_hist.number_reflns_all                ? 
_refine_hist.number_reflns_obs                ? 
_refine_hist.number_reflns_R_free             ? 
_refine_hist.number_reflns_R_work             ? 
_refine_hist.R_factor_all                     ? 
_refine_hist.R_factor_obs                     ? 
_refine_hist.R_factor_R_free                  ? 
_refine_hist.R_factor_R_work                  ? 
_refine_hist.pdbx_number_residues_total       ? 
_refine_hist.pdbx_B_iso_mean_ligand           ? 
_refine_hist.pdbx_B_iso_mean_solvent          ? 
_refine_hist.pdbx_number_atoms_protein        659 
_refine_hist.pdbx_number_atoms_nucleic_acid   0 
_refine_hist.pdbx_number_atoms_ligand         0 
_refine_hist.pdbx_number_atoms_lipid          ? 
_refine_hist.pdbx_number_atoms_carb           ? 
_refine_hist.pdbx_pseudo_atom_details         ? 
# 
loop_
_refine_ls_restr.pdbx_refine_id 
_refine_ls_restr.criterion 
_refine_ls_restr.dev_ideal 
_refine_ls_restr.dev_ideal_target 
_refine_ls_restr.number 
_refine_ls_restr.rejects 
_refine_ls_restr.type 
_refine_ls_restr.weight 
_refine_ls_restr.pdbx_restraint_function 
'X-RAY DIFFRACTION' ? 0.0084 ? 715 ? f_bond_d           ? ? 
'X-RAY DIFFRACTION' ? 1.0687 ? 972 ? f_angle_d          ? ? 
'X-RAY DIFFRACTION' ? 0.0802 ? 111 ? f_chiral_restr     ? ? 
'X-RAY DIFFRACTION' ? 0.0093 ? 131 ? f_plane_restr      ? ? 
'X-RAY DIFFRACTION' ? 6.4022 ? 105 ? f_dihedral_angle_d ? ? 
# 
loop_
_refine_ls_shell.pdbx_refine_id 
_refine_ls_shell.d_res_high 
_refine_ls_shell.d_res_low 
_refine_ls_shell.number_reflns_all 
_refine_ls_shell.number_reflns_obs 
_refine_ls_shell.number_reflns_R_free 
_refine_ls_shell.number_reflns_R_work 
_refine_ls_shell.percent_reflns_obs 
_refine_ls_shell.percent_reflns_R_free 
_refine_ls_shell.R_factor_all 
_refine_ls_shell.R_factor_obs 
_refine_ls_shell.R_factor_R_free_error 
_refine_ls_shell.R_factor_R_work 
_refine_ls_shell.redundancy_reflns_all 
_refine_ls_shell.redundancy_reflns_obs 
_refine_ls_shell.wR_factor_all 
_refine_ls_shell.wR_factor_obs 
_refine_ls_shell.wR_factor_R_free 
_refine_ls_shell.wR_factor_R_work 
_refine_ls_shell.pdbx_R_complete 
_refine_ls_shell.pdbx_total_number_of_bins_used 
_refine_ls_shell.pdbx_phase_error 
_refine_ls_shell.pdbx_fsc_work 
_refine_ls_shell.pdbx_fsc_free 
_refine_ls_shell.R_factor_R_free 
'X-RAY DIFFRACTION' 1.00 1.05  . . 126 4416 91.72 . . . . 0.3728 . . . . . . . . . . . 0.3841 
'X-RAY DIFFRACTION' 1.05 1.10  . . 137 4807 99.52 . . . . 0.2907 . . . . . . . . . . . 0.3153 
'X-RAY DIFFRACTION' 1.10 1.17  . . 138 4860 99.98 . . . . 0.2391 . . . . . . . . . . . 0.2655 
'X-RAY DIFFRACTION' 1.17 1.26  . . 140 4891 99.94 . . . . 0.2195 . . . . . . . . . . . 0.2486 
'X-RAY DIFFRACTION' 1.26 1.39  . . 137 4838 99.96 . . . . 0.2130 . . . . . . . . . . . 0.2251 
'X-RAY DIFFRACTION' 1.39 1.59  . . 141 4930 99.96 . . . . 0.1941 . . . . . . . . . . . 0.2221 
'X-RAY DIFFRACTION' 1.59 2.00  . . 140 4938 99.98 . . . . 0.2048 . . . . . . . . . . . 0.2100 
'X-RAY DIFFRACTION' 2.00 30.68 . . 147 5147 99.87 . . . . 0.1812 . . . . . . . . . . . 0.1936 
# 
_struct.entry_id                     9F6S 
_struct.title                        'PDZ domain in complex with the peptide from AP2-associated protein kinase 1' 
_struct.pdbx_model_details           ? 
_struct.pdbx_formula_weight          ? 
_struct.pdbx_formula_weight_method   ? 
_struct.pdbx_model_type_details      ? 
_struct.pdbx_CASP_flag               N 
# 
_struct_keywords.entry_id        9F6S 
_struct_keywords.text            'PDZ; AP2; kinase;, CYTOSOLIC PROTEIN' 
_struct_keywords.pdbx_keywords   'CYTOSOLIC PROTEIN' 
# 
loop_
_struct_asym.id 
_struct_asym.pdbx_blank_PDB_chainid_flag 
_struct_asym.pdbx_modified 
_struct_asym.entity_id 
_struct_asym.details 
A N N 1 ? 
B N N 2 ? 
C N N 3 ? 
D N N 3 ? 
# 
loop_
_struct_ref.id 
_struct_ref.db_name 
_struct_ref.db_code 
_struct_ref.pdbx_db_accession 
_struct_ref.pdbx_db_isoform 
_struct_ref.entity_id 
_struct_ref.pdbx_seq_one_letter_code 
_struct_ref.pdbx_align_begin 
1 UNP PDLI5_HUMAN Q96HC4 ? 1 
;MSNYSVSLVGPAPWGFRLQGGKDFNMPLTISSLKDGGKAAQANVRIGDVVLSIDGINAQGMTHLEAQNKIKGCTGSLNMT
LQRAS
;
1   
2 UNP AAK1_HUMAN  Q2M2I8 ? 2 DQLIDL                                                                                   956 
# 
loop_
_struct_ref_seq.align_id 
_struct_ref_seq.ref_id 
_struct_ref_seq.pdbx_PDB_id_code 
_struct_ref_seq.pdbx_strand_id 
_struct_ref_seq.seq_align_beg 
_struct_ref_seq.pdbx_seq_align_beg_ins_code 
_struct_ref_seq.seq_align_end 
_struct_ref_seq.pdbx_seq_align_end_ins_code 
_struct_ref_seq.pdbx_db_accession 
_struct_ref_seq.db_align_beg 
_struct_ref_seq.pdbx_db_align_beg_ins_code 
_struct_ref_seq.db_align_end 
_struct_ref_seq.pdbx_db_align_end_ins_code 
_struct_ref_seq.pdbx_auth_seq_align_beg 
_struct_ref_seq.pdbx_auth_seq_align_end 
1 1 9F6S A 6 ? 90 ? Q96HC4 1   ? 85  ? 1   85  
2 2 9F6S B 1 ? 6  ? Q2M2I8 956 ? 961 ? 956 961 
# 
loop_
_struct_ref_seq_dif.align_id 
_struct_ref_seq_dif.pdbx_pdb_id_code 
_struct_ref_seq_dif.mon_id 
_struct_ref_seq_dif.pdbx_pdb_strand_id 
_struct_ref_seq_dif.seq_num 
_struct_ref_seq_dif.pdbx_pdb_ins_code 
_struct_ref_seq_dif.pdbx_seq_db_name 
_struct_ref_seq_dif.pdbx_seq_db_accession_code 
_struct_ref_seq_dif.db_mon_id 
_struct_ref_seq_dif.pdbx_seq_db_seq_num 
_struct_ref_seq_dif.details 
_struct_ref_seq_dif.pdbx_auth_seq_num 
_struct_ref_seq_dif.pdbx_ordinal 
1 9F6S GLY A 1 ? UNP Q96HC4 ? ? 'expression tag' -4 1 
1 9F6S PRO A 2 ? UNP Q96HC4 ? ? 'expression tag' -3 2 
1 9F6S LEU A 3 ? UNP Q96HC4 ? ? 'expression tag' -2 3 
1 9F6S GLY A 4 ? UNP Q96HC4 ? ? 'expression tag' -1 4 
1 9F6S SER A 5 ? UNP Q96HC4 ? ? 'expression tag' 0  5 
# 
_pdbx_struct_assembly.id                   1 
_pdbx_struct_assembly.details              author_and_software_defined_assembly 
_pdbx_struct_assembly.method_details       PISA 
_pdbx_struct_assembly.oligomeric_details   dimeric 
_pdbx_struct_assembly.oligomeric_count     2 
# 
loop_
_pdbx_struct_assembly_prop.biol_id 
_pdbx_struct_assembly_prop.type 
_pdbx_struct_assembly_prop.value 
_pdbx_struct_assembly_prop.details 
1 'ABSA (A^2)' 710  ? 
1 MORE         -2   ? 
1 'SSA (A^2)'  5110 ? 
# 
_pdbx_struct_assembly_gen.assembly_id       1 
_pdbx_struct_assembly_gen.oper_expression   1 
_pdbx_struct_assembly_gen.asym_id_list      A,B,C,D 
# 
_pdbx_struct_assembly_auth_evidence.id                     1 
_pdbx_struct_assembly_auth_evidence.assembly_id            1 
_pdbx_struct_assembly_auth_evidence.experimental_support   'gel filtration' 
_pdbx_struct_assembly_auth_evidence.details                ? 
# 
_pdbx_struct_oper_list.id                   1 
_pdbx_struct_oper_list.type                 'identity operation' 
_pdbx_struct_oper_list.name                 1_555 
_pdbx_struct_oper_list.symmetry_operation   x,y,z 
_pdbx_struct_oper_list.matrix[1][1]         1.0000000000 
_pdbx_struct_oper_list.matrix[1][2]         0.0000000000 
_pdbx_struct_oper_list.matrix[1][3]         0.0000000000 
_pdbx_struct_oper_list.vector[1]            0.0000000000 
_pdbx_struct_oper_list.matrix[2][1]         0.0000000000 
_pdbx_struct_oper_list.matrix[2][2]         1.0000000000 
_pdbx_struct_oper_list.matrix[2][3]         0.0000000000 
_pdbx_struct_oper_list.vector[2]            0.0000000000 
_pdbx_struct_oper_list.matrix[3][1]         0.0000000000 
_pdbx_struct_oper_list.matrix[3][2]         0.0000000000 
_pdbx_struct_oper_list.matrix[3][3]         1.0000000000 
_pdbx_struct_oper_list.vector[3]            0.0000000000 
# 
loop_
_struct_conf.conf_type_id 
_struct_conf.id 
_struct_conf.pdbx_PDB_helix_id 
_struct_conf.beg_label_comp_id 
_struct_conf.beg_label_asym_id 
_struct_conf.beg_label_seq_id 
_struct_conf.pdbx_beg_PDB_ins_code 
_struct_conf.end_label_comp_id 
_struct_conf.end_label_asym_id 
_struct_conf.end_label_seq_id 
_struct_conf.pdbx_end_PDB_ins_code 
_struct_conf.beg_auth_comp_id 
_struct_conf.beg_auth_asym_id 
_struct_conf.beg_auth_seq_id 
_struct_conf.end_auth_comp_id 
_struct_conf.end_auth_asym_id 
_struct_conf.end_auth_seq_id 
_struct_conf.pdbx_PDB_helix_class 
_struct_conf.details 
_struct_conf.pdbx_PDB_helix_length 
HELX_P HELX_P1 AA1 LYS A 27 ? ASN A 30 ? LYS A 22 ASN A 25 5 ? 4  
HELX_P HELX_P2 AA2 GLY A 42 ? ALA A 47 ? GLY A 37 ALA A 42 1 ? 6  
HELX_P HELX_P3 AA3 THR A 67 ? GLY A 77 ? THR A 62 GLY A 72 1 ? 11 
# 
_struct_conf_type.id          HELX_P 
_struct_conf_type.criteria    ? 
_struct_conf_type.reference   ? 
# 
loop_
_struct_mon_prot_cis.pdbx_id 
_struct_mon_prot_cis.label_comp_id 
_struct_mon_prot_cis.label_seq_id 
_struct_mon_prot_cis.label_asym_id 
_struct_mon_prot_cis.label_alt_id 
_struct_mon_prot_cis.pdbx_PDB_ins_code 
_struct_mon_prot_cis.auth_comp_id 
_struct_mon_prot_cis.auth_seq_id 
_struct_mon_prot_cis.auth_asym_id 
_struct_mon_prot_cis.pdbx_label_comp_id_2 
_struct_mon_prot_cis.pdbx_label_seq_id_2 
_struct_mon_prot_cis.pdbx_label_asym_id_2 
_struct_mon_prot_cis.pdbx_PDB_ins_code_2 
_struct_mon_prot_cis.pdbx_auth_comp_id_2 
_struct_mon_prot_cis.pdbx_auth_seq_id_2 
_struct_mon_prot_cis.pdbx_auth_asym_id_2 
_struct_mon_prot_cis.pdbx_PDB_model_num 
_struct_mon_prot_cis.pdbx_omega_angle 
1 GLY 15 A . ? GLY 10 A PRO 16 A ? PRO 11 A 1 7.16 
2 ALA 17 A . ? ALA 12 A PRO 18 A ? PRO 13 A 1 5.82 
# 
loop_
_struct_sheet.id 
_struct_sheet.type 
_struct_sheet.number_strands 
_struct_sheet.details 
AA1 ? 4 ? 
AA2 ? 2 ? 
# 
loop_
_struct_sheet_order.sheet_id 
_struct_sheet_order.range_id_1 
_struct_sheet_order.range_id_2 
_struct_sheet_order.offset 
_struct_sheet_order.sense 
AA1 1 2 ? anti-parallel 
AA1 2 3 ? anti-parallel 
AA1 3 4 ? anti-parallel 
AA2 1 2 ? anti-parallel 
# 
loop_
_struct_sheet_range.sheet_id 
_struct_sheet_range.id 
_struct_sheet_range.beg_label_comp_id 
_struct_sheet_range.beg_label_asym_id 
_struct_sheet_range.beg_label_seq_id 
_struct_sheet_range.pdbx_beg_PDB_ins_code 
_struct_sheet_range.end_label_comp_id 
_struct_sheet_range.end_label_asym_id 
_struct_sheet_range.end_label_seq_id 
_struct_sheet_range.pdbx_end_PDB_ins_code 
_struct_sheet_range.beg_auth_comp_id 
_struct_sheet_range.beg_auth_asym_id 
_struct_sheet_range.beg_auth_seq_id 
_struct_sheet_range.end_auth_comp_id 
_struct_sheet_range.end_auth_asym_id 
_struct_sheet_range.end_auth_seq_id 
AA1 1 ASN A 8  ? LEU A 13 ? ASN A 3  LEU A 8  
AA1 2 LEU A 82 ? GLN A 87 ? LEU A 77 GLN A 82 
AA1 3 VAL A 54 ? ILE A 58 ? VAL A 49 ILE A 53 
AA1 4 ILE A 61 ? ASN A 62 ? ILE A 56 ASN A 57 
AA2 1 PHE A 21 ? GLY A 26 ? PHE A 16 GLY A 21 
AA2 2 MET A 31 ? LEU A 38 ? MET A 26 LEU A 33 
# 
loop_
_pdbx_struct_sheet_hbond.sheet_id 
_pdbx_struct_sheet_hbond.range_id_1 
_pdbx_struct_sheet_hbond.range_id_2 
_pdbx_struct_sheet_hbond.range_1_label_atom_id 
_pdbx_struct_sheet_hbond.range_1_label_comp_id 
_pdbx_struct_sheet_hbond.range_1_label_asym_id 
_pdbx_struct_sheet_hbond.range_1_label_seq_id 
_pdbx_struct_sheet_hbond.range_1_PDB_ins_code 
_pdbx_struct_sheet_hbond.range_1_auth_atom_id 
_pdbx_struct_sheet_hbond.range_1_auth_comp_id 
_pdbx_struct_sheet_hbond.range_1_auth_asym_id 
_pdbx_struct_sheet_hbond.range_1_auth_seq_id 
_pdbx_struct_sheet_hbond.range_2_label_atom_id 
_pdbx_struct_sheet_hbond.range_2_label_comp_id 
_pdbx_struct_sheet_hbond.range_2_label_asym_id 
_pdbx_struct_sheet_hbond.range_2_label_seq_id 
_pdbx_struct_sheet_hbond.range_2_PDB_ins_code 
_pdbx_struct_sheet_hbond.range_2_auth_atom_id 
_pdbx_struct_sheet_hbond.range_2_auth_comp_id 
_pdbx_struct_sheet_hbond.range_2_auth_asym_id 
_pdbx_struct_sheet_hbond.range_2_auth_seq_id 
AA1 1 2 N TYR A 9  ? N TYR A 4  O LEU A 86 ? O LEU A 81 
AA1 2 3 O THR A 85 ? O THR A 80 N LEU A 56 ? N LEU A 51 
AA1 3 4 N ILE A 58 ? N ILE A 53 O ILE A 61 ? O ILE A 56 
AA2 1 2 N GLY A 26 ? N GLY A 21 O MET A 31 ? O MET A 26 
# 
_pdbx_entry_details.entry_id                   9F6S 
_pdbx_entry_details.compound_details           ? 
_pdbx_entry_details.source_details             ? 
_pdbx_entry_details.nonpolymer_details         ? 
_pdbx_entry_details.sequence_details           ? 
_pdbx_entry_details.has_ligand_of_interest     ? 
_pdbx_entry_details.has_protein_modification   N 
# 
loop_
_pdbx_validate_close_contact.id 
_pdbx_validate_close_contact.PDB_model_num 
_pdbx_validate_close_contact.auth_atom_id_1 
_pdbx_validate_close_contact.auth_asym_id_1 
_pdbx_validate_close_contact.auth_comp_id_1 
_pdbx_validate_close_contact.auth_seq_id_1 
_pdbx_validate_close_contact.PDB_ins_code_1 
_pdbx_validate_close_contact.label_alt_id_1 
_pdbx_validate_close_contact.auth_atom_id_2 
_pdbx_validate_close_contact.auth_asym_id_2 
_pdbx_validate_close_contact.auth_comp_id_2 
_pdbx_validate_close_contact.auth_seq_id_2 
_pdbx_validate_close_contact.PDB_ins_code_2 
_pdbx_validate_close_contact.label_alt_id_2 
_pdbx_validate_close_contact.dist 
1 1 N A MET 1 ? ? O A HOH 101 ? ? 1.89 
2 1 N A MET 1 ? ? O A HOH 102 ? ? 2.09 
# 
_pdbx_validate_symm_contact.id                1 
_pdbx_validate_symm_contact.PDB_model_num     1 
_pdbx_validate_symm_contact.auth_atom_id_1    O 
_pdbx_validate_symm_contact.auth_asym_id_1    A 
_pdbx_validate_symm_contact.auth_comp_id_1    HOH 
_pdbx_validate_symm_contact.auth_seq_id_1     127 
_pdbx_validate_symm_contact.PDB_ins_code_1    ? 
_pdbx_validate_symm_contact.label_alt_id_1    ? 
_pdbx_validate_symm_contact.site_symmetry_1   1_555 
_pdbx_validate_symm_contact.auth_atom_id_2    O 
_pdbx_validate_symm_contact.auth_asym_id_2    A 
_pdbx_validate_symm_contact.auth_comp_id_2    HOH 
_pdbx_validate_symm_contact.auth_seq_id_2     179 
_pdbx_validate_symm_contact.PDB_ins_code_2    ? 
_pdbx_validate_symm_contact.label_alt_id_2    ? 
_pdbx_validate_symm_contact.site_symmetry_2   2_555 
_pdbx_validate_symm_contact.dist              2.19 
# 
loop_
_space_group_symop.id 
_space_group_symop.operation_xyz 
1 x,y,z           
2 x+1/2,-y+1/2,-z 
3 -x,y+1/2,-z+1/2 
4 -x+1/2,-y,z+1/2 
# 
loop_
_pdbx_unobs_or_zero_occ_residues.id 
_pdbx_unobs_or_zero_occ_residues.PDB_model_num 
_pdbx_unobs_or_zero_occ_residues.polymer_flag 
_pdbx_unobs_or_zero_occ_residues.occupancy_flag 
_pdbx_unobs_or_zero_occ_residues.auth_asym_id 
_pdbx_unobs_or_zero_occ_residues.auth_comp_id 
_pdbx_unobs_or_zero_occ_residues.auth_seq_id 
_pdbx_unobs_or_zero_occ_residues.PDB_ins_code 
_pdbx_unobs_or_zero_occ_residues.label_asym_id 
_pdbx_unobs_or_zero_occ_residues.label_comp_id 
_pdbx_unobs_or_zero_occ_residues.label_seq_id 
1 1 Y 1 A GLY -4 ? A GLY 1  
2 1 Y 1 A PRO -3 ? A PRO 2  
3 1 Y 1 A LEU -2 ? A LEU 3  
4 1 Y 1 A GLY -1 ? A GLY 4  
5 1 Y 1 A SER 0  ? A SER 5  
6 1 Y 1 A SER 85 ? A SER 90 
# 
loop_
_chem_comp_atom.comp_id 
_chem_comp_atom.atom_id 
_chem_comp_atom.type_symbol 
_chem_comp_atom.pdbx_aromatic_flag 
_chem_comp_atom.pdbx_stereo_config 
_chem_comp_atom.pdbx_ordinal 
ALA N    N N N 1   
ALA CA   C N S 2   
ALA C    C N N 3   
ALA O    O N N 4   
ALA CB   C N N 5   
ALA OXT  O N N 6   
ALA H    H N N 7   
ALA H2   H N N 8   
ALA HA   H N N 9   
ALA HB1  H N N 10  
ALA HB2  H N N 11  
ALA HB3  H N N 12  
ALA HXT  H N N 13  
ARG N    N N N 14  
ARG CA   C N S 15  
ARG C    C N N 16  
ARG O    O N N 17  
ARG CB   C N N 18  
ARG CG   C N N 19  
ARG CD   C N N 20  
ARG NE   N N N 21  
ARG CZ   C N N 22  
ARG NH1  N N N 23  
ARG NH2  N N N 24  
ARG OXT  O N N 25  
ARG H    H N N 26  
ARG H2   H N N 27  
ARG HA   H N N 28  
ARG HB2  H N N 29  
ARG HB3  H N N 30  
ARG HG2  H N N 31  
ARG HG3  H N N 32  
ARG HD2  H N N 33  
ARG HD3  H N N 34  
ARG HE   H N N 35  
ARG HH11 H N N 36  
ARG HH12 H N N 37  
ARG HH21 H N N 38  
ARG HH22 H N N 39  
ARG HXT  H N N 40  
ASN N    N N N 41  
ASN CA   C N S 42  
ASN C    C N N 43  
ASN O    O N N 44  
ASN CB   C N N 45  
ASN CG   C N N 46  
ASN OD1  O N N 47  
ASN ND2  N N N 48  
ASN OXT  O N N 49  
ASN H    H N N 50  
ASN H2   H N N 51  
ASN HA   H N N 52  
ASN HB2  H N N 53  
ASN HB3  H N N 54  
ASN HD21 H N N 55  
ASN HD22 H N N 56  
ASN HXT  H N N 57  
ASP N    N N N 58  
ASP CA   C N S 59  
ASP C    C N N 60  
ASP O    O N N 61  
ASP CB   C N N 62  
ASP CG   C N N 63  
ASP OD1  O N N 64  
ASP OD2  O N N 65  
ASP OXT  O N N 66  
ASP H    H N N 67  
ASP H2   H N N 68  
ASP HA   H N N 69  
ASP HB2  H N N 70  
ASP HB3  H N N 71  
ASP HD2  H N N 72  
ASP HXT  H N N 73  
CYS N    N N N 74  
CYS CA   C N R 75  
CYS C    C N N 76  
CYS O    O N N 77  
CYS CB   C N N 78  
CYS SG   S N N 79  
CYS OXT  O N N 80  
CYS H    H N N 81  
CYS H2   H N N 82  
CYS HA   H N N 83  
CYS HB2  H N N 84  
CYS HB3  H N N 85  
CYS HG   H N N 86  
CYS HXT  H N N 87  
GLN N    N N N 88  
GLN CA   C N S 89  
GLN C    C N N 90  
GLN O    O N N 91  
GLN CB   C N N 92  
GLN CG   C N N 93  
GLN CD   C N N 94  
GLN OE1  O N N 95  
GLN NE2  N N N 96  
GLN OXT  O N N 97  
GLN H    H N N 98  
GLN H2   H N N 99  
GLN HA   H N N 100 
GLN HB2  H N N 101 
GLN HB3  H N N 102 
GLN HG2  H N N 103 
GLN HG3  H N N 104 
GLN HE21 H N N 105 
GLN HE22 H N N 106 
GLN HXT  H N N 107 
GLU N    N N N 108 
GLU CA   C N S 109 
GLU C    C N N 110 
GLU O    O N N 111 
GLU CB   C N N 112 
GLU CG   C N N 113 
GLU CD   C N N 114 
GLU OE1  O N N 115 
GLU OE2  O N N 116 
GLU OXT  O N N 117 
GLU H    H N N 118 
GLU H2   H N N 119 
GLU HA   H N N 120 
GLU HB2  H N N 121 
GLU HB3  H N N 122 
GLU HG2  H N N 123 
GLU HG3  H N N 124 
GLU HE2  H N N 125 
GLU HXT  H N N 126 
GLY N    N N N 127 
GLY CA   C N N 128 
GLY C    C N N 129 
GLY O    O N N 130 
GLY OXT  O N N 131 
GLY H    H N N 132 
GLY H2   H N N 133 
GLY HA2  H N N 134 
GLY HA3  H N N 135 
GLY HXT  H N N 136 
HIS N    N N N 137 
HIS CA   C N S 138 
HIS C    C N N 139 
HIS O    O N N 140 
HIS CB   C N N 141 
HIS CG   C Y N 142 
HIS ND1  N Y N 143 
HIS CD2  C Y N 144 
HIS CE1  C Y N 145 
HIS NE2  N Y N 146 
HIS OXT  O N N 147 
HIS H    H N N 148 
HIS H2   H N N 149 
HIS HA   H N N 150 
HIS HB2  H N N 151 
HIS HB3  H N N 152 
HIS HD1  H N N 153 
HIS HD2  H N N 154 
HIS HE1  H N N 155 
HIS HE2  H N N 156 
HIS HXT  H N N 157 
HOH O    O N N 158 
HOH H1   H N N 159 
HOH H2   H N N 160 
ILE N    N N N 161 
ILE CA   C N S 162 
ILE C    C N N 163 
ILE O    O N N 164 
ILE CB   C N S 165 
ILE CG1  C N N 166 
ILE CG2  C N N 167 
ILE CD1  C N N 168 
ILE OXT  O N N 169 
ILE H    H N N 170 
ILE H2   H N N 171 
ILE HA   H N N 172 
ILE HB   H N N 173 
ILE HG12 H N N 174 
ILE HG13 H N N 175 
ILE HG21 H N N 176 
ILE HG22 H N N 177 
ILE HG23 H N N 178 
ILE HD11 H N N 179 
ILE HD12 H N N 180 
ILE HD13 H N N 181 
ILE HXT  H N N 182 
LEU N    N N N 183 
LEU CA   C N S 184 
LEU C    C N N 185 
LEU O    O N N 186 
LEU CB   C N N 187 
LEU CG   C N N 188 
LEU CD1  C N N 189 
LEU CD2  C N N 190 
LEU OXT  O N N 191 
LEU H    H N N 192 
LEU H2   H N N 193 
LEU HA   H N N 194 
LEU HB2  H N N 195 
LEU HB3  H N N 196 
LEU HG   H N N 197 
LEU HD11 H N N 198 
LEU HD12 H N N 199 
LEU HD13 H N N 200 
LEU HD21 H N N 201 
LEU HD22 H N N 202 
LEU HD23 H N N 203 
LEU HXT  H N N 204 
LYS N    N N N 205 
LYS CA   C N S 206 
LYS C    C N N 207 
LYS O    O N N 208 
LYS CB   C N N 209 
LYS CG   C N N 210 
LYS CD   C N N 211 
LYS CE   C N N 212 
LYS NZ   N N N 213 
LYS OXT  O N N 214 
LYS H    H N N 215 
LYS H2   H N N 216 
LYS HA   H N N 217 
LYS HB2  H N N 218 
LYS HB3  H N N 219 
LYS HG2  H N N 220 
LYS HG3  H N N 221 
LYS HD2  H N N 222 
LYS HD3  H N N 223 
LYS HE2  H N N 224 
LYS HE3  H N N 225 
LYS HZ1  H N N 226 
LYS HZ2  H N N 227 
LYS HZ3  H N N 228 
LYS HXT  H N N 229 
MET N    N N N 230 
MET CA   C N S 231 
MET C    C N N 232 
MET O    O N N 233 
MET CB   C N N 234 
MET CG   C N N 235 
MET SD   S N N 236 
MET CE   C N N 237 
MET OXT  O N N 238 
MET H    H N N 239 
MET H2   H N N 240 
MET HA   H N N 241 
MET HB2  H N N 242 
MET HB3  H N N 243 
MET HG2  H N N 244 
MET HG3  H N N 245 
MET HE1  H N N 246 
MET HE2  H N N 247 
MET HE3  H N N 248 
MET HXT  H N N 249 
PHE N    N N N 250 
PHE CA   C N S 251 
PHE C    C N N 252 
PHE O    O N N 253 
PHE CB   C N N 254 
PHE CG   C Y N 255 
PHE CD1  C Y N 256 
PHE CD2  C Y N 257 
PHE CE1  C Y N 258 
PHE CE2  C Y N 259 
PHE CZ   C Y N 260 
PHE OXT  O N N 261 
PHE H    H N N 262 
PHE H2   H N N 263 
PHE HA   H N N 264 
PHE HB2  H N N 265 
PHE HB3  H N N 266 
PHE HD1  H N N 267 
PHE HD2  H N N 268 
PHE HE1  H N N 269 
PHE HE2  H N N 270 
PHE HZ   H N N 271 
PHE HXT  H N N 272 
PRO N    N N N 273 
PRO CA   C N S 274 
PRO C    C N N 275 
PRO O    O N N 276 
PRO CB   C N N 277 
PRO CG   C N N 278 
PRO CD   C N N 279 
PRO OXT  O N N 280 
PRO H    H N N 281 
PRO HA   H N N 282 
PRO HB2  H N N 283 
PRO HB3  H N N 284 
PRO HG2  H N N 285 
PRO HG3  H N N 286 
PRO HD2  H N N 287 
PRO HD3  H N N 288 
PRO HXT  H N N 289 
SER N    N N N 290 
SER CA   C N S 291 
SER C    C N N 292 
SER O    O N N 293 
SER CB   C N N 294 
SER OG   O N N 295 
SER OXT  O N N 296 
SER H    H N N 297 
SER H2   H N N 298 
SER HA   H N N 299 
SER HB2  H N N 300 
SER HB3  H N N 301 
SER HG   H N N 302 
SER HXT  H N N 303 
THR N    N N N 304 
THR CA   C N S 305 
THR C    C N N 306 
THR O    O N N 307 
THR CB   C N R 308 
THR OG1  O N N 309 
THR CG2  C N N 310 
THR OXT  O N N 311 
THR H    H N N 312 
THR H2   H N N 313 
THR HA   H N N 314 
THR HB   H N N 315 
THR HG1  H N N 316 
THR HG21 H N N 317 
THR HG22 H N N 318 
THR HG23 H N N 319 
THR HXT  H N N 320 
TRP N    N N N 321 
TRP CA   C N S 322 
TRP C    C N N 323 
TRP O    O N N 324 
TRP CB   C N N 325 
TRP CG   C Y N 326 
TRP CD1  C Y N 327 
TRP CD2  C Y N 328 
TRP NE1  N Y N 329 
TRP CE2  C Y N 330 
TRP CE3  C Y N 331 
TRP CZ2  C Y N 332 
TRP CZ3  C Y N 333 
TRP CH2  C Y N 334 
TRP OXT  O N N 335 
TRP H    H N N 336 
TRP H2   H N N 337 
TRP HA   H N N 338 
TRP HB2  H N N 339 
TRP HB3  H N N 340 
TRP HD1  H N N 341 
TRP HE1  H N N 342 
TRP HE3  H N N 343 
TRP HZ2  H N N 344 
TRP HZ3  H N N 345 
TRP HH2  H N N 346 
TRP HXT  H N N 347 
TYR N    N N N 348 
TYR CA   C N S 349 
TYR C    C N N 350 
TYR O    O N N 351 
TYR CB   C N N 352 
TYR CG   C Y N 353 
TYR CD1  C Y N 354 
TYR CD2  C Y N 355 
TYR CE1  C Y N 356 
TYR CE2  C Y N 357 
TYR CZ   C Y N 358 
TYR OH   O N N 359 
TYR OXT  O N N 360 
TYR H    H N N 361 
TYR H2   H N N 362 
TYR HA   H N N 363 
TYR HB2  H N N 364 
TYR HB3  H N N 365 
TYR HD1  H N N 366 
TYR HD2  H N N 367 
TYR HE1  H N N 368 
TYR HE2  H N N 369 
TYR HH   H N N 370 
TYR HXT  H N N 371 
VAL N    N N N 372 
VAL CA   C N S 373 
VAL C    C N N 374 
VAL O    O N N 375 
VAL CB   C N N 376 
VAL CG1  C N N 377 
VAL CG2  C N N 378 
VAL OXT  O N N 379 
VAL H    H N N 380 
VAL H2   H N N 381 
VAL HA   H N N 382 
VAL HB   H N N 383 
VAL HG11 H N N 384 
VAL HG12 H N N 385 
VAL HG13 H N N 386 
VAL HG21 H N N 387 
VAL HG22 H N N 388 
VAL HG23 H N N 389 
VAL HXT  H N N 390 
# 
loop_
_chem_comp_bond.comp_id 
_chem_comp_bond.atom_id_1 
_chem_comp_bond.atom_id_2 
_chem_comp_bond.value_order 
_chem_comp_bond.pdbx_aromatic_flag 
_chem_comp_bond.pdbx_stereo_config 
_chem_comp_bond.pdbx_ordinal 
ALA N   CA   sing N N 1   
ALA N   H    sing N N 2   
ALA N   H2   sing N N 3   
ALA CA  C    sing N N 4   
ALA CA  CB   sing N N 5   
ALA CA  HA   sing N N 6   
ALA C   O    doub N N 7   
ALA C   OXT  sing N N 8   
ALA CB  HB1  sing N N 9   
ALA CB  HB2  sing N N 10  
ALA CB  HB3  sing N N 11  
ALA OXT HXT  sing N N 12  
ARG N   CA   sing N N 13  
ARG N   H    sing N N 14  
ARG N   H2   sing N N 15  
ARG CA  C    sing N N 16  
ARG CA  CB   sing N N 17  
ARG CA  HA   sing N N 18  
ARG C   O    doub N N 19  
ARG C   OXT  sing N N 20  
ARG CB  CG   sing N N 21  
ARG CB  HB2  sing N N 22  
ARG CB  HB3  sing N N 23  
ARG CG  CD   sing N N 24  
ARG CG  HG2  sing N N 25  
ARG CG  HG3  sing N N 26  
ARG CD  NE   sing N N 27  
ARG CD  HD2  sing N N 28  
ARG CD  HD3  sing N N 29  
ARG NE  CZ   sing N N 30  
ARG NE  HE   sing N N 31  
ARG CZ  NH1  sing N N 32  
ARG CZ  NH2  doub N N 33  
ARG NH1 HH11 sing N N 34  
ARG NH1 HH12 sing N N 35  
ARG NH2 HH21 sing N N 36  
ARG NH2 HH22 sing N N 37  
ARG OXT HXT  sing N N 38  
ASN N   CA   sing N N 39  
ASN N   H    sing N N 40  
ASN N   H2   sing N N 41  
ASN CA  C    sing N N 42  
ASN CA  CB   sing N N 43  
ASN CA  HA   sing N N 44  
ASN C   O    doub N N 45  
ASN C   OXT  sing N N 46  
ASN CB  CG   sing N N 47  
ASN CB  HB2  sing N N 48  
ASN CB  HB3  sing N N 49  
ASN CG  OD1  doub N N 50  
ASN CG  ND2  sing N N 51  
ASN ND2 HD21 sing N N 52  
ASN ND2 HD22 sing N N 53  
ASN OXT HXT  sing N N 54  
ASP N   CA   sing N N 55  
ASP N   H    sing N N 56  
ASP N   H2   sing N N 57  
ASP CA  C    sing N N 58  
ASP CA  CB   sing N N 59  
ASP CA  HA   sing N N 60  
ASP C   O    doub N N 61  
ASP C   OXT  sing N N 62  
ASP CB  CG   sing N N 63  
ASP CB  HB2  sing N N 64  
ASP CB  HB3  sing N N 65  
ASP CG  OD1  doub N N 66  
ASP CG  OD2  sing N N 67  
ASP OD2 HD2  sing N N 68  
ASP OXT HXT  sing N N 69  
CYS N   CA   sing N N 70  
CYS N   H    sing N N 71  
CYS N   H2   sing N N 72  
CYS CA  C    sing N N 73  
CYS CA  CB   sing N N 74  
CYS CA  HA   sing N N 75  
CYS C   O    doub N N 76  
CYS C   OXT  sing N N 77  
CYS CB  SG   sing N N 78  
CYS CB  HB2  sing N N 79  
CYS CB  HB3  sing N N 80  
CYS SG  HG   sing N N 81  
CYS OXT HXT  sing N N 82  
GLN N   CA   sing N N 83  
GLN N   H    sing N N 84  
GLN N   H2   sing N N 85  
GLN CA  C    sing N N 86  
GLN CA  CB   sing N N 87  
GLN CA  HA   sing N N 88  
GLN C   O    doub N N 89  
GLN C   OXT  sing N N 90  
GLN CB  CG   sing N N 91  
GLN CB  HB2  sing N N 92  
GLN CB  HB3  sing N N 93  
GLN CG  CD   sing N N 94  
GLN CG  HG2  sing N N 95  
GLN CG  HG3  sing N N 96  
GLN CD  OE1  doub N N 97  
GLN CD  NE2  sing N N 98  
GLN NE2 HE21 sing N N 99  
GLN NE2 HE22 sing N N 100 
GLN OXT HXT  sing N N 101 
GLU N   CA   sing N N 102 
GLU N   H    sing N N 103 
GLU N   H2   sing N N 104 
GLU CA  C    sing N N 105 
GLU CA  CB   sing N N 106 
GLU CA  HA   sing N N 107 
GLU C   O    doub N N 108 
GLU C   OXT  sing N N 109 
GLU CB  CG   sing N N 110 
GLU CB  HB2  sing N N 111 
GLU CB  HB3  sing N N 112 
GLU CG  CD   sing N N 113 
GLU CG  HG2  sing N N 114 
GLU CG  HG3  sing N N 115 
GLU CD  OE1  doub N N 116 
GLU CD  OE2  sing N N 117 
GLU OE2 HE2  sing N N 118 
GLU OXT HXT  sing N N 119 
GLY N   CA   sing N N 120 
GLY N   H    sing N N 121 
GLY N   H2   sing N N 122 
GLY CA  C    sing N N 123 
GLY CA  HA2  sing N N 124 
GLY CA  HA3  sing N N 125 
GLY C   O    doub N N 126 
GLY C   OXT  sing N N 127 
GLY OXT HXT  sing N N 128 
HIS N   CA   sing N N 129 
HIS N   H    sing N N 130 
HIS N   H2   sing N N 131 
HIS CA  C    sing N N 132 
HIS CA  CB   sing N N 133 
HIS CA  HA   sing N N 134 
HIS C   O    doub N N 135 
HIS C   OXT  sing N N 136 
HIS CB  CG   sing N N 137 
HIS CB  HB2  sing N N 138 
HIS CB  HB3  sing N N 139 
HIS CG  ND1  sing Y N 140 
HIS CG  CD2  doub Y N 141 
HIS ND1 CE1  doub Y N 142 
HIS ND1 HD1  sing N N 143 
HIS CD2 NE2  sing Y N 144 
HIS CD2 HD2  sing N N 145 
HIS CE1 NE2  sing Y N 146 
HIS CE1 HE1  sing N N 147 
HIS NE2 HE2  sing N N 148 
HIS OXT HXT  sing N N 149 
HOH O   H1   sing N N 150 
HOH O   H2   sing N N 151 
ILE N   CA   sing N N 152 
ILE N   H    sing N N 153 
ILE N   H2   sing N N 154 
ILE CA  C    sing N N 155 
ILE CA  CB   sing N N 156 
ILE CA  HA   sing N N 157 
ILE C   O    doub N N 158 
ILE C   OXT  sing N N 159 
ILE CB  CG1  sing N N 160 
ILE CB  CG2  sing N N 161 
ILE CB  HB   sing N N 162 
ILE CG1 CD1  sing N N 163 
ILE CG1 HG12 sing N N 164 
ILE CG1 HG13 sing N N 165 
ILE CG2 HG21 sing N N 166 
ILE CG2 HG22 sing N N 167 
ILE CG2 HG23 sing N N 168 
ILE CD1 HD11 sing N N 169 
ILE CD1 HD12 sing N N 170 
ILE CD1 HD13 sing N N 171 
ILE OXT HXT  sing N N 172 
LEU N   CA   sing N N 173 
LEU N   H    sing N N 174 
LEU N   H2   sing N N 175 
LEU CA  C    sing N N 176 
LEU CA  CB   sing N N 177 
LEU CA  HA   sing N N 178 
LEU C   O    doub N N 179 
LEU C   OXT  sing N N 180 
LEU CB  CG   sing N N 181 
LEU CB  HB2  sing N N 182 
LEU CB  HB3  sing N N 183 
LEU CG  CD1  sing N N 184 
LEU CG  CD2  sing N N 185 
LEU CG  HG   sing N N 186 
LEU CD1 HD11 sing N N 187 
LEU CD1 HD12 sing N N 188 
LEU CD1 HD13 sing N N 189 
LEU CD2 HD21 sing N N 190 
LEU CD2 HD22 sing N N 191 
LEU CD2 HD23 sing N N 192 
LEU OXT HXT  sing N N 193 
LYS N   CA   sing N N 194 
LYS N   H    sing N N 195 
LYS N   H2   sing N N 196 
LYS CA  C    sing N N 197 
LYS CA  CB   sing N N 198 
LYS CA  HA   sing N N 199 
LYS C   O    doub N N 200 
LYS C   OXT  sing N N 201 
LYS CB  CG   sing N N 202 
LYS CB  HB2  sing N N 203 
LYS CB  HB3  sing N N 204 
LYS CG  CD   sing N N 205 
LYS CG  HG2  sing N N 206 
LYS CG  HG3  sing N N 207 
LYS CD  CE   sing N N 208 
LYS CD  HD2  sing N N 209 
LYS CD  HD3  sing N N 210 
LYS CE  NZ   sing N N 211 
LYS CE  HE2  sing N N 212 
LYS CE  HE3  sing N N 213 
LYS NZ  HZ1  sing N N 214 
LYS NZ  HZ2  sing N N 215 
LYS NZ  HZ3  sing N N 216 
LYS OXT HXT  sing N N 217 
MET N   CA   sing N N 218 
MET N   H    sing N N 219 
MET N   H2   sing N N 220 
MET CA  C    sing N N 221 
MET CA  CB   sing N N 222 
MET CA  HA   sing N N 223 
MET C   O    doub N N 224 
MET C   OXT  sing N N 225 
MET CB  CG   sing N N 226 
MET CB  HB2  sing N N 227 
MET CB  HB3  sing N N 228 
MET CG  SD   sing N N 229 
MET CG  HG2  sing N N 230 
MET CG  HG3  sing N N 231 
MET SD  CE   sing N N 232 
MET CE  HE1  sing N N 233 
MET CE  HE2  sing N N 234 
MET CE  HE3  sing N N 235 
MET OXT HXT  sing N N 236 
PHE N   CA   sing N N 237 
PHE N   H    sing N N 238 
PHE N   H2   sing N N 239 
PHE CA  C    sing N N 240 
PHE CA  CB   sing N N 241 
PHE CA  HA   sing N N 242 
PHE C   O    doub N N 243 
PHE C   OXT  sing N N 244 
PHE CB  CG   sing N N 245 
PHE CB  HB2  sing N N 246 
PHE CB  HB3  sing N N 247 
PHE CG  CD1  doub Y N 248 
PHE CG  CD2  sing Y N 249 
PHE CD1 CE1  sing Y N 250 
PHE CD1 HD1  sing N N 251 
PHE CD2 CE2  doub Y N 252 
PHE CD2 HD2  sing N N 253 
PHE CE1 CZ   doub Y N 254 
PHE CE1 HE1  sing N N 255 
PHE CE2 CZ   sing Y N 256 
PHE CE2 HE2  sing N N 257 
PHE CZ  HZ   sing N N 258 
PHE OXT HXT  sing N N 259 
PRO N   CA   sing N N 260 
PRO N   CD   sing N N 261 
PRO N   H    sing N N 262 
PRO CA  C    sing N N 263 
PRO CA  CB   sing N N 264 
PRO CA  HA   sing N N 265 
PRO C   O    doub N N 266 
PRO C   OXT  sing N N 267 
PRO CB  CG   sing N N 268 
PRO CB  HB2  sing N N 269 
PRO CB  HB3  sing N N 270 
PRO CG  CD   sing N N 271 
PRO CG  HG2  sing N N 272 
PRO CG  HG3  sing N N 273 
PRO CD  HD2  sing N N 274 
PRO CD  HD3  sing N N 275 
PRO OXT HXT  sing N N 276 
SER N   CA   sing N N 277 
SER N   H    sing N N 278 
SER N   H2   sing N N 279 
SER CA  C    sing N N 280 
SER CA  CB   sing N N 281 
SER CA  HA   sing N N 282 
SER C   O    doub N N 283 
SER C   OXT  sing N N 284 
SER CB  OG   sing N N 285 
SER CB  HB2  sing N N 286 
SER CB  HB3  sing N N 287 
SER OG  HG   sing N N 288 
SER OXT HXT  sing N N 289 
THR N   CA   sing N N 290 
THR N   H    sing N N 291 
THR N   H2   sing N N 292 
THR CA  C    sing N N 293 
THR CA  CB   sing N N 294 
THR CA  HA   sing N N 295 
THR C   O    doub N N 296 
THR C   OXT  sing N N 297 
THR CB  OG1  sing N N 298 
THR CB  CG2  sing N N 299 
THR CB  HB   sing N N 300 
THR OG1 HG1  sing N N 301 
THR CG2 HG21 sing N N 302 
THR CG2 HG22 sing N N 303 
THR CG2 HG23 sing N N 304 
THR OXT HXT  sing N N 305 
TRP N   CA   sing N N 306 
TRP N   H    sing N N 307 
TRP N   H2   sing N N 308 
TRP CA  C    sing N N 309 
TRP CA  CB   sing N N 310 
TRP CA  HA   sing N N 311 
TRP C   O    doub N N 312 
TRP C   OXT  sing N N 313 
TRP CB  CG   sing N N 314 
TRP CB  HB2  sing N N 315 
TRP CB  HB3  sing N N 316 
TRP CG  CD1  doub Y N 317 
TRP CG  CD2  sing Y N 318 
TRP CD1 NE1  sing Y N 319 
TRP CD1 HD1  sing N N 320 
TRP CD2 CE2  doub Y N 321 
TRP CD2 CE3  sing Y N 322 
TRP NE1 CE2  sing Y N 323 
TRP NE1 HE1  sing N N 324 
TRP CE2 CZ2  sing Y N 325 
TRP CE3 CZ3  doub Y N 326 
TRP CE3 HE3  sing N N 327 
TRP CZ2 CH2  doub Y N 328 
TRP CZ2 HZ2  sing N N 329 
TRP CZ3 CH2  sing Y N 330 
TRP CZ3 HZ3  sing N N 331 
TRP CH2 HH2  sing N N 332 
TRP OXT HXT  sing N N 333 
TYR N   CA   sing N N 334 
TYR N   H    sing N N 335 
TYR N   H2   sing N N 336 
TYR CA  C    sing N N 337 
TYR CA  CB   sing N N 338 
TYR CA  HA   sing N N 339 
TYR C   O    doub N N 340 
TYR C   OXT  sing N N 341 
TYR CB  CG   sing N N 342 
TYR CB  HB2  sing N N 343 
TYR CB  HB3  sing N N 344 
TYR CG  CD1  doub Y N 345 
TYR CG  CD2  sing Y N 346 
TYR CD1 CE1  sing Y N 347 
TYR CD1 HD1  sing N N 348 
TYR CD2 CE2  doub Y N 349 
TYR CD2 HD2  sing N N 350 
TYR CE1 CZ   doub Y N 351 
TYR CE1 HE1  sing N N 352 
TYR CE2 CZ   sing Y N 353 
TYR CE2 HE2  sing N N 354 
TYR CZ  OH   sing N N 355 
TYR OH  HH   sing N N 356 
TYR OXT HXT  sing N N 357 
VAL N   CA   sing N N 358 
VAL N   H    sing N N 359 
VAL N   H2   sing N N 360 
VAL CA  C    sing N N 361 
VAL CA  CB   sing N N 362 
VAL CA  HA   sing N N 363 
VAL C   O    doub N N 364 
VAL C   OXT  sing N N 365 
VAL CB  CG1  sing N N 366 
VAL CB  CG2  sing N N 367 
VAL CB  HB   sing N N 368 
VAL CG1 HG11 sing N N 369 
VAL CG1 HG12 sing N N 370 
VAL CG1 HG13 sing N N 371 
VAL CG2 HG21 sing N N 372 
VAL CG2 HG22 sing N N 373 
VAL CG2 HG23 sing N N 374 
VAL OXT HXT  sing N N 375 
# 
_pdbx_audit_support.funding_organization   'Not funded' 
_pdbx_audit_support.country                ? 
_pdbx_audit_support.grant_number           ? 
_pdbx_audit_support.ordinal                1 
# 
_pdbx_initial_refinement_model.id               1 
_pdbx_initial_refinement_model.entity_id_list   ? 
_pdbx_initial_refinement_model.type             'experimental model' 
_pdbx_initial_refinement_model.source_name      PDB 
_pdbx_initial_refinement_model.accession_code   2uzc 
_pdbx_initial_refinement_model.details          ? 
# 
_space_group.name_H-M_alt     'P 21 21 21' 
_space_group.name_Hall        'P 2ac 2ab' 
_space_group.IT_number        19 
_space_group.crystal_system   orthorhombic 
_space_group.id               1 
# 
_atom_sites.entry_id                    9F6S 
_atom_sites.Cartn_transf_matrix[1][1]   ? 
_atom_sites.Cartn_transf_matrix[1][2]   ? 
_atom_sites.Cartn_transf_matrix[1][3]   ? 
_atom_sites.Cartn_transf_matrix[2][1]   ? 
_atom_sites.Cartn_transf_matrix[2][2]   ? 
_atom_sites.Cartn_transf_matrix[2][3]   ? 
_atom_sites.Cartn_transf_matrix[3][1]   ? 
_atom_sites.Cartn_transf_matrix[3][2]   ? 
_atom_sites.Cartn_transf_matrix[3][3]   ? 
_atom_sites.Cartn_transf_vector[1]      ? 
_atom_sites.Cartn_transf_vector[2]      ? 
_atom_sites.Cartn_transf_vector[3]      ? 
_atom_sites.Cartn_transform_axes        ? 
_atom_sites.fract_transf_matrix[1][1]   -0.01378817 
_atom_sites.fract_transf_matrix[1][2]   0.01009359 
_atom_sites.fract_transf_matrix[1][3]   -0.02100533 
_atom_sites.fract_transf_matrix[2][1]   0.01175143 
_atom_sites.fract_transf_matrix[2][2]   0.02340530 
_atom_sites.fract_transf_matrix[2][3]   0.00353305 
_atom_sites.fract_transf_matrix[3][1]   0.01406538 
_atom_sites.fract_transf_matrix[3][2]   -0.00528497 
_atom_sites.fract_transf_matrix[3][3]   -0.01177226 
_atom_sites.fract_transf_vector[1]      0.145182 
_atom_sites.fract_transf_vector[2]      0.088541 
_atom_sites.fract_transf_vector[3]      0.126771 
_atom_sites.solution_primary            ? 
_atom_sites.solution_secondary          ? 
_atom_sites.solution_hydrogens          ? 
_atom_sites.special_details             ? 
# 
loop_
_atom_type.symbol 
_atom_type.scat_dispersion_real 
_atom_type.scat_dispersion_imag 
_atom_type.scat_Cromer_Mann_a1 
_atom_type.scat_Cromer_Mann_a2 
_atom_type.scat_Cromer_Mann_a3 
_atom_type.scat_Cromer_Mann_a4 
_atom_type.scat_Cromer_Mann_b1 
_atom_type.scat_Cromer_Mann_b2 
_atom_type.scat_Cromer_Mann_b3 
_atom_type.scat_Cromer_Mann_b4 
_atom_type.scat_Cromer_Mann_c 
_atom_type.scat_source 
_atom_type.scat_dispersion_source 
C ? ? 2.51340 1.74867 1.72398 ? 31.80534 0.44561  10.58317 ? 0.0 
;3-Gaussian fit: Grosse-Kunstleve RW, Sauter NK, Adams PD: Newsletter of the IUCr Commission on Crystallographic Computing 2004, 3, 22-31.
;
? 
H ? ? 0.53795 0.34799 0.11320 ? 10.08003 29.74760 2.57510  ? 0.0 
;3-Gaussian fit: Grosse-Kunstleve RW, Sauter NK, Adams PD: Newsletter of the IUCr Commission on Crystallographic Computing 2004, 3, 22-31.
;
? 
N ? ? 2.99955 2.25584 1.72788 ? 23.27268 7.45433  0.31622  ? 0.0 
;3-Gaussian fit: Grosse-Kunstleve RW, Sauter NK, Adams PD: Newsletter of the IUCr Commission on Crystallographic Computing 2004, 3, 22-31.
;
? 
O ? ? 4.49882 3.47563 ?       ? 15.80542 1.70748  ?        ? 0.0 
;2-Gaussian fit: Grosse-Kunstleve RW, Sauter NK, Adams PD: Newsletter of the IUCr Commission on Crystallographic Computing 2004, 3, 22-31.
;
? 
S ? ? 9.55732 6.39887 ?       ? 1.23737  29.19336 ?        ? 0.0 
;2-Gaussian fit: Grosse-Kunstleve RW, Sauter NK, Adams PD: Newsletter of the IUCr Commission on Crystallographic Computing 2004, 3, 22-31.
;
? 
# 
loop_
_atom_site.group_PDB 
_atom_site.id 
_atom_site.type_symbol 
_atom_site.label_atom_id 
_atom_site.label_alt_id 
_atom_site.label_comp_id 
_atom_site.label_asym_id 
_atom_site.label_entity_id 
_atom_site.label_seq_id 
_atom_site.pdbx_PDB_ins_code 
_atom_site.Cartn_x 
_atom_site.Cartn_y 
_atom_site.Cartn_z 
_atom_site.occupancy 
_atom_site.B_iso_or_equiv 
_atom_site.pdbx_formal_charge 
_atom_site.auth_seq_id 
_atom_site.auth_comp_id 
_atom_site.auth_asym_id 
_atom_site.auth_atom_id 
_atom_site.pdbx_PDB_model_num 
ATOM   1    N N    . MET A 1 6  ? -7.83787  -4.56438  -13.92417 1.000 39.92711 ? 1    MET A N    1 
ATOM   2    C CA   . MET A 1 6  ? -6.97396  -3.40729  -14.27841 1.000 37.14882 ? 1    MET A CA   1 
ATOM   3    C C    . MET A 1 6  ? -7.67257  -2.05496  -14.10906 1.000 39.62012 ? 1    MET A C    1 
ATOM   4    O O    . MET A 1 6  ? -7.12158  -1.02431  -14.50205 1.000 41.82246 ? 1    MET A O    1 
ATOM   5    C CB   . MET A 1 6  ? -6.47763  -3.54933  -15.72777 1.000 44.29963 ? 1    MET A CB   1 
ATOM   6    H H    . MET A 1 6  ? -7.39998  -5.32209  -14.08610 1.000 47.91254 ? 1    MET A H    1 
ATOM   7    H HA   . MET A 1 6  ? -6.21547  -3.41813  -13.67385 1.000 44.57858 ? 1    MET A HA   1 
ATOM   8    N N    . SER A 1 7  ? -8.86965  -2.04061  -13.52538 1.000 31.41613 ? 2    SER A N    1 
ATOM   9    C CA   . SER A 1 7  ? -9.51634  -0.76981  -13.22292 1.000 23.83744 ? 2    SER A CA   1 
ATOM   10   C C    . SER A 1 7  ? -8.95379  -0.19477  -11.92409 1.000 23.59992 ? 2    SER A C    1 
ATOM   11   O O    . SER A 1 7  ? -8.54583  -0.92385  -11.01100 1.000 22.28504 ? 2    SER A O    1 
ATOM   12   C CB   . SER A 1 7  ? -11.03157 -0.92305  -13.11515 1.000 30.65701 ? 2    SER A CB   1 
ATOM   13   O OG   . SER A 1 7  ? -11.40339 -1.63918  -11.95684 1.000 25.00479 ? 2    SER A OG   1 
ATOM   14   H H    . SER A 1 7  ? -9.31735  -2.73942  -13.29993 1.000 37.69935 ? 2    SER A H    1 
ATOM   15   H HA   . SER A 1 7  ? -9.34473  -0.14433  -13.94418 1.000 28.60493 ? 2    SER A HA   1 
ATOM   16   H HB2  . SER A 1 7  ? -11.43282 -0.04067  -13.07890 1.000 36.78841 ? 2    SER A HB2  1 
ATOM   17   H HB3  . SER A 1 7  ? -11.35319 -1.40196  -13.89496 1.000 36.78841 ? 2    SER A HB3  1 
ATOM   18   H HG   . SER A 1 7  ? -11.03829 -2.39568  -11.95721 1.000 30.00574 ? 2    SER A HG   1 
ATOM   19   N N    . ASN A 1 8  ? -8.91979  1.12720   -11.85499 1.000 18.32114 ? 3    ASN A N    1 
ATOM   20   C CA   . ASN A 1 8  ? -8.22240  1.82125   -10.78820 1.000 16.15700 ? 3    ASN A CA   1 
ATOM   21   C C    . ASN A 1 8  ? -9.22085  2.33193   -9.76533  1.000 14.43734 ? 3    ASN A C    1 
ATOM   22   O O    . ASN A 1 8  ? -10.38756 2.58480   -10.08217 1.000 19.56719 ? 3    ASN A O    1 
ATOM   23   C CB   . ASN A 1 8  ? -7.46180  3.00895   -11.36512 1.000 18.22225 ? 3    ASN A CB   1 
ATOM   24   C CG   . ASN A 1 8  ? -6.26146  2.58560   -12.19286 1.000 19.78261 ? 3    ASN A CG   1 
ATOM   25   O OD1  . ASN A 1 8  ? -5.95348  1.39305   -12.31677 1.000 21.42956 ? 3    ASN A OD1  1 
ATOM   26   N ND2  . ASN A 1 8  ? -5.58472  3.56547   -12.78388 1.000 23.60743 ? 3    ASN A ND2  1 
ATOM   27   H H    . ASN A 1 8  ? -9.29888  1.64999   -12.42296 1.000 21.98537 ? 3    ASN A H    1 
ATOM   28   H HA   . ASN A 1 8  ? -7.60244  1.21912   -10.34776 1.000 19.38841 ? 3    ASN A HA   1 
ATOM   29   H HB2  . ASN A 1 8  ? -8.05678  3.51872   -11.93700 1.000 21.86670 ? 3    ASN A HB2  1 
ATOM   30   H HB3  . ASN A 1 8  ? -7.14387  3.56551   -10.63706 1.000 21.86670 ? 3    ASN A HB3  1 
ATOM   31   H HD21 . ASN A 1 8  ? -5.83588  4.38201   -12.68496 1.000 28.32891 ? 3    ASN A HD21 1 
ATOM   32   H HD22 . ASN A 1 8  ? -4.89577  3.38280   -13.26512 1.000 28.32891 ? 3    ASN A HD22 1 
ATOM   33   N N    . TYR A 1 9  ? -8.76759  2.45103   -8.52155  1.000 12.66844 ? 4    TYR A N    1 
ATOM   34   C CA   . TYR A 1 9  ? -9.57330  3.06414   -7.48263  1.000 11.84010 ? 4    TYR A CA   1 
ATOM   35   C C    . TYR A 1 9  ? -8.65091  3.78485   -6.51961  1.000 11.09682 ? 4    TYR A C    1 
ATOM   36   O O    . TYR A 1 9  ? -7.44544  3.56254   -6.49280  1.000 11.93233 ? 4    TYR A O    1 
ATOM   37   C CB   . TYR A 1 9  ? -10.48074 2.03826   -6.76345  1.000 12.44295 ? 4    TYR A CB   1 
ATOM   38   C CG   . TYR A 1 9  ? -9.73431  1.01545   -5.95657  1.000 11.54690 ? 4    TYR A CG   1 
ATOM   39   C CD1  . TYR A 1 9  ? -9.17581  -0.11225  -6.54408  1.000 12.15486 ? 4    TYR A CD1  1 
ATOM   40   C CD2  . TYR A 1 9  ? -9.57436  1.17679   -4.60467  1.000 11.28527 ? 4    TYR A CD2  1 
ATOM   41   C CE1  . TYR A 1 9  ? -8.45988  -1.03964  -5.77158  1.000 12.26833 ? 4    TYR A CE1  1 
ATOM   42   C CE2  . TYR A 1 9  ? -8.89475  0.25057   -3.82945  1.000 12.54204 ? 4    TYR A CE2  1 
ATOM   43   C CZ   . TYR A 1 9  ? -8.33354  -0.85679  -4.40766  1.000 11.48975 ? 4    TYR A CZ   1 
ATOM   44   O OH   . TYR A 1 9  ? -7.62871  -1.76147  -3.63429  1.000 13.49882 ? 4    TYR A OH   1 
ATOM   45   H H    . TYR A 1 9  ? -7.99439  2.18276   -8.25740  1.000 15.20213 ? 4    TYR A H    1 
ATOM   46   H HA   . TYR A 1 9  ? -10.16399 3.72666   -7.87385  1.000 14.20812 ? 4    TYR A HA   1 
ATOM   47   H HB2  . TYR A 1 9  ? -11.07080 2.51585   -6.15961  1.000 14.93154 ? 4    TYR A HB2  1 
ATOM   48   H HB3  . TYR A 1 9  ? -11.00162 1.56394   -7.43024  1.000 14.93154 ? 4    TYR A HB3  1 
ATOM   49   H HD1  . TYR A 1 9  ? -9.27716  -0.25408  -7.45760  1.000 14.58583 ? 4    TYR A HD1  1 
ATOM   50   H HD2  . TYR A 1 9  ? -9.93289  1.93089   -4.19518  1.000 13.54233 ? 4    TYR A HD2  1 
ATOM   51   H HE1  . TYR A 1 9  ? -8.06947  -1.77915  -6.17855  1.000 14.72199 ? 4    TYR A HE1  1 
ATOM   52   H HE2  . TYR A 1 9  ? -8.81940  0.38170   -2.91183  1.000 15.05045 ? 4    TYR A HE2  1 
ATOM   53   H HH   . TYR A 1 9  ? -7.33050  -2.38096  -4.11689  1.000 16.19858 ? 4    TYR A HH   1 
ATOM   54   N N    . SER A 1 10 ? -9.23667  4.65204   -5.72398  1.000 12.19544 ? 5    SER A N    1 
ATOM   55   C CA   . SER A 1 10 ? -8.50101  5.42173   -4.73503  1.000 12.52240 ? 5    SER A CA   1 
ATOM   56   C C    . SER A 1 10 ? -9.04597  5.14763   -3.33104  1.000 11.18455 ? 5    SER A C    1 
ATOM   57   O O    . SER A 1 10 ? -10.24183 4.88925   -3.14398  1.000 14.86364 ? 5    SER A O    1 
ATOM   58   C CB   . SER A 1 10 ? -8.52137  6.93141   -5.06210  1.000 16.57375 ? 5    SER A CB   1 
ATOM   59   O OG   . SER A 1 10 ? -8.07999  7.18586   -6.38570  1.000 21.93536 ? 5    SER A OG   1 
ATOM   60   H H    . SER A 1 10 ? -10.08013 4.81953   -5.73479  1.000 14.63453 ? 5    SER A H    1 
ATOM   61   H HA   . SER A 1 10 ? -7.57186  5.14326   -4.73328  1.000 15.02688 ? 5    SER A HA   1 
ATOM   62   H HB2  . SER A 1 10 ? -9.42915  7.25966   -4.96680  1.000 19.88850 ? 5    SER A HB2  1 
ATOM   63   H HB3  . SER A 1 10 ? -7.93484  7.39333   -4.44281  1.000 19.88850 ? 5    SER A HB3  1 
ATOM   64   H HG   . SER A 1 10 ? -8.13940  8.00634   -6.55563  1.000 26.32243 ? 5    SER A HG   1 
ATOM   65   N N    . VAL A 1 11 ? -8.16768  5.21365   -2.33248  1.000 11.20153 ? 6    VAL A N    1 
ATOM   66   C CA   . VAL A 1 11 ? -8.55725  5.14173   -0.93506  1.000 10.98871 ? 6    VAL A CA   1 
ATOM   67   C C    . VAL A 1 11 ? -7.94322  6.32569   -0.20357  1.000 10.03083 ? 6    VAL A C    1 
ATOM   68   O O    . VAL A 1 11 ? -6.91702  6.88400   -0.60521  1.000 11.18268 ? 6    VAL A O    1 
ATOM   69   C CB   . VAL A 1 11 ? -8.13225  3.82719   -0.23088  1.000 10.49994 ? 6    VAL A CB   1 
ATOM   70   C CG1  . VAL A 1 11 ? -8.81222  2.61925   -0.87510  1.000 13.01907 ? 6    VAL A CG1  1 
ATOM   71   C CG2  . VAL A 1 11 ? -6.62018  3.65335   -0.18995  1.000 12.08983 ? 6    VAL A CG2  1 
ATOM   72   H H    . VAL A 1 11 ? -7.31994  5.30235   -2.44687  1.000 13.44184 ? 6    VAL A H    1 
ATOM   73   H HA   . VAL A 1 11 ? -9.52480  5.19688   -0.89364  1.000 13.18645 ? 6    VAL A HA   1 
ATOM   74   H HB   . VAL A 1 11 ? -8.42714  3.88231   0.69156   1.000 12.59993 ? 6    VAL A HB   1 
ATOM   75   H HG11 . VAL A 1 11 ? -8.53117  1.81452   -0.41217  1.000 15.62289 ? 6    VAL A HG11 1 
ATOM   76   H HG12 . VAL A 1 11 ? -9.77402  2.72304   -0.80384  1.000 15.62289 ? 6    VAL A HG12 1 
ATOM   77   H HG13 . VAL A 1 11 ? -8.55293  2.57152   -1.80859  1.000 15.62289 ? 6    VAL A HG13 1 
ATOM   78   H HG21 . VAL A 1 11 ? -6.41100  2.80682   0.23494   1.000 14.50779 ? 6    VAL A HG21 1 
ATOM   79   H HG22 . VAL A 1 11 ? -6.27663  3.66197   -1.09703  1.000 14.50779 ? 6    VAL A HG22 1 
ATOM   80   H HG23 . VAL A 1 11 ? -6.23202  4.38309   0.31771   1.000 14.50779 ? 6    VAL A HG23 1 
ATOM   81   N N    . SER A 1 12 ? -8.58672  6.68202   0.90374   1.000 11.05066 ? 7    SER A N    1 
ATOM   82   C CA   . SER A 1 12 ? -8.10458  7.71495   1.78857   1.000 10.93411 ? 7    SER A CA   1 
ATOM   83   C C    . SER A 1 12 ? -8.40898  7.18258   3.18519   1.000 11.20469 ? 7    SER A C    1 
ATOM   84   O O    . SER A 1 12 ? -9.43657  7.52457   3.77854   1.000 13.64841 ? 7    SER A O    1 
ATOM   85   C CB   . SER A 1 12 ? -8.80924  9.04132   1.53808   1.000 12.28007 ? 7    SER A CB   1 
ATOM   86   O OG   . SER A 1 12 ? -8.21366  10.08239  2.31706   1.000 14.98545 ? 7    SER A OG   1 
ATOM   87   H H    . SER A 1 12 ? -9.32465  6.32488   1.16355   1.000 13.26079 ? 7    SER A H    1 
ATOM   88   H HA   . SER A 1 12 ? -7.15300  7.86198   1.67117   1.000 13.12093 ? 7    SER A HA   1 
ATOM   89   H HB2  . SER A 1 12 ? -8.73447  9.26706   0.59768   1.000 14.73608 ? 7    SER A HB2  1 
ATOM   90   H HB3  . SER A 1 12 ? -9.74324  8.95545   1.78541   1.000 14.73608 ? 7    SER A HB3  1 
ATOM   91   H HG   . SER A 1 12 ? -8.56998  10.82000  2.13116   1.000 17.98254 ? 7    SER A HG   1 
ATOM   92   N N    . LEU A 1 13 ? -7.53900  6.32265   3.69871   1.000 12.15346 ? 8    LEU A N    1 
ATOM   93   C CA   . LEU A 1 13 ? -7.81045  5.65722   4.96799   1.000 13.99101 ? 8    LEU A CA   1 
ATOM   94   C C    . LEU A 1 13 ? -7.65208  6.62953   6.12705   1.000 12.11044 ? 8    LEU A C    1 
ATOM   95   O O    . LEU A 1 13 ? -6.69380  7.39803   6.16947   1.000 13.03093 ? 8    LEU A O    1 
ATOM   96   C CB   . LEU A 1 13 ? -6.83430  4.50320   5.14417   1.000 12.92003 ? 8    LEU A CB   1 
ATOM   97   C CG   . LEU A 1 13 ? -6.74884  3.48937   4.00903   1.000 12.32445 ? 8    LEU A CG   1 
ATOM   98   C CD1  . LEU A 1 13 ? -5.84622  2.34862   4.46761   1.000 13.85799 ? 8    LEU A CD1  1 
ATOM   99   C CD2  . LEU A 1 13 ? -8.12954  2.96840   3.64038   1.000 13.73464 ? 8    LEU A CD2  1 
ATOM   100  H H    . LEU A 1 13 ? -6.78942  6.10757   3.33611   1.000 14.58416 ? 8    LEU A H    1 
ATOM   101  H HA   . LEU A 1 13 ? -8.71945  5.31872   4.97433   1.000 16.78922 ? 8    LEU A HA   1 
ATOM   102  H HB2  . LEU A 1 13 ? -5.94657  4.87772   5.25632   1.000 15.50403 ? 8    LEU A HB2  1 
ATOM   103  H HB3  . LEU A 1 13 ? -7.09119  4.01411   5.94148   1.000 15.50403 ? 8    LEU A HB3  1 
ATOM   104  H HG   . LEU A 1 13 ? -6.38211  3.90140   3.21114   1.000 14.78934 ? 8    LEU A HG   1 
ATOM   105  H HD11 . LEU A 1 13 ? -5.76070  1.70452   3.74739   1.000 16.62959 ? 8    LEU A HD11 1 
ATOM   106  H HD12 . LEU A 1 13 ? -4.97444  2.70777   4.69543   1.000 16.62959 ? 8    LEU A HD12 1 
ATOM   107  H HD13 . LEU A 1 13 ? -6.24286  1.92500   5.24486   1.000 16.62959 ? 8    LEU A HD13 1 
ATOM   108  H HD21 . LEU A 1 13 ? -8.03343  2.23895   3.00825   1.000 16.48157 ? 8    LEU A HD21 1 
ATOM   109  H HD22 . LEU A 1 13 ? -8.57319  2.65378   4.44355   1.000 16.48157 ? 8    LEU A HD22 1 
ATOM   110  H HD23 . LEU A 1 13 ? -8.64198  3.68796   3.23970   1.000 16.48157 ? 8    LEU A HD23 1 
ATOM   111  N N    . VAL A 1 14 ? -8.59092  6.60478   7.06996   1.000 13.44573 ? 9    VAL A N    1 
ATOM   112  C CA   . VAL A 1 14 ? -8.53274  7.50050   8.22546   1.000 13.36033 ? 9    VAL A CA   1 
ATOM   113  C C    . VAL A 1 14 ? -7.59029  6.91522   9.27916   1.000 15.21637 ? 9    VAL A C    1 
ATOM   114  O O    . VAL A 1 14 ? -7.72078  5.75419   9.67685   1.000 16.61934 ? 9    VAL A O    1 
ATOM   115  C CB   . VAL A 1 14 ? -9.94148  7.71398   8.80271   1.000 14.86551 ? 9    VAL A CB   1 
ATOM   116  C CG1  . VAL A 1 14 ? -9.91502  8.64736   9.99626   1.000 18.33598 ? 9    VAL A CG1  1 
ATOM   117  C CG2  . VAL A 1 14 ? -10.89729 8.23545   7.74637   1.000 16.57621 ? 9    VAL A CG2  1 
ATOM   118  H H    . VAL A 1 14 ? -9.27176  6.07939   7.06485   1.000 16.13488 ? 9    VAL A H    1 
ATOM   119  H HA   . VAL A 1 14 ? -8.17368  8.35725   7.94625   1.000 16.03240 ? 9    VAL A HA   1 
ATOM   120  H HB   . VAL A 1 14 ? -10.26754 6.85166   9.10434   1.000 17.83861 ? 9    VAL A HB   1 
ATOM   121  H HG11 . VAL A 1 14 ? -10.82650 8.85654   10.25384  1.000 22.00318 ? 9    VAL A HG11 1 
ATOM   122  H HG12 . VAL A 1 14 ? -9.45629  8.20894   10.72992  1.000 22.00318 ? 9    VAL A HG12 1 
ATOM   123  H HG13 . VAL A 1 14 ? -9.44574  9.46015   9.75121   1.000 22.00318 ? 9    VAL A HG13 1 
ATOM   124  H HG21 . VAL A 1 14 ? -11.75659 8.41499   8.15900   1.000 19.89145 ? 9    VAL A HG21 1 
ATOM   125  H HG22 . VAL A 1 14 ? -10.53499 9.05186   7.36805   1.000 19.89145 ? 9    VAL A HG22 1 
ATOM   126  H HG23 . VAL A 1 14 ? -10.99720 7.56517   7.05236   1.000 19.89145 ? 9    VAL A HG23 1 
ATOM   127  N N    . GLY A 1 15 ? -6.63249  7.72710   9.74606   1.000 15.70719 ? 10   GLY A N    1 
ATOM   128  C CA   . GLY A 1 15 ? -5.66315  7.27587   10.71052  1.000 15.67703 ? 10   GLY A CA   1 
ATOM   129  C C    . GLY A 1 15 ? -6.26055  7.13636   12.10709  1.000 15.95704 ? 10   GLY A C    1 
ATOM   130  O O    . GLY A 1 15 ? -7.41067  7.49440   12.34303  1.000 18.32486 ? 10   GLY A O    1 
ATOM   131  H H    . GLY A 1 15 ? -6.53403  8.54792   9.50910   1.000 18.84862 ? 10   GLY A H    1 
ATOM   132  H HA2  . GLY A 1 15 ? -5.31624  6.41194   10.43816  1.000 18.81243 ? 10   GLY A HA2  1 
ATOM   133  H HA3  . GLY A 1 15 ? -4.93126  7.91106   10.75259  1.000 18.81243 ? 10   GLY A HA3  1 
ATOM   134  N N    . PRO A 1 16 ? -5.46852  6.62271   13.06437  1.000 16.61188 ? 11   PRO A N    1 
ATOM   135  C CA   . PRO A 1 16 ? -4.04146  6.30306   12.98161  1.000 13.93265 ? 11   PRO A CA   1 
ATOM   136  C C    . PRO A 1 16 ? -3.70125  4.90268   12.47722  1.000 17.63894 ? 11   PRO A C    1 
ATOM   137  O O    . PRO A 1 16 ? -4.50950  3.98891   12.54101  1.000 17.30831 ? 11   PRO A O    1 
ATOM   138  C CB   . PRO A 1 16 ? -3.58624  6.44962   14.44776  1.000 17.93338 ? 11   PRO A CB   1 
ATOM   139  C CG   . PRO A 1 16 ? -4.78666  5.98936   15.23476  1.000 18.70058 ? 11   PRO A CG   1 
ATOM   140  C CD   . PRO A 1 16 ? -5.98270  6.47421   14.44408  1.000 16.41854 ? 11   PRO A CD   1 
ATOM   141  H HA   . PRO A 1 16 ? -3.63031  6.95499   12.39268  1.000 16.71918 ? 11   PRO A HA   1 
ATOM   142  H HB2  . PRO A 1 16 ? -2.81517  5.88639   14.61842  1.000 21.52006 ? 11   PRO A HB2  1 
ATOM   143  H HB3  . PRO A 1 16 ? -3.37052  7.37516   14.64202  1.000 21.52006 ? 11   PRO A HB3  1 
ATOM   144  H HG2  . PRO A 1 16 ? -4.78545  5.02181   15.30363  1.000 22.44069 ? 11   PRO A HG2  1 
ATOM   145  H HG3  . PRO A 1 16 ? -4.77273  6.38502   16.12029  1.000 22.44069 ? 11   PRO A HG3  1 
ATOM   146  H HD2  . PRO A 1 16 ? -6.69946  5.82130   14.47343  1.000 19.70224 ? 11   PRO A HD2  1 
ATOM   147  H HD3  . PRO A 1 16 ? -6.29589  7.32628   14.78582  1.000 19.70224 ? 11   PRO A HD3  1 
ATOM   148  N N    . ALA A 1 17 ? -2.46816  4.73699   12.00131  1.000 15.72096 ? 12   ALA A N    1 
ATOM   149  C CA   . ALA A 1 17 ? -1.93917  3.42162   11.70400  1.000 19.85059 ? 12   ALA A CA   1 
ATOM   150  C C    . ALA A 1 17 ? -1.85086  2.63634   13.00641  1.000 18.84378 ? 12   ALA A C    1 
ATOM   151  O O    . ALA A 1 17 ? -1.86117  3.22588   14.09074  1.000 23.11986 ? 12   ALA A O    1 
ATOM   152  C CB   . ALA A 1 17 ? -0.55122  3.54636   11.08199  1.000 19.40421 ? 12   ALA A CB   1 
ATOM   153  H H    . ALA A 1 17 ? -1.91806  5.37869   11.84258  1.000 18.86516 ? 12   ALA A H    1 
ATOM   154  H HA   . ALA A 1 17 ? -2.51026  2.95253   11.07573  1.000 23.82070 ? 12   ALA A HA   1 
ATOM   155  H HB1  . ALA A 1 17 ? -0.23927  2.66419   10.82635  1.000 23.28505 ? 12   ALA A HB1  1 
ATOM   156  H HB2  . ALA A 1 17 ? -0.60586  4.11742   10.29981  1.000 23.28505 ? 12   ALA A HB2  1 
ATOM   157  H HB3  . ALA A 1 17 ? 0.05313   3.93493   11.73367  1.000 23.28505 ? 12   ALA A HB3  1 
ATOM   158  N N    . PRO A 1 18 ? -1.71271  1.30742   12.94341  1.000 21.48743 ? 13   PRO A N    1 
ATOM   159  C CA   . PRO A 1 18 ? -1.51394  0.46795   11.75742  1.000 20.90035 ? 13   PRO A CA   1 
ATOM   160  C C    . PRO A 1 18 ? -2.63809  0.56584   10.74097  1.000 19.16956 ? 13   PRO A C    1 
ATOM   161  O O    . PRO A 1 18 ? -3.80933  0.67879   11.09907  1.000 20.14244 ? 13   PRO A O    1 
ATOM   162  C CB   . PRO A 1 18 ? -1.57990  -0.96473  12.31532  1.000 24.70962 ? 13   PRO A CB   1 
ATOM   163  C CG   . PRO A 1 18 ? -1.40297  -0.85990  13.80758  1.000 33.55042 ? 13   PRO A CG   1 
ATOM   164  C CD   . PRO A 1 18 ? -1.27306  0.60248   14.16354  1.000 26.44174 ? 13   PRO A CD   1 
ATOM   165  H HA   . PRO A 1 18 ? -0.65112  0.70537   11.38314  1.000 25.08042 ? 13   PRO A HA   1 
ATOM   166  H HB2  . PRO A 1 18 ? -2.44172  -1.35494  12.10105  1.000 29.65154 ? 13   PRO A HB2  1 
ATOM   167  H HB3  . PRO A 1 18 ? -0.86872  -1.49611  11.92448  1.000 29.65154 ? 13   PRO A HB3  1 
ATOM   168  H HG2  . PRO A 1 18 ? -2.17744  -1.24454  14.24706  1.000 40.26051 ? 13   PRO A HG2  1 
ATOM   169  H HG3  . PRO A 1 18 ? -0.60145  -1.34071  14.06697  1.000 40.26051 ? 13   PRO A HG3  1 
ATOM   170  H HD2  . PRO A 1 18 ? -1.84702  0.82483   14.91324  1.000 31.73009 ? 13   PRO A HD2  1 
ATOM   171  H HD3  . PRO A 1 18 ? -0.35223  0.82335   14.37376  1.000 31.73009 ? 13   PRO A HD3  1 
ATOM   172  N N    . TRP A 1 19 ? -2.28992  0.51419   9.45876   1.000 14.36595 ? 14   TRP A N    1 
ATOM   173  C CA   . TRP A 1 19 ? -3.27022  0.57324   8.39078   1.000 13.06512 ? 14   TRP A CA   1 
ATOM   174  C C    . TRP A 1 19 ? -3.87398  -0.78156  8.05744   1.000 13.51517 ? 14   TRP A C    1 
ATOM   175  O O    . TRP A 1 19 ? -4.90736  -0.82306  7.38511   1.000 14.25909 ? 14   TRP A O    1 
ATOM   176  C CB   . TRP A 1 19 ? -2.62921  1.16752   7.13848   1.000 12.65789 ? 14   TRP A CB   1 
ATOM   177  C CG   . TRP A 1 19 ? -2.04148  2.50808   7.38038   1.000 12.20048 ? 14   TRP A CG   1 
ATOM   178  C CD1  . TRP A 1 19 ? -0.71785  2.82167   7.41858   1.000 13.99252 ? 14   TRP A CD1  1 
ATOM   179  C CD2  . TRP A 1 19 ? -2.74430  3.72949   7.63135   1.000 12.18685 ? 14   TRP A CD2  1 
ATOM   180  N NE1  . TRP A 1 19 ? -0.54500  4.16076   7.65760   1.000 13.19409 ? 14   TRP A NE1  1 
ATOM   181  C CE2  . TRP A 1 19 ? -1.77909  4.73965   7.79702   1.000 13.50621 ? 14   TRP A CE2  1 
ATOM   182  C CE3  . TRP A 1 19 ? -4.09425  4.07121   7.71314   1.000 13.12104 ? 14   TRP A CE3  1 
ATOM   183  C CZ2  . TRP A 1 19 ? -2.12638  6.05746   8.05113   1.000 12.74008 ? 14   TRP A CZ2  1 
ATOM   184  C CZ3  . TRP A 1 19 ? -4.43237  5.37731   7.96998   1.000 13.16368 ? 14   TRP A CZ3  1 
ATOM   185  C CH2  . TRP A 1 19 ? -3.45513  6.35606   8.11377   1.000 14.20959 ? 14   TRP A CH2  1 
ATOM   186  H H    . TRP A 1 19 ? -1.47925  0.44392   9.18040   1.000 17.23914 ? 14   TRP A H    1 
ATOM   187  H HA   . TRP A 1 19 ? -3.99616  1.15289   8.66990   1.000 15.67814 ? 14   TRP A HA   1 
ATOM   188  H HB2  . TRP A 1 19 ? -1.92054  0.57841   6.83577   1.000 15.18947 ? 14   TRP A HB2  1 
ATOM   189  H HB3  . TRP A 1 19 ? -3.30511  1.25536   6.44829   1.000 15.18947 ? 14   TRP A HB3  1 
ATOM   190  H HD1  . TRP A 1 19 ? -0.02593  2.21186   7.29906   1.000 16.79102 ? 14   TRP A HD1  1 
ATOM   191  H HE1  . TRP A 1 19 ? 0.21036   4.56842   7.71099   1.000 15.83291 ? 14   TRP A HE1  1 
ATOM   192  H HE3  . TRP A 1 19 ? -4.75366  3.42598   7.59583   1.000 15.74524 ? 14   TRP A HE3  1 
ATOM   193  H HZ2  . TRP A 1 19 ? -1.47790  6.71263   8.17415   1.000 15.28809 ? 14   TRP A HZ2  1 
ATOM   194  H HZ3  . TRP A 1 19 ? -5.32909  5.61084   8.04898   1.000 15.79642 ? 14   TRP A HZ3  1 
ATOM   195  H HH2  . TRP A 1 19 ? -3.71483  7.23760   8.25643   1.000 17.05150 ? 14   TRP A HH2  1 
ATOM   196  N N    . GLY A 1 20 ? -3.26359  -1.87445  8.50085   1.000 13.00770 ? 15   GLY A N    1 
ATOM   197  C CA   . GLY A 1 20 ? -3.83764  -3.18312  8.30366   1.000 13.16225 ? 15   GLY A CA   1 
ATOM   198  C C    . GLY A 1 20 ? -3.48073  -3.90507  7.03135   1.000 12.12208 ? 15   GLY A C    1 
ATOM   199  O O    . GLY A 1 20 ? -4.31443  -4.66433  6.52940   1.000 11.90604 ? 15   GLY A O    1 
ATOM   200  H H    . GLY A 1 20 ? -2.51272  -1.87754  8.92010   1.000 15.60924 ? 15   GLY A H    1 
ATOM   201  H HA2  . GLY A 1 20 ? -3.55935  -3.74867  9.04096   1.000 15.79470 ? 15   GLY A HA2  1 
ATOM   202  H HA3  . GLY A 1 20 ? -4.80343  -3.09444  8.32074   1.000 15.79470 ? 15   GLY A HA3  1 
ATOM   203  N N    . PHE A 1 21 ? -2.26920  -3.74749  6.51543   1.000 11.43763 ? 16   PHE A N    1 
ATOM   204  C CA   . PHE A 1 21 ? -1.88541  -4.49350  5.32569   1.000 10.84530 ? 16   PHE A CA   1 
ATOM   205  C C    . PHE A 1 21 ? -0.38490  -4.66722  5.27714   1.000 10.00892 ? 16   PHE A C    1 
ATOM   206  O O    . PHE A 1 21 ? 0.35853   -4.01131  6.01551   1.000 11.06571 ? 16   PHE A O    1 
ATOM   207  C CB   . PHE A 1 21 ? -2.42018  -3.86507  4.04504   1.000 10.48463 ? 16   PHE A CB   1 
ATOM   208  C CG   . PHE A 1 21 ? -1.81938  -2.52466  3.68047   1.000 10.04845 ? 16   PHE A CG   1 
ATOM   209  C CD1  . PHE A 1 21 ? -2.29331  -1.35151  4.23162   1.000 10.21481 ? 16   PHE A CD1  1 
ATOM   210  C CD2  . PHE A 1 21 ? -0.81845  -2.43209  2.75406   1.000 9.91078  ? 16   PHE A CD2  1 
ATOM   211  C CE1  . PHE A 1 21 ? -1.78038  -0.14618  3.85952   1.000 10.13096 ? 16   PHE A CE1  1 
ATOM   212  C CE2  . PHE A 1 21 ? -0.31065  -1.22573  2.37539   1.000 9.97490  ? 16   PHE A CE2  1 
ATOM   213  C CZ   . PHE A 1 21 ? -0.78784  -0.06878  2.94324   1.000 10.11129 ? 16   PHE A CZ   1 
ATOM   214  H H    . PHE A 1 21 ? -1.66312  -3.22464  6.82991   1.000 13.72516 ? 16   PHE A H    1 
ATOM   215  H HA   . PHE A 1 21 ? -2.27173  -5.38029  5.39828   1.000 13.01436 ? 16   PHE A HA   1 
ATOM   216  H HB2  . PHE A 1 21 ? -2.24177  -4.47158  3.30937   1.000 12.58156 ? 16   PHE A HB2  1 
ATOM   217  H HB3  . PHE A 1 21 ? -3.37643  -3.73597  4.14414   1.000 12.58156 ? 16   PHE A HB3  1 
ATOM   218  H HD1  . PHE A 1 21 ? -2.97250  -1.38459  4.86606   1.000 12.25777 ? 16   PHE A HD1  1 
ATOM   219  H HD2  . PHE A 1 21 ? -0.47676  -3.20914  2.37413   1.000 11.89294 ? 16   PHE A HD2  1 
ATOM   220  H HE1  . PHE A 1 21 ? -2.11635  0.63319   4.23977   1.000 12.15715 ? 16   PHE A HE1  1 
ATOM   221  H HE2  . PHE A 1 21 ? 0.35959   -1.18522  1.73194   1.000 11.96988 ? 16   PHE A HE2  1 
ATOM   222  H HZ   . PHE A 1 21 ? -0.43334  0.75617   2.70099   1.000 12.13354 ? 16   PHE A HZ   1 
ATOM   223  N N    . ARG A 1 22 ? 0.03657   -5.56990  4.38435   1.000 10.04693 ? 17   ARG A N    1 
ATOM   224  C CA   . ARG A 1 22 ? 1.42990   -5.72442  4.01363   1.000 10.27963 ? 17   ARG A CA   1 
ATOM   225  C C    . ARG A 1 22 ? 1.57910   -5.52789  2.51682   1.000 9.41495  ? 17   ARG A C    1 
ATOM   226  O O    . ARG A 1 22 ? 0.61594   -5.63404  1.75135   1.000 10.01557 ? 17   ARG A O    1 
ATOM   227  C CB   . ARG A 1 22 ? 1.93765   -7.11983  4.37424   1.000 10.60835 ? 17   ARG A CB   1 
ATOM   228  C CG   . ARG A 1 22 ? 1.96872   -7.37962  5.87509   1.000 10.53130 ? 17   ARG A CG   1 
ATOM   229  C CD   . ARG A 1 22 ? 2.85776   -8.52460  6.29764   1.000 12.27577 ? 17   ARG A CD   1 
ATOM   230  N NE   . ARG A 1 22 ? 2.34261   -9.81855  5.87302   1.000 12.26071 ? 17   ARG A NE   1 
ATOM   231  C CZ   . ARG A 1 22 ? 1.77408   -10.71358 6.67146   1.000 11.94748 ? 17   ARG A CZ   1 
ATOM   232  N NH1  . ARG A 1 22 ? 1.53172   -10.44593 7.94793   1.000 13.51756 ? 17   ARG A NH1  1 
ATOM   233  N NH2  . ARG A 1 22 ? 1.43592   -11.90186 6.17477   1.000 13.26053 ? 17   ARG A NH2  1 
ATOM   234  H H    . ARG A 1 22 ? -0.48713  -6.11471  3.97385   1.000 12.05631 ? 17   ARG A H    1 
ATOM   235  H HA   . ARG A 1 22 ? 1.96325   -5.06094  4.47866   1.000 12.33556 ? 17   ARG A HA   1 
ATOM   236  H HB2  . ARG A 1 22 ? 1.35406   -7.78036  3.96925   1.000 12.73002 ? 17   ARG A HB2  1 
ATOM   237  H HB3  . ARG A 1 22 ? 2.84060   -7.22244  4.03506   1.000 12.73002 ? 17   ARG A HB3  1 
ATOM   238  H HG2  . ARG A 1 22 ? 2.29107   -6.58057  6.32062   1.000 12.63756 ? 17   ARG A HG2  1 
ATOM   239  H HG3  . ARG A 1 22 ? 1.06838   -7.58475  6.17211   1.000 12.63756 ? 17   ARG A HG3  1 
ATOM   240  H HD2  . ARG A 1 22 ? 3.73586   -8.40649  5.90281   1.000 14.73093 ? 17   ARG A HD2  1 
ATOM   241  H HD3  . ARG A 1 22 ? 2.92724   -8.53160  7.26512   1.000 14.73093 ? 17   ARG A HD3  1 
ATOM   242  H HE   . ARG A 1 22 ? 2.41214   -10.01860 5.03952   1.000 14.71285 ? 17   ARG A HE   1 
ATOM   243  H HH11 . ARG A 1 22 ? 1.74385   -9.67905  8.27427   1.000 16.22107 ? 17   ARG A HH11 1 
ATOM   244  H HH12 . ARG A 1 22 ? 1.16248   -11.03929 8.44912   1.000 16.22107 ? 17   ARG A HH12 1 
ATOM   245  H HH21 . ARG A 1 22 ? 1.58655   -12.08062 5.34714   1.000 15.91263 ? 17   ARG A HH21 1 
ATOM   246  H HH22 . ARG A 1 22 ? 1.06689   -12.49054 6.68158   1.000 15.91263 ? 17   ARG A HH22 1 
ATOM   247  N N    . LEU A 1 23 ? 2.81450   -5.24767  2.10986   1.000 10.01112 ? 18   LEU A N    1 
ATOM   248  C CA   . LEU A 1 23 ? 3.18549   -5.13353  0.71705   1.000 10.08428 ? 18   LEU A CA   1 
ATOM   249  C C    . LEU A 1 23 ? 4.20568   -6.20184  0.34609   1.000 9.29364  ? 18   LEU A C    1 
ATOM   250  O O    . LEU A 1 23 ? 5.00978   -6.64581  1.16342   1.000 10.25871 ? 18   LEU A O    1 
ATOM   251  C CB   . LEU A 1 23 ? 3.84485   -3.79155  0.41261   1.000 10.49177 ? 18   LEU A CB   1 
ATOM   252  C CG   . LEU A 1 23 ? 2.96450   -2.55604  0.48076   1.000 11.28828 ? 18   LEU A CG   1 
ATOM   253  C CD1  . LEU A 1 23 ? 3.79156   -1.31133  0.44610   1.000 14.13348 ? 18   LEU A CD1  1 
ATOM   254  C CD2  . LEU A 1 23 ? 1.91505   -2.56985  -0.62416  1.000 16.17652 ? 18   LEU A CD2  1 
ATOM   255  H H    . LEU A 1 23 ? 3.47327   -5.11604  2.64679   1.000 12.01334 ? 18   LEU A H    1 
ATOM   256  H HA   . LEU A 1 23 ? 2.37597   -5.24051  0.19345   1.000 12.10114 ? 18   LEU A HA   1 
ATOM   257  H HB2  . LEU A 1 23 ? 4.56388   -3.66136  1.05053   1.000 12.59012 ? 18   LEU A HB2  1 
ATOM   258  H HB3  . LEU A 1 23 ? 4.20355   -3.83326  -0.48766  1.000 12.59012 ? 18   LEU A HB3  1 
ATOM   259  H HG   . LEU A 1 23 ? 2.48583   -2.55790  1.32442   1.000 13.54594 ? 18   LEU A HG   1 
ATOM   260  H HD11 . LEU A 1 23 ? 3.20280   -0.54240  0.39135   1.000 16.96018 ? 18   LEU A HD11 1 
ATOM   261  H HD12 . LEU A 1 23 ? 4.32398   -1.26331  1.25549   1.000 16.96018 ? 18   LEU A HD12 1 
ATOM   262  H HD13 . LEU A 1 23 ? 4.37206   -1.33943  -0.33051  1.000 16.96018 ? 18   LEU A HD13 1 
ATOM   263  H HD21 . LEU A 1 23 ? 1.41605   -1.73851  -0.59617  1.000 19.41182 ? 18   LEU A HD21 1 
ATOM   264  H HD22 . LEU A 1 23 ? 2.36012   -2.65978  -1.48133  1.000 19.41182 ? 18   LEU A HD22 1 
ATOM   265  H HD23 . LEU A 1 23 ? 1.31656   -3.31983  -0.48192  1.000 19.41182 ? 18   LEU A HD23 1 
ATOM   266  N N    . GLN A 1 24 ? 4.23794   -6.52052  -0.94201  1.000 9.76482  ? 19   GLN A N    1 
ATOM   267  C CA   . GLN A 1 24 ? 5.41352   -7.12023  -1.56751  1.000 10.99448 ? 19   GLN A CA   1 
ATOM   268  C C    . GLN A 1 24 ? 5.79451   -6.26300  -2.77033  1.000 10.27548 ? 19   GLN A C    1 
ATOM   269  O O    . GLN A 1 24 ? 4.98263   -5.50244  -3.30339  1.000 12.18883 ? 19   GLN A O    1 
ATOM   270  C CB   . GLN A 1 24 ? 5.12867   -8.54010  -2.05993  1.000 11.53156 ? 19   GLN A CB   1 
ATOM   271  C CG   . GLN A 1 24 ? 5.35229   -9.51991  -0.95334  1.000 12.26497 ? 19   GLN A CG   1 
ATOM   272  C CD   . GLN A 1 24 ? 5.00719   -10.93670 -1.37587  1.000 11.26214 ? 19   GLN A CD   1 
ATOM   273  O OE1  . GLN A 1 24 ? 4.09495   -11.18068 -2.16590  1.000 12.41829 ? 19   GLN A OE1  1 
ATOM   274  N NE2  . GLN A 1 24 ? 5.83907   -11.87708 -0.92914  1.000 12.99888 ? 19   GLN A NE2  1 
ATOM   275  H H    . GLN A 1 24 ? 3.58176   -6.39772  -1.48417  1.000 11.71779 ? 19   GLN A H    1 
ATOM   276  H HA   . GLN A 1 24 ? 6.14343   -7.15270  -0.92948  1.000 13.19337 ? 19   GLN A HA   1 
ATOM   277  H HB2  . GLN A 1 24 ? 4.20605   -8.60499  -2.35227  1.000 13.83787 ? 19   GLN A HB2  1 
ATOM   278  H HB3  . GLN A 1 24 ? 5.72515   -8.75670  -2.79356  1.000 13.83787 ? 19   GLN A HB3  1 
ATOM   279  H HG2  . GLN A 1 24 ? 6.28626   -9.49961  -0.69223  1.000 14.71797 ? 19   GLN A HG2  1 
ATOM   280  H HG3  . GLN A 1 24 ? 4.79147   -9.28284  -0.19823  1.000 14.71797 ? 19   GLN A HG3  1 
ATOM   281  H HE21 . GLN A 1 24 ? 6.51160   -11.65892 -0.43954  1.000 15.59866 ? 19   GLN A HE21 1 
ATOM   282  H HE22 . GLN A 1 24 ? 5.70338   -12.70210 -1.13046  1.000 15.59866 ? 19   GLN A HE22 1 
ATOM   283  N N    . GLY A 1 25 ? 7.03074   -6.39550  -3.21355  1.000 11.47745 ? 20   GLY A N    1 
ATOM   284  C CA   . GLY A 1 25 ? 7.47096   -5.75179  -4.43391  1.000 11.32433 ? 20   GLY A CA   1 
ATOM   285  C C    . GLY A 1 25 ? 8.19960   -4.45510  -4.17414  1.000 10.74764 ? 20   GLY A C    1 
ATOM   286  O O    . GLY A 1 25 ? 8.60689   -4.13481  -3.05112  1.000 12.73066 ? 20   GLY A O    1 
ATOM   287  H H    . GLY A 1 25 ? 7.63990   -6.85827  -2.82068  1.000 13.77294 ? 20   GLY A H    1 
ATOM   288  H HA2  . GLY A 1 25 ? 8.06891   -6.34703  -4.91248  1.000 13.58920 ? 20   GLY A HA2  1 
ATOM   289  H HA3  . GLY A 1 25 ? 6.70063   -5.56221  -4.99208  1.000 13.58920 ? 20   GLY A HA3  1 
ATOM   290  N N    . GLY A 1 26 ? 8.32073   -3.67951  -5.23329  1.000 11.12413 ? 21   GLY A N    1 
ATOM   291  C CA   . GLY A 1 26 ? 9.20986   -2.54581  -5.25629  1.000 11.24777 ? 21   GLY A CA   1 
ATOM   292  C C    . GLY A 1 26 ? 10.34901  -2.79883  -6.22073  1.000 11.50590 ? 21   GLY A C    1 
ATOM   293  O O    . GLY A 1 26 ? 10.61059  -3.92475  -6.64628  1.000 11.92604 ? 21   GLY A O    1 
ATOM   294  H H    . GLY A 1 26 ? 7.88677   -3.79481  -5.96675  1.000 13.34895 ? 21   GLY A H    1 
ATOM   295  H HA2  . GLY A 1 26 ? 8.72725   -1.75335  -5.53915  1.000 13.49733 ? 21   GLY A HA2  1 
ATOM   296  H HA3  . GLY A 1 26 ? 9.57448   -2.39407  -4.37034  1.000 13.49733 ? 21   GLY A HA3  1 
ATOM   297  N N    . LYS A 1 27 ? 11.03029  -1.72405  -6.57053  1.000 12.09566 ? 22   LYS A N    1 
ATOM   298  C CA   . LYS A 1 27 ? 12.04909  -1.81914  -7.60477  1.000 13.65747 ? 22   LYS A CA   1 
ATOM   299  C C    . LYS A 1 27 ? 13.11321  -2.85356  -7.26132  1.000 12.20983 ? 22   LYS A C    1 
ATOM   300  O O    . LYS A 1 27 ? 13.59512  -3.56528  -8.15427  1.000 14.19663 ? 22   LYS A O    1 
ATOM   301  C CB   . LYS A 1 27 ? 12.65610  -0.42839  -7.76814  1.000 17.56041 ? 22   LYS A CB   1 
ATOM   302  C CG   . LYS A 1 27 ? 13.96261  -0.38173  -8.48697  1.000 22.77218 ? 22   LYS A CG   1 
ATOM   303  C CD   . LYS A 1 27 ? 14.45727  1.05116   -8.56516  1.000 25.94814 ? 22   LYS A CD   1 
ATOM   304  C CE   . LYS A 1 27 ? 15.00096  1.52120   -7.22421  1.000 27.84745 ? 22   LYS A CE   1 
ATOM   305  N NZ   . LYS A 1 27 ? 15.72052  2.80267   -7.38829  1.000 19.69920 ? 22   LYS A NZ   1 
ATOM   306  H H    . LYS A 1 27 ? 10.92690  -0.93984  -6.23301  1.000 14.51480 ? 22   LYS A H    1 
ATOM   307  H HA   . LYS A 1 27 ? 11.65732  -2.10641  -8.44435  1.000 16.38897 ? 22   LYS A HA   1 
ATOM   308  H HB2  . LYS A 1 27 ? 12.03155  0.12088   -8.26728  1.000 21.07249 ? 22   LYS A HB2  1 
ATOM   309  H HB3  . LYS A 1 27 ? 12.79781  -0.05128  -6.88576  1.000 21.07249 ? 22   LYS A HB3  1 
ATOM   310  H HG2  . LYS A 1 27 ? 14.61876  -0.91237  -8.00864  1.000 27.32662 ? 22   LYS A HG2  1 
ATOM   311  H HG3  . LYS A 1 27 ? 13.85297  -0.72327  -9.38821  1.000 27.32662 ? 22   LYS A HG3  1 
ATOM   312  H HD2  . LYS A 1 27 ? 15.16885  1.11100   -9.22164  1.000 31.13777 ? 22   LYS A HD2  1 
ATOM   313  H HD3  . LYS A 1 27 ? 13.72287  1.63220   -8.81804  1.000 31.13777 ? 22   LYS A HD3  1 
ATOM   314  H HE2  . LYS A 1 27 ? 14.26781  1.65367   -6.60305  1.000 33.41694 ? 22   LYS A HE2  1 
ATOM   315  H HE3  . LYS A 1 27 ? 15.61837  0.86078   -6.87271  1.000 33.41694 ? 22   LYS A HE3  1 
ATOM   316  H HZ1  . LYS A 1 27 ? 16.03531  3.07779   -6.60260  1.000 23.63904 ? 22   LYS A HZ1  1 
ATOM   317  H HZ2  . LYS A 1 27 ? 16.40138  2.69944   -7.95211  1.000 23.63904 ? 22   LYS A HZ2  1 
ATOM   318  H HZ3  . LYS A 1 27 ? 15.16923  3.42211   -7.71151  1.000 23.63904 ? 22   LYS A HZ3  1 
ATOM   319  N N    . ASP A 1 28 ? 13.49465  -2.94512  -5.98149  1.000 12.82831 ? 23   ASP A N    1 
ATOM   320  C CA   . ASP A 1 28 ? 14.53727  -3.86037  -5.52716  1.000 13.34678 ? 23   ASP A CA   1 
ATOM   321  C C    . ASP A 1 28 ? 14.10168  -5.32318  -5.51628  1.000 13.70810 ? 23   ASP A C    1 
ATOM   322  O O    . ASP A 1 28 ? 14.93910  -6.20397  -5.27833  1.000 15.78501 ? 23   ASP A O    1 
ATOM   323  C CB   . ASP A 1 28 ? 15.09942  -3.42931  -4.15831  1.000 14.56600 ? 23   ASP A CB   1 
ATOM   324  C CG   . ASP A 1 28 ? 14.02911  -3.10645  -3.11624  1.000 12.60047 ? 23   ASP A CG   1 
ATOM   325  O OD1  . ASP A 1 28 ? 12.91360  -2.60911  -3.44365  1.000 12.09213 ? 23   ASP A OD1  1 
ATOM   326  O OD2  . ASP A 1 28 ? 14.32322  -3.40418  -1.93962  1.000 17.35741 ? 23   ASP A OD2  1 
ATOM   327  H H    . ASP A 1 28 ? 13.15532  -2.47600  -5.34557  1.000 15.39398 ? 23   ASP A H    1 
ATOM   328  H HA   . ASP A 1 28 ? 15.27785  -3.80052  -6.15076  1.000 16.01613 ? 23   ASP A HA   1 
ATOM   329  H HB2  . ASP A 1 28 ? 15.64515  -4.14958  -3.80576  1.000 17.47920 ? 23   ASP A HB2  1 
ATOM   330  H HB3  . ASP A 1 28 ? 15.63979  -2.63318  -4.28109  1.000 17.47920 ? 23   ASP A HB3  1 
ATOM   331  N N    . PHE A 1 29 ? 12.83626  -5.59029  -5.78448  1.000 11.93039 ? 24   PHE A N    1 
ATOM   332  C CA   . PHE A 1 29 ? 12.30775  -6.93368  -5.91057  1.000 13.59634 ? 24   PHE A CA   1 
ATOM   333  C C    . PHE A 1 29 ? 11.85264  -7.24910  -7.32949  1.000 12.38610 ? 24   PHE A C    1 
ATOM   334  O O    . PHE A 1 29 ? 11.34684  -8.33943  -7.58230  1.000 14.43057 ? 24   PHE A O    1 
ATOM   335  C CB   . PHE A 1 29 ? 11.17334  -7.11699  -4.90563  1.000 13.36520 ? 24   PHE A CB   1 
ATOM   336  C CG   . PHE A 1 29 ? 11.65655  -7.23937  -3.48658  1.000 13.85496 ? 24   PHE A CG   1 
ATOM   337  C CD1  . PHE A 1 29 ? 11.85938  -6.11729  -2.70546  1.000 15.84297 ? 24   PHE A CD1  1 
ATOM   338  C CD2  . PHE A 1 29 ? 11.94975  -8.47515  -2.95396  1.000 15.84977 ? 24   PHE A CD2  1 
ATOM   339  C CE1  . PHE A 1 29 ? 12.31024  -6.23207  -1.40234  1.000 17.19832 ? 24   PHE A CE1  1 
ATOM   340  C CE2  . PHE A 1 29 ? 12.41170  -8.59987  -1.66088  1.000 16.60075 ? 24   PHE A CE2  1 
ATOM   341  C CZ   . PHE A 1 29 ? 12.60231  -7.47045  -0.88396  1.000 19.10628 ? 24   PHE A CZ   1 
ATOM   342  H H    . PHE A 1 29 ? 12.23857  -4.98335  -5.90277  1.000 14.31647 ? 24   PHE A H    1 
ATOM   343  H HA   . PHE A 1 29 ? 12.99177  -7.58588  -5.69228  1.000 16.31560 ? 24   PHE A HA   1 
ATOM   344  H HB2  . PHE A 1 29 ? 10.58238  -6.34937  -4.95501  1.000 16.03824 ? 24   PHE A HB2  1 
ATOM   345  H HB3  . PHE A 1 29 ? 10.68555  -7.92591  -5.12610  1.000 16.03824 ? 24   PHE A HB3  1 
ATOM   346  H HD1  . PHE A 1 29 ? 11.69066  -5.27435  -3.06027  1.000 19.01157 ? 24   PHE A HD1  1 
ATOM   347  H HD2  . PHE A 1 29 ? 11.83437  -9.23716  -3.47447  1.000 19.01973 ? 24   PHE A HD2  1 
ATOM   348  H HE1  . PHE A 1 29 ? 12.41552  -5.47142  -0.87771  1.000 20.63798 ? 24   PHE A HE1  1 
ATOM   349  H HE2  . PHE A 1 29 ? 12.59499  -9.44189  -1.31115  1.000 19.92090 ? 24   PHE A HE2  1 
ATOM   350  H HZ   . PHE A 1 29 ? 12.92630  -7.54937  -0.01579  1.000 22.92754 ? 24   PHE A HZ   1 
ATOM   351  N N    . ASN A 1 30 ? 12.00360  -6.31945  -8.26319  1.000 11.37746 ? 25   ASN A N    1 
ATOM   352  C CA   . ASN A 1 30 ? 11.64342  -6.56407  -9.66084  1.000 11.54812 ? 25   ASN A CA   1 
ATOM   353  C C    . ASN A 1 30 ? 10.21031  -7.02717  -9.81854  1.000 10.54087 ? 25   ASN A C    1 
ATOM   354  O O    . ASN A 1 30 ? 9.92300   -7.90949  -10.63124 1.000 11.67686 ? 25   ASN A O    1 
ATOM   355  C CB   . ASN A 1 30 ? 12.60298  -7.51354  -10.35505 1.000 12.25039 ? 25   ASN A CB   1 
ATOM   356  C CG   . ASN A 1 30 ? 13.97874  -6.93340  -10.41528 1.000 14.55923 ? 25   ASN A CG   1 
ATOM   357  O OD1  . ASN A 1 30 ? 14.86787  -7.25538  -9.63285  1.000 15.80812 ? 25   ASN A OD1  1 
ATOM   358  N ND2  . ASN A 1 30 ? 14.13831  -5.98887  -11.31831 1.000 15.53598 ? 25   ASN A ND2  1 
ATOM   359  H H    . ASN A 1 30 ? 12.31473  -5.53147  -8.11526  1.000 13.65295 ? 25   ASN A H    1 
ATOM   360  H HA   . ASN A 1 30 ? 11.71452  -5.70738  -10.11019 1.000 13.85774 ? 25   ASN A HA   1 
ATOM   361  H HB2  . ASN A 1 30 ? 12.64275  -8.34897  -9.86375  1.000 14.70047 ? 25   ASN A HB2  1 
ATOM   362  H HB3  . ASN A 1 30 ? 12.29771  -7.67584  -11.26134 1.000 14.70047 ? 25   ASN A HB3  1 
ATOM   363  H HD21 . ASN A 1 30 ? 13.47721  -5.75289  -11.81515 1.000 18.64318 ? 25   ASN A HD21 1 
ATOM   364  H HD22 . ASN A 1 30 ? 14.90364  -5.60782  -11.41138 1.000 18.64318 ? 25   ASN A HD22 1 
ATOM   365  N N    . MET A 1 31 ? 9.31066   -6.38371  -9.08163  1.000 12.56822 ? 26   MET A N    1 
ATOM   366  C CA   . MET A 1 31 ? 7.88063   -6.56686  -9.24258  1.000 11.78029 ? 26   MET A CA   1 
ATOM   367  C C    . MET A 1 31 ? 7.19412   -5.31129  -8.74753  1.000 10.87534 ? 26   MET A C    1 
ATOM   368  O O    . MET A 1 31 ? 7.72935   -4.61022  -7.87436  1.000 11.99945 ? 26   MET A O    1 
ATOM   369  C CB   . MET A 1 31 ? 7.39148   -7.80884  -8.49007  1.000 16.12911 ? 26   MET A CB   1 
ATOM   370  C CG   . MET A 1 31 ? 7.46646   -7.70615  -7.01845  1.000 21.68746 ? 26   MET A CG   1 
ATOM   371  S SD   . MET A 1 31 ? 6.58451   -9.02068  -6.20680  1.000 16.97749 ? 26   MET A SD   1 
ATOM   372  C CE   . MET A 1 31 ? 4.83754   -8.47837  -6.31829  1.000 16.86216 ? 26   MET A CE   1 
ATOM   373  H H    . MET A 1 31 ? 9.51341   -5.81995  -8.46465  1.000 15.08186 ? 26   MET A H    1 
ATOM   374  H HA   . MET A 1 31 ? 7.66430   -6.69573  -10.17932 1.000 14.13634 ? 26   MET A HA   1 
ATOM   375  H HB2  . MET A 1 31 ? 6.46373   -7.96649  -8.72531  1.000 19.35493 ? 26   MET A HB2  1 
ATOM   376  H HB3  . MET A 1 31 ? 7.93506   -8.56606  -8.75844  1.000 19.35493 ? 26   MET A HB3  1 
ATOM   377  H HG2  . MET A 1 31 ? 8.39557   -7.75059  -6.74334  1.000 26.02496 ? 26   MET A HG2  1 
ATOM   378  H HG3  . MET A 1 31 ? 7.07742   -6.86297  -6.73812  1.000 26.02496 ? 26   MET A HG3  1 
ATOM   379  H HE1  . MET A 1 31 ? 4.27261   -9.14421  -5.89592  1.000 20.23459 ? 26   MET A HE1  1 
ATOM   380  H HE2  . MET A 1 31 ? 4.74161   -7.62680  -5.86383  1.000 20.23459 ? 26   MET A HE2  1 
ATOM   381  H HE3  . MET A 1 31 ? 4.59528   -8.38372  -7.25277  1.000 20.23459 ? 26   MET A HE3  1 
ATOM   382  N N    . PRO A 1 32 ? 6.02899   -4.99545  -9.27269  1.000 11.97866 ? 27   PRO A N    1 
ATOM   383  C CA   . PRO A 1 32 ? 5.31431   -3.81718  -8.78224  1.000 11.92338 ? 27   PRO A CA   1 
ATOM   384  C C    . PRO A 1 32 ? 4.89404   -4.00761  -7.33232  1.000 10.90868 ? 27   PRO A C    1 
ATOM   385  O O    . PRO A 1 32 ? 4.67151   -5.11704  -6.85360  1.000 11.07056 ? 27   PRO A O    1 
ATOM   386  C CB   . PRO A 1 32 ? 4.10437   -3.71995  -9.71889  1.000 15.78747 ? 27   PRO A CB   1 
ATOM   387  C CG   . PRO A 1 32 ? 3.93173   -5.11271  -10.26936 1.000 20.70464 ? 27   PRO A CG   1 
ATOM   388  C CD   . PRO A 1 32 ? 5.32447   -5.67831  -10.37015 1.000 13.25496 ? 27   PRO A CD   1 
ATOM   389  H HA   . PRO A 1 32 ? 5.84805   -3.01180  -8.86814  1.000 14.30805 ? 27   PRO A HA   1 
ATOM   390  H HB2  . PRO A 1 32 ? 3.32023   -3.44357  -9.21924  1.000 18.94497 ? 27   PRO A HB2  1 
ATOM   391  H HB3  . PRO A 1 32 ? 4.28585   -3.08499  -10.42937 1.000 18.94497 ? 27   PRO A HB3  1 
ATOM   392  H HG2  . PRO A 1 32 ? 3.38770   -5.64060  -9.66417  1.000 24.84557 ? 27   PRO A HG2  1 
ATOM   393  H HG3  . PRO A 1 32 ? 3.51177   -5.07160  -11.14276 1.000 24.84557 ? 27   PRO A HG3  1 
ATOM   394  H HD2  . PRO A 1 32 ? 5.32026   -6.63901  -10.23622 1.000 15.90595 ? 27   PRO A HD2  1 
ATOM   395  H HD3  . PRO A 1 32 ? 5.72549   -5.46456  -11.22711 1.000 15.90595 ? 27   PRO A HD3  1 
ATOM   396  N N    . LEU A 1 33 ? 4.75744   -2.89876  -6.64383  1.000 10.36052 ? 28   LEU A N    1 
ATOM   397  C CA   . LEU A 1 33 ? 4.27787   -2.91861  -5.28308  1.000 10.01008 ? 28   LEU A CA   1 
ATOM   398  C C    . LEU A 1 33 ? 2.84236   -3.41512  -5.26985  1.000 9.48409  ? 28   LEU A C    1 
ATOM   399  O O    . LEU A 1 33 ? 1.99015   -2.89791  -5.99328  1.000 10.49114 ? 28   LEU A O    1 
ATOM   400  C CB   . LEU A 1 33 ? 4.37307   -1.51983  -4.68320  1.000 10.72676 ? 28   LEU A CB   1 
ATOM   401  C CG   . LEU A 1 33 ? 5.80720   -1.04747  -4.37721  1.000 11.84320 ? 28   LEU A CG   1 
ATOM   402  C CD1  . LEU A 1 33 ? 5.96581   0.46040   -4.33482  1.000 14.46383 ? 28   LEU A CD1  1 
ATOM   403  C CD2  . LEU A 1 33 ? 6.27889   -1.67475  -3.07291  1.000 13.50295 ? 28   LEU A CD2  1 
ATOM   404  H H    . LEU A 1 33 ? 4.93702   -2.11281  -6.94322  1.000 12.43262 ? 28   LEU A H    1 
ATOM   405  H HA   . LEU A 1 33 ? 4.81884   -3.51112  -4.73792  1.000 12.01210 ? 28   LEU A HA   1 
ATOM   406  H HB2  . LEU A 1 33 ? 3.98447   -0.88940  -5.30964  1.000 12.87211 ? 28   LEU A HB2  1 
ATOM   407  H HB3  . LEU A 1 33 ? 3.87679   -1.50812  -3.84985  1.000 12.87211 ? 28   LEU A HB3  1 
ATOM   408  H HG   . LEU A 1 33 ? 6.37097   -1.33938  -5.11060  1.000 14.21184 ? 28   LEU A HG   1 
ATOM   409  H HD11 . LEU A 1 33 ? 6.83584   0.67612   -3.96411  1.000 17.35660 ? 28   LEU A HD11 1 
ATOM   410  H HD12 . LEU A 1 33 ? 5.89427   0.81094   -5.23642  1.000 17.35660 ? 28   LEU A HD12 1 
ATOM   411  H HD13 . LEU A 1 33 ? 5.26641   0.83596   -3.77744  1.000 17.35660 ? 28   LEU A HD13 1 
ATOM   412  H HD21 . LEU A 1 33 ? 7.18072   -1.37125  -2.88451  1.000 16.20354 ? 28   LEU A HD21 1 
ATOM   413  H HD22 . LEU A 1 33 ? 5.68231   -1.40306  -2.35794  1.000 16.20354 ? 28   LEU A HD22 1 
ATOM   414  H HD23 . LEU A 1 33 ? 6.26720   -2.64035  -3.16450  1.000 16.20354 ? 28   LEU A HD23 1 
ATOM   415  N N    . THR A 1 34 ? 2.58203   -4.41980  -4.44307  1.000 9.83361  ? 29   THR A N    1 
ATOM   416  C CA   . THR A 1 34 ? 1.34388   -5.18058  -4.46326  1.000 9.95719  ? 29   THR A CA   1 
ATOM   417  C C    . THR A 1 34 ? 0.88181   -5.41182  -3.02570  1.000 9.79424  ? 29   THR A C    1 
ATOM   418  O O    . THR A 1 34 ? 1.68280   -5.79117  -2.15928  1.000 10.74748 ? 29   THR A O    1 
ATOM   419  C CB   . THR A 1 34 ? 1.63338   -6.51642  -5.14848  1.000 10.70522 ? 29   THR A CB   1 
ATOM   420  O OG1  . THR A 1 34 ? 2.11344   -6.29373  -6.48136  1.000 11.82245 ? 29   THR A OG1  1 
ATOM   421  C CG2  . THR A 1 34 ? 0.42883   -7.37420  -5.25540  1.000 11.49811 ? 29   THR A CG2  1 
ATOM   422  H H    . THR A 1 34 ? 3.12998   -4.68949  -3.83758  1.000 11.80033 ? 29   THR A H    1 
ATOM   423  H HA   . THR A 1 34 ? 0.62879   -4.71203  -4.92153  1.000 11.94862 ? 29   THR A HA   1 
ATOM   424  H HB   . THR A 1 34 ? 2.29495   -6.97548  -4.60765  1.000 12.84627 ? 29   THR A HB   1 
ATOM   425  H HG1  . THR A 1 34 ? 2.84952   -5.88973  -6.45786  1.000 14.18694 ? 29   THR A HG1  1 
ATOM   426  H HG21 . THR A 1 34 ? 0.63091   -8.16631  -5.77754  1.000 13.79773 ? 29   THR A HG21 1 
ATOM   427  H HG22 . THR A 1 34 ? 0.13563   -7.64606  -4.37164  1.000 13.79773 ? 29   THR A HG22 1 
ATOM   428  H HG23 . THR A 1 34 ? -0.28866  -6.88606  -5.68880  1.000 13.79773 ? 29   THR A HG23 1 
ATOM   429  N N    . ILE A 1 35 ? -0.41455  -5.21118  -2.77962  1.000 9.64643  ? 30   ILE A N    1 
ATOM   430  C CA   . ILE A 1 35 ? -0.99965  -5.56720  -1.48950  1.000 9.62261  ? 30   ILE A CA   1 
ATOM   431  C C    . ILE A 1 35 ? -0.88673  -7.07098  -1.31808  1.000 8.85323  ? 30   ILE A C    1 
ATOM   432  O O    . ILE A 1 35 ? -1.38778  -7.84194  -2.14797  1.000 10.86133 ? 30   ILE A O    1 
ATOM   433  C CB   . ILE A 1 35 ? -2.47054  -5.15742  -1.42729  1.000 9.87394  ? 30   ILE A CB   1 
ATOM   434  C CG1  . ILE A 1 35 ? -2.64403  -3.66655  -1.64904  1.000 10.01985 ? 30   ILE A CG1  1 
ATOM   435  C CG2  . ILE A 1 35 ? -3.08448  -5.60469  -0.08429  1.000 11.43347 ? 30   ILE A CG2  1 
ATOM   436  C CD1  . ILE A 1 35 ? -2.04114  -2.77613  -0.60187  1.000 11.46074 ? 30   ILE A CD1  1 
ATOM   437  H H    . ILE A 1 35 ? -0.97215  -4.87253  -3.33999  1.000 11.57572 ? 30   ILE A H    1 
ATOM   438  H HA   . ILE A 1 35 ? -0.51014  -5.10872  -0.78874  1.000 11.54713 ? 30   ILE A HA   1 
ATOM   439  H HB   . ILE A 1 35 ? -2.94143  -5.60456  -2.14785  1.000 11.84873 ? 30   ILE A HB   1 
ATOM   440  H HG12 . ILE A 1 35 ? -2.23093  -3.43504  -2.49559  1.000 12.02383 ? 30   ILE A HG12 1 
ATOM   441  H HG13 . ILE A 1 35 ? -3.59389  -3.47222  -1.67926  1.000 12.02383 ? 30   ILE A HG13 1 
ATOM   442  H HG21 . ILE A 1 35 ? -3.93181  -5.14992  0.04265   1.000 13.72017 ? 30   ILE A HG21 1 
ATOM   443  H HG22 . ILE A 1 35 ? -3.22398  -6.56439  -0.10486  1.000 13.72017 ? 30   ILE A HG22 1 
ATOM   444  H HG23 . ILE A 1 35 ? -2.47462  -5.37442  0.63401   1.000 13.72017 ? 30   ILE A HG23 1 
ATOM   445  H HD11 . ILE A 1 35 ? -2.19432  -1.85049  -0.84810  1.000 13.75288 ? 30   ILE A HD11 1 
ATOM   446  H HD12 . ILE A 1 35 ? -2.46006  -2.96484  0.25242   1.000 13.75288 ? 30   ILE A HD12 1 
ATOM   447  H HD13 . ILE A 1 35 ? -1.08852  -2.95103  -0.54894  1.000 13.75288 ? 30   ILE A HD13 1 
ATOM   448  N N    . SER A 1 36 ? -0.23786  -7.50584  -0.24690  1.000 9.81189  ? 31   SER A N    1 
ATOM   449  C CA   . SER A 1 36 ? 0.09338   -8.91854  -0.10251  1.000 10.72687 ? 31   SER A CA   1 
ATOM   450  C C    . SER A 1 36 ? -0.54477  -9.58965  1.10724   1.000 10.62085 ? 31   SER A C    1 
ATOM   451  O O    . SER A 1 36 ? -0.51714  -10.83269 1.18660   1.000 11.13390 ? 31   SER A O    1 
ATOM   452  C CB   . SER A 1 36 ? 1.61200   -9.13590  -0.08062  1.000 11.54395 ? 31   SER A CB   1 
ATOM   453  O OG   . SER A 1 36 ? 2.19111   -8.63058  1.10881   1.000 10.47732 ? 31   SER A OG   1 
ATOM   454  H H    . SER A 1 36 ? 0.01971   -7.00758  0.40502   1.000 11.77427 ? 31   SER A H    1 
ATOM   455  H HA   . SER A 1 36 ? -0.23781  -9.38271  -0.88723  1.000 12.87224 ? 31   SER A HA   1 
ATOM   456  H HB2  . SER A 1 36 ? 1.79310   -10.08714 -0.13757  1.000 13.85274 ? 31   SER A HB2  1 
ATOM   457  H HB3  . SER A 1 36 ? 2.00500   -8.67733  -0.83968  1.000 13.85274 ? 31   SER A HB3  1 
ATOM   458  H HG   . SER A 1 36 ? 2.02037   -7.81176  1.18613   1.000 12.57278 ? 31   SER A HG   1 
ATOM   459  N N    . SER A 1 37 ? -1.13079  -8.82476  2.02000   1.000 11.20464 ? 32   SER A N    1 
ATOM   460  C CA   . SER A 1 37 ? -1.84613  -9.37862  3.15641   1.000 11.91094 ? 32   SER A CA   1 
ATOM   461  C C    . SER A 1 37 ? -2.75763  -8.28356  3.68702   1.000 11.40931 ? 32   SER A C    1 
ATOM   462  O O    . SER A 1 37 ? -2.44603  -7.08925  3.55709   1.000 11.09235 ? 32   SER A O    1 
ATOM   463  C CB   . SER A 1 37 ? -0.87524  -9.80311  4.25904   1.000 12.03227 ? 32   SER A CB   1 
ATOM   464  O OG   . SER A 1 37 ? -1.56602  -10.35542 5.35712   1.000 13.33173 ? 32   SER A OG   1 
ATOM   465  H H    . SER A 1 37 ? -1.12730  -7.96496  2.00166   1.000 13.44557 ? 32   SER A H    1 
ATOM   466  H HA   . SER A 1 37 ? -2.37067  -10.14849 2.88613   1.000 14.29312 ? 32   SER A HA   1 
ATOM   467  H HB2  . SER A 1 37 ? -0.26602  -10.46874 3.90312   1.000 14.43872 ? 32   SER A HB2  1 
ATOM   468  H HB3  . SER A 1 37 ? -0.37885  -9.02528  4.55817   1.000 14.43872 ? 32   SER A HB3  1 
ATOM   469  H HG   . SER A 1 37 ? -2.04213  -9.76752  5.72221   1.000 15.99807 ? 32   SER A HG   1 
ATOM   470  N N    . LEU A 1 38 ? -3.86837  -8.68712  4.29259   1.000 12.17999 ? 33   LEU A N    1 
ATOM   471  C CA   . LEU A 1 38 ? -4.79451  -7.77218  4.93680   1.000 13.23022 ? 33   LEU A CA   1 
ATOM   472  C C    . LEU A 1 38 ? -5.09874  -8.25785  6.34035   1.000 13.01042 ? 33   LEU A C    1 
ATOM   473  O O    . LEU A 1 38 ? -5.44129  -9.42971  6.53124   1.000 15.99474 ? 33   LEU A O    1 
ATOM   474  C CB   . LEU A 1 38 ? -6.12408  -7.73004  4.20204   1.000 14.55276 ? 33   LEU A CB   1 
ATOM   475  C CG   . LEU A 1 38 ? -6.10634  -7.12825  2.81109   1.000 17.51167 ? 33   LEU A CG   1 
ATOM   476  C CD1  . LEU A 1 38 ? -7.41431  -7.44468  2.10433   1.000 20.99100 ? 33   LEU A CD1  1 
ATOM   477  C CD2  . LEU A 1 38 ? -5.88296  -5.61629  2.85802   1.000 17.67859 ? 33   LEU A CD2  1 
ATOM   478  H H    . LEU A 1 38 ? -4.11182  -9.51037  4.34353   1.000 14.61599 ? 33   LEU A H    1 
ATOM   479  H HA   . LEU A 1 38 ? -4.38003  -6.89552  4.96047   1.000 15.87627 ? 33   LEU A HA   1 
ATOM   480  H HB2  . LEU A 1 38 ? -6.44889  -8.63992  4.11535   1.000 17.46331 ? 33   LEU A HB2  1 
ATOM   481  H HB3  . LEU A 1 38 ? -6.74430  -7.20548  4.73219   1.000 17.46331 ? 33   LEU A HB3  1 
ATOM   482  H HG   . LEU A 1 38 ? -5.36962  -7.51324  2.31117   1.000 21.01401 ? 33   LEU A HG   1 
ATOM   483  H HD11 . LEU A 1 38 ? -7.39331  -7.06006  1.21409   1.000 25.18920 ? 33   LEU A HD11 1 
ATOM   484  H HD12 . LEU A 1 38 ? -7.51705  -8.40748  2.04636   1.000 25.18920 ? 33   LEU A HD12 1 
ATOM   485  H HD13 . LEU A 1 38 ? -8.14781  -7.06373  2.61203   1.000 25.18920 ? 33   LEU A HD13 1 
ATOM   486  H HD21 . LEU A 1 38 ? -5.87001  -5.27070  1.95177   1.000 21.21431 ? 33   LEU A HD21 1 
ATOM   487  H HD22 . LEU A 1 38 ? -6.60546  -5.20570  3.35831   1.000 21.21431 ? 33   LEU A HD22 1 
ATOM   488  H HD23 . LEU A 1 38 ? -5.03501  -5.43571  3.29306   1.000 21.21431 ? 33   LEU A HD23 1 
ATOM   489  N N    . LYS A 1 39 ? -5.04769  -7.35906  7.30799   1.000 13.79694 ? 34   LYS A N    1 
ATOM   490  C CA   . LYS A 1 39 ? -5.45619  -7.69615  8.66144   1.000 14.24896 ? 34   LYS A CA   1 
ATOM   491  C C    . LYS A 1 39 ? -6.98225  -7.73697  8.70610   1.000 16.68700 ? 34   LYS A C    1 
ATOM   492  O O    . LYS A 1 39 ? -7.66073  -6.82340  8.21464   1.000 15.92998 ? 34   LYS A O    1 
ATOM   493  C CB   . LYS A 1 39 ? -4.91033  -6.64575  9.62557   1.000 19.63566 ? 34   LYS A CB   1 
ATOM   494  C CG   . LYS A 1 39 ? -4.40809  -7.20502  10.95392  1.000 30.94974 ? 34   LYS A CG   1 
ATOM   495  H H    . LYS A 1 39 ? -4.78076  -6.54767  7.20803   1.000 16.55633 ? 34   LYS A H    1 
ATOM   496  H HA   . LYS A 1 39 ? -5.11295  -8.56187  8.93276   1.000 17.09875 ? 34   LYS A HA   1 
ATOM   497  H HB2  . LYS A 1 39 ? -4.16672  -6.19186  9.19903   1.000 23.56279 ? 34   LYS A HB2  1 
ATOM   498  H HB3  . LYS A 1 39 ? -5.61690  -6.01130  9.82336   1.000 23.56279 ? 34   LYS A HB3  1 
ATOM   499  H HG2  . LYS A 1 39 ? -3.70167  -7.84887  10.78077  1.000 37.13968 ? 34   LYS A HG2  1 
ATOM   500  H HG3  . LYS A 1 39 ? -4.05408  -6.47252  11.48332  1.000 37.13968 ? 34   LYS A HG3  1 
ATOM   501  N N    . ASP A 1 40 ? -7.52780  -8.81850  9.25929   1.000 18.23603 ? 35   ASP A N    1 
ATOM   502  C CA   . ASP A 1 40 ? -8.97160  -8.96549  9.28451   1.000 19.06731 ? 35   ASP A CA   1 
ATOM   503  C C    . ASP A 1 40 ? -9.56842  -7.78799  10.03320  1.000 19.16911 ? 35   ASP A C    1 
ATOM   504  O O    . ASP A 1 40 ? -9.15280  -7.46906  11.15021  1.000 21.65119 ? 35   ASP A O    1 
ATOM   505  C CB   . ASP A 1 40 ? -9.37916  -10.26993 9.95950   1.000 31.49330 ? 35   ASP A CB   1 
ATOM   506  C CG   . ASP A 1 40 ? -10.83070 -10.62938 9.67818   1.000 44.05262 ? 35   ASP A CG   1 
ATOM   507  O OD1  . ASP A 1 40 ? -11.11712 -11.11614 8.56130   1.000 44.05763 ? 35   ASP A OD1  1 
ATOM   508  O OD2  . ASP A 1 40 ? -11.69151 -10.39210 10.55782  1.000 41.04554 ? 35   ASP A OD2  1 
ATOM   509  H H    . ASP A 1 40 ? -7.08952  -9.46559  9.61816   1.000 21.88324 ? 35   ASP A H    1 
ATOM   510  H HA   . ASP A 1 40 ? -9.31293  -8.99186  8.37693   1.000 22.88077 ? 35   ASP A HA   1 
ATOM   511  H HB2  . ASP A 1 40 ? -8.81918  -10.98912 9.62769   1.000 37.79197 ? 35   ASP A HB2  1 
ATOM   512  H HB3  . ASP A 1 40 ? -9.26983  -10.18006 10.91912  1.000 37.79197 ? 35   ASP A HB3  1 
ATOM   513  N N    . GLY A 1 41 ? -10.51850 -7.11757  9.39784   1.000 20.63207 ? 36   GLY A N    1 
ATOM   514  C CA   . GLY A 1 41 ? -11.14992 -5.97752  10.02778  1.000 20.15585 ? 36   GLY A CA   1 
ATOM   515  C C    . GLY A 1 41 ? -10.30210 -4.73552  10.16882  1.000 18.23706 ? 36   GLY A C    1 
ATOM   516  O O    . GLY A 1 41 ? -10.75382 -3.77630  10.79545  1.000 20.51266 ? 36   GLY A O    1 
ATOM   517  H H    . GLY A 1 41 ? -10.81000 -7.30303  8.61029   1.000 24.75848 ? 36   GLY A H    1 
ATOM   518  H HA2  . GLY A 1 41 ? -11.93227 -5.73644  9.50748   1.000 24.18702 ? 36   GLY A HA2  1 
ATOM   519  H HA3  . GLY A 1 41 ? -11.43127 -6.23868  10.91859  1.000 24.18702 ? 36   GLY A HA3  1 
ATOM   520  N N    . GLY A 1 42 ? -9.09921  -4.71548  9.60079   1.000 17.77439 ? 37   GLY A N    1 
ATOM   521  C CA   . GLY A 1 42 ? -8.25805  -3.53820  9.62945   1.000 18.17012 ? 37   GLY A CA   1 
ATOM   522  C C    . GLY A 1 42 ? -8.73828  -2.47502  8.65741   1.000 16.30429 ? 37   GLY A C    1 
ATOM   523  O O    . GLY A 1 42 ? -9.71028  -2.64007  7.92777   1.000 15.72178 ? 37   GLY A O    1 
ATOM   524  H H    . GLY A 1 42 ? -8.74803  -5.38339  9.18829   1.000 21.32927 ? 37   GLY A H    1 
ATOM   525  H HA2  . GLY A 1 42 ? -8.26019  -3.16140  10.52327  1.000 21.80414 ? 37   GLY A HA2  1 
ATOM   526  H HA3  . GLY A 1 42 ? -7.35013  -3.78410  9.39257   1.000 21.80414 ? 37   GLY A HA3  1 
ATOM   527  N N    . LYS A 1 43 ? -8.02188  -1.35654  8.63023   1.000 15.64577 ? 38   LYS A N    1 
ATOM   528  C CA   . LYS A 1 43 ? -8.53863  -0.21056  7.88900   1.000 15.79251 ? 38   LYS A CA   1 
ATOM   529  C C    . LYS A 1 43 ? -8.49380  -0.43552  6.38533   1.000 13.68654 ? 38   LYS A C    1 
ATOM   530  O O    . LYS A 1 43 ? -9.40147  -0.01305  5.66252   1.000 14.47638 ? 38   LYS A O    1 
ATOM   531  C CB   . LYS A 1 43 ? -7.75363  1.02891   8.27839   1.000 17.75003 ? 38   LYS A CB   1 
ATOM   532  C CG   . LYS A 1 43 ? -8.21770  1.53208   9.61026   1.000 18.28692 ? 38   LYS A CG   1 
ATOM   533  C CD   . LYS A 1 43 ? -7.41257  2.68081   10.13628  1.000 18.97505 ? 38   LYS A CD   1 
ATOM   534  C CE   . LYS A 1 43 ? -7.94851  3.10398   11.48875  1.000 21.16395 ? 38   LYS A CE   1 
ATOM   535  N NZ   . LYS A 1 43 ? -7.27154  4.32556   11.97421  1.000 23.58249 ? 38   LYS A NZ   1 
ATOM   536  H H    . LYS A 1 43 ? -7.26292  -1.23818  9.01699   1.000 18.77492 ? 38   LYS A H    1 
ATOM   537  H HA   . LYS A 1 43 ? -9.46965  -0.07489  8.12500   1.000 18.95101 ? 38   LYS A HA   1 
ATOM   538  H HB2  . LYS A 1 43 ? -6.81012  0.81192   8.33845   1.000 21.30004 ? 38   LYS A HB2  1 
ATOM   539  H HB3  . LYS A 1 43 ? -7.89264  1.72430   7.61656   1.000 21.30004 ? 38   LYS A HB3  1 
ATOM   540  H HG2  . LYS A 1 43 ? -9.13752  1.82911   9.52894   1.000 21.94431 ? 38   LYS A HG2  1 
ATOM   541  H HG3  . LYS A 1 43 ? -8.15803  0.81003   10.25523  1.000 21.94431 ? 38   LYS A HG3  1 
ATOM   542  H HD2  . LYS A 1 43 ? -6.48586  2.41276   10.23752  1.000 22.77006 ? 38   LYS A HD2  1 
ATOM   543  H HD3  . LYS A 1 43 ? -7.47582  3.43231   9.52624   1.000 22.77006 ? 38   LYS A HD3  1 
ATOM   544  H HE2  . LYS A 1 43 ? -8.89798  3.28853   11.41571  1.000 25.39673 ? 38   LYS A HE2  1 
ATOM   545  H HE3  . LYS A 1 43 ? -7.79708  2.39382   12.13190  1.000 25.39673 ? 38   LYS A HE3  1 
ATOM   546  H HZ1  . LYS A 1 43 ? -7.40181  4.99392   11.40113  1.000 28.29899 ? 38   LYS A HZ1  1 
ATOM   547  H HZ2  . LYS A 1 43 ? -7.59745  4.55880   12.76887  1.000 28.29899 ? 38   LYS A HZ2  1 
ATOM   548  H HZ3  . LYS A 1 43 ? -6.39728  4.17841   12.05246  1.000 28.29899 ? 38   LYS A HZ3  1 
ATOM   549  N N    . ALA A 1 44 ? -7.45116  -1.09313  5.88272   1.000 12.22954 ? 39   ALA A N    1 
ATOM   550  C CA   . ALA A 1 44 ? -7.42641  -1.37885  4.45840   1.000 12.32078 ? 39   ALA A CA   1 
ATOM   551  C C    . ALA A 1 44 ? -8.56839  -2.30864  4.06722   1.000 11.74407 ? 39   ALA A C    1 
ATOM   552  O O    . ALA A 1 44 ? -9.23253  -2.08648  3.05034   1.000 12.22119 ? 39   ALA A O    1 
ATOM   553  C CB   . ALA A 1 44 ? -6.07874  -1.98103  4.06857   1.000 12.10998 ? 39   ALA A CB   1 
ATOM   554  H H    . ALA A 1 44 ? -6.77231  -1.37311  6.33034   1.000 14.67545 ? 39   ALA A H    1 
ATOM   555  H HA   . ALA A 1 44 ? -7.53380  -0.54915  3.96751   1.000 14.78494 ? 39   ALA A HA   1 
ATOM   556  H HB1  . ALA A 1 44 ? -6.07359  -2.15206  3.11378   1.000 14.53197 ? 39   ALA A HB1  1 
ATOM   557  H HB2  . ALA A 1 44 ? -5.37483  -1.35360  4.29601   1.000 14.53197 ? 39   ALA A HB2  1 
ATOM   558  H HB3  . ALA A 1 44 ? -5.95149  -2.81114  4.55399   1.000 14.53197 ? 39   ALA A HB3  1 
ATOM   559  N N    . ALA A 1 45 ? -8.81926  -3.34830  4.86945   1.000 13.00566 ? 40   ALA A N    1 
ATOM   560  C CA   . ALA A 1 45 ? -9.93295  -4.24464  4.57701   1.000 13.96386 ? 40   ALA A CA   1 
ATOM   561  C C    . ALA A 1 45 ? -11.26069 -3.50064  4.63091   1.000 15.67212 ? 40   ALA A C    1 
ATOM   562  O O    . ALA A 1 45 ? -12.16377 -3.77126  3.83379   1.000 16.27253 ? 40   ALA A O    1 
ATOM   563  C CB   . ALA A 1 45 ? -9.94644  -5.41457  5.55954   1.000 15.96820 ? 40   ALA A CB   1 
ATOM   564  H H    . ALA A 1 45 ? -8.36809  -3.55006  5.57326   1.000 15.60679 ? 40   ALA A H    1 
ATOM   565  H HA   . ALA A 1 45 ? -9.81463  -4.60332  3.68356   1.000 16.75663 ? 40   ALA A HA   1 
ATOM   566  H HB1  . ALA A 1 45 ? -10.68911 -5.99992  5.34341   1.000 19.16184 ? 40   ALA A HB1  1 
ATOM   567  H HB2  . ALA A 1 45 ? -9.10998  -5.89990  5.48420   1.000 19.16184 ? 40   ALA A HB2  1 
ATOM   568  H HB3  . ALA A 1 45 ? -10.04862 -5.06936  6.46026   1.000 19.16184 ? 40   ALA A HB3  1 
ATOM   569  N N    . GLN A 1 46 ? -11.40222 -2.55862  5.56359   1.000 14.58443 ? 41   GLN A N    1 
ATOM   570  C CA   . GLN A 1 46 ? -12.64054 -1.79401  5.64428   1.000 15.72266 ? 41   GLN A CA   1 
ATOM   571  C C    . GLN A 1 46 ? -12.87453 -0.91777  4.41570   1.000 14.85394 ? 41   GLN A C    1 
ATOM   572  O O    . GLN A 1 46 ? -14.02210 -0.53155  4.15552   1.000 16.91050 ? 41   GLN A O    1 
ATOM   573  C CB   . GLN A 1 46 ? -12.63984 -0.88208  6.86535   1.000 20.26570 ? 41   GLN A CB   1 
ATOM   574  C CG   . GLN A 1 46 ? -12.92545 -1.54264  8.17739   1.000 30.16757 ? 41   GLN A CG   1 
ATOM   575  C CD   . GLN A 1 46 ? -12.61920 -0.61536  9.34144   1.000 47.41233 ? 41   GLN A CD   1 
ATOM   576  O OE1  . GLN A 1 46 ? -13.16498 0.48993   9.42588   1.000 41.23038 ? 41   GLN A OE1  1 
ATOM   577  N NE2  . GLN A 1 46 ? -11.70151 -1.03218  10.21147  1.000 46.13410 ? 41   GLN A NE2  1 
ATOM   578  H H    . GLN A 1 46 ? -10.80763 -2.34869  6.14838   1.000 17.50132 ? 41   GLN A H    1 
ATOM   579  H HA   . GLN A 1 46 ? -13.36366 -2.43528  5.72649   1.000 18.86719 ? 41   GLN A HA   1 
ATOM   580  H HB2  . GLN A 1 46 ? -11.76411 -0.47100  6.93613   1.000 24.31884 ? 41   GLN A HB2  1 
ATOM   581  H HB3  . GLN A 1 46 ? -13.31695 -0.19994  6.73457   1.000 24.31884 ? 41   GLN A HB3  1 
ATOM   582  H HG2  . GLN A 1 46 ? -13.86384 -1.78487  8.21790   1.000 36.20109 ? 41   GLN A HG2  1 
ATOM   583  H HG3  . GLN A 1 46 ? -12.37398 -2.33583  8.26482   1.000 36.20109 ? 41   GLN A HG3  1 
ATOM   584  H HE21 . GLN A 1 46 ? -11.31553 -1.79231  10.09824  1.000 55.36092 ? 41   GLN A HE21 1 
ATOM   585  H HE22 . GLN A 1 46 ? -11.49475 -0.54127  10.88664  1.000 55.36092 ? 41   GLN A HE22 1 
ATOM   586  N N    . ALA A 1 47 ? -11.82189 -0.57017  3.67995   1.000 12.70278 ? 42   ALA A N    1 
ATOM   587  C CA   . ALA A 1 47 ? -11.93590 0.17359   2.43663   1.000 12.61899 ? 42   ALA A CA   1 
ATOM   588  C C    . ALA A 1 47 ? -11.94679 -0.73632  1.21534   1.000 11.50180 ? 42   ALA A C    1 
ATOM   589  O O    . ALA A 1 47 ? -11.81905 -0.26013  0.09419   1.000 12.53967 ? 42   ALA A O    1 
ATOM   590  C CB   . ALA A 1 47 ? -10.80527 1.19679   2.33078   1.000 13.67676 ? 42   ALA A CB   1 
ATOM   591  H H    . ALA A 1 47 ? -11.00981 -0.76082  3.88918   1.000 15.24333 ? 42   ALA A H    1 
ATOM   592  H HA   . ALA A 1 47 ? -12.77249 0.66449   2.44232   1.000 15.14279 ? 42   ALA A HA   1 
ATOM   593  H HB1  . ALA A 1 47 ? -10.90422 1.69224   1.50275   1.000 16.41211 ? 42   ALA A HB1  1 
ATOM   594  H HB2  . ALA A 1 47 ? -10.85571 1.80250   3.08672   1.000 16.41211 ? 42   ALA A HB2  1 
ATOM   595  H HB3  . ALA A 1 47 ? -9.95510  0.72980   2.33726   1.000 16.41211 ? 42   ALA A HB3  1 
ATOM   596  N N    . ASN A 1 48 ? -12.12078 -2.04140  1.42138   1.000 12.54168 ? 43   ASN A N    1 
ATOM   597  C CA   . ASN A 1 48 ? -12.19647 -3.01693  0.34103   1.000 13.09041 ? 43   ASN A CA   1 
ATOM   598  C C    . ASN A 1 48 ? -10.95003 -3.03658  -0.52302  1.000 12.70219 ? 43   ASN A C    1 
ATOM   599  O O    . ASN A 1 48 ? -11.03006 -3.28781  -1.71982  1.000 14.09701 ? 43   ASN A O    1 
ATOM   600  C CB   . ASN A 1 48 ? -13.44083 -2.82282  -0.52201  1.000 14.76511 ? 43   ASN A CB   1 
ATOM   601  C CG   . ASN A 1 48 ? -13.70719 -4.00837  -1.43391  1.000 16.96807 ? 43   ASN A CG   1 
ATOM   602  O OD1  . ASN A 1 48 ? -14.18820 -3.83544  -2.55245  1.000 20.99810 ? 43   ASN A OD1  1 
ATOM   603  N ND2  . ASN A 1 48 ? -13.38446 -5.21073  -0.97258  1.000 18.75986 ? 43   ASN A ND2  1 
ATOM   604  H H    . ASN A 1 48 ? -12.19971 -2.39408  2.20176   1.000 15.05002 ? 43   ASN A H    1 
ATOM   605  H HA   . ASN A 1 48 ? -12.26122 -3.89007  0.75855   1.000 15.70849 ? 43   ASN A HA   1 
ATOM   606  H HB2  . ASN A 1 48 ? -14.21201 -2.70773  0.05499   1.000 17.71813 ? 43   ASN A HB2  1 
ATOM   607  H HB3  . ASN A 1 48 ? -13.32184 -2.03661  -1.07753  1.000 17.71813 ? 43   ASN A HB3  1 
ATOM   608  H HD21 . ASN A 1 48 ? -13.04060 -5.29242  -0.18857  1.000 22.51183 ? 43   ASN A HD21 1 
ATOM   609  H HD22 . ASN A 1 48 ? -13.51926 -5.90788  -1.45777  1.000 22.51183 ? 43   ASN A HD22 1 
ATOM   610  N N    . VAL A 1 49 ? -9.79093  -2.79770  0.07549   1.000 11.31952 ? 44   VAL A N    1 
ATOM   611  C CA   . VAL A 1 49 ? -8.54118  -3.15281  -0.57814  1.000 11.72759 ? 44   VAL A CA   1 
ATOM   612  C C    . VAL A 1 49 ? -8.44601  -4.66660  -0.59051  1.000 11.47842 ? 44   VAL A C    1 
ATOM   613  O O    . VAL A 1 49 ? -8.84254  -5.32274  0.37444   1.000 13.53844 ? 44   VAL A O    1 
ATOM   614  C CB   . VAL A 1 49 ? -7.37540  -2.50712  0.19242   1.000 11.66686 ? 44   VAL A CB   1 
ATOM   615  C CG1  . VAL A 1 49 ? -6.02660  -2.90209  -0.37449  1.000 12.63597 ? 44   VAL A CG1  1 
ATOM   616  C CG2  . VAL A 1 49 ? -7.53322  -0.98430  0.18642   1.000 12.35115 ? 44   VAL A CG2  1 
ATOM   617  H H    . VAL A 1 49 ? -9.70210  -2.43552  0.85043   1.000 13.58343 ? 44   VAL A H    1 
ATOM   618  H HA   . VAL A 1 49 ? -8.51009  -2.83095  -1.49266  1.000 14.07311 ? 44   VAL A HA   1 
ATOM   619  H HB   . VAL A 1 49 ? -7.40076  -2.83027  1.10667   1.000 14.00023 ? 44   VAL A HB   1 
ATOM   620  H HG11 . VAL A 1 49 ? -5.33403  -2.39157  0.07341   1.000 15.16316 ? 44   VAL A HG11 1 
ATOM   621  H HG12 . VAL A 1 49 ? -5.88699  -3.85040  -0.22584  1.000 15.16316 ? 44   VAL A HG12 1 
ATOM   622  H HG13 . VAL A 1 49 ? -6.01559  -2.71118  -1.32546  1.000 15.16316 ? 44   VAL A HG13 1 
ATOM   623  H HG21 . VAL A 1 49 ? -6.75001  -0.58402  0.59538   1.000 14.82138 ? 44   VAL A HG21 1 
ATOM   624  H HG22 . VAL A 1 49 ? -7.62001  -0.67941  -0.73032  1.000 14.82138 ? 44   VAL A HG22 1 
ATOM   625  H HG23 . VAL A 1 49 ? -8.32731  -0.74711  0.69047   1.000 14.82138 ? 44   VAL A HG23 1 
ATOM   626  N N    . ARG A 1 50 ? -7.93394  -5.23101  -1.68548  1.000 12.13872 ? 45   ARG A N    1 
ATOM   627  C CA   . ARG A 1 50 ? -7.84229  -6.67488  -1.85459  1.000 12.31639 ? 45   ARG A CA   1 
ATOM   628  C C    . ARG A 1 50 ? -6.40757  -7.12868  -2.09889  1.000 11.30522 ? 45   ARG A C    1 
ATOM   629  O O    . ARG A 1 50 ? -5.62050  -6.43396  -2.73311  1.000 11.47884 ? 45   ARG A O    1 
ATOM   630  C CB   . ARG A 1 50 ? -8.78365  -7.18133  -2.96673  1.000 14.97084 ? 45   ARG A CB   1 
ATOM   631  C CG   . ARG A 1 50 ? -10.25933 -6.90322  -2.64274  1.000 17.17492 ? 45   ARG A CG   1 
ATOM   632  C CD   . ARG A 1 50 ? -11.26804 -7.78225  -3.39178  1.000 38.67730 ? 45   ARG A CD   1 
ATOM   633  N NE   . ARG A 1 50 ? -10.93861 -7.94333  -4.80043  1.000 57.45128 ? 45   ARG A NE   1 
ATOM   634  C CZ   . ARG A 1 50 ? -11.61826 -7.40299  -5.80439  1.000 66.02328 ? 45   ARG A CZ   1 
ATOM   635  N NH1  . ARG A 1 50 ? -12.68838 -6.65005  -5.59594  1.000 49.59322 ? 45   ARG A NH1  1 
ATOM   636  N NH2  . ARG A 1 50 ? -11.21331 -7.62464  -7.05177  1.000 64.95840 ? 45   ARG A NH2  1 
ATOM   637  H H    . ARG A 1 50 ? -7.62815  -4.78624  -2.35501  1.000 14.56647 ? 45   ARG A H    1 
ATOM   638  H HA   . ARG A 1 50 ? -8.11604  -7.09631  -1.02491  1.000 14.77967 ? 45   ARG A HA   1 
ATOM   639  H HB2  . ARG A 1 50 ? -8.56542  -6.73165  -3.79803  1.000 17.96501 ? 45   ARG A HB2  1 
ATOM   640  H HB3  . ARG A 1 50 ? -8.67044  -8.13934  -3.06811  1.000 17.96501 ? 45   ARG A HB3  1 
ATOM   641  H HG2  . ARG A 1 50 ? -10.39812 -7.04811  -1.69372  1.000 20.60991 ? 45   ARG A HG2  1 
ATOM   642  H HG3  . ARG A 1 50 ? -10.45512 -5.98067  -2.86962  1.000 20.60991 ? 45   ARG A HG3  1 
ATOM   643  H HD2  . ARG A 1 50 ? -11.28339 -8.66273  -2.98508  1.000 46.41276 ? 45   ARG A HD2  1 
ATOM   644  H HD3  . ARG A 1 50 ? -12.14646 -7.37485  -3.33418  1.000 46.41276 ? 45   ARG A HD3  1 
ATOM   645  H HE   . ARG A 1 50 ? -10.25304 -8.42404  -4.99668  1.000 68.94154 ? 45   ARG A HE   1 
ATOM   646  H HH11 . ARG A 1 50 ? -12.95924 -6.50047  -4.79353  1.000 59.51187 ? 45   ARG A HH11 1 
ATOM   647  H HH12 . ARG A 1 50 ? -13.11212 -6.31092  -6.26305  1.000 59.51187 ? 45   ARG A HH12 1 
ATOM   648  H HH21 . ARG A 1 50 ? -10.52018 -8.11207  -7.19865  1.000 77.95008 ? 45   ARG A HH21 1 
ATOM   649  H HH22 . ARG A 1 50 ? -11.64462 -7.28052  -7.71144  1.000 77.95008 ? 45   ARG A HH22 1 
ATOM   650  N N    . ILE A 1 51 ? -6.08916  -8.33077  -1.59682  1.000 11.53469 ? 46   ILE A N    1 
ATOM   651  C CA   . ILE A 1 51 ? -4.80147  -8.95628  -1.87128  1.000 11.44287 ? 46   ILE A CA   1 
ATOM   652  C C    . ILE A 1 51 ? -4.61897  -9.08901  -3.37146  1.000 11.06676 ? 46   ILE A C    1 
ATOM   653  O O    . ILE A 1 51 ? -5.51093  -9.56483  -4.08754  1.000 12.78118 ? 46   ILE A O    1 
ATOM   654  C CB   . ILE A 1 51 ? -4.69235  -10.32044 -1.17054  1.000 12.61665 ? 46   ILE A CB   1 
ATOM   655  C CG1  . ILE A 1 51 ? -4.64332  -10.13946 0.34718   1.000 15.23591 ? 46   ILE A CG1  1 
ATOM   656  C CG2  . ILE A 1 51 ? -3.45448  -11.06085 -1.62797  1.000 14.39154 ? 46   ILE A CG2  1 
ATOM   657  C CD1  . ILE A 1 51 ? -4.71869  -11.43232 1.14117   1.000 17.14269 ? 46   ILE A CD1  1 
ATOM   658  H H    . ILE A 1 51 ? -6.60554  -8.80060  -1.09460  1.000 13.84163 ? 46   ILE A H    1 
ATOM   659  H HA   . ILE A 1 51 ? -4.09919  -8.38618  -1.52102  1.000 13.73144 ? 46   ILE A HA   1 
ATOM   660  H HB   . ILE A 1 51 ? -5.47810  -10.83759 -1.40732  1.000 15.13998 ? 46   ILE A HB   1 
ATOM   661  H HG12 . ILE A 1 51 ? -3.80911  -9.70215  0.57900   1.000 18.28309 ? 46   ILE A HG12 1 
ATOM   662  H HG13 . ILE A 1 51 ? -5.39363  -9.58679  0.61644   1.000 18.28309 ? 46   ILE A HG13 1 
ATOM   663  H HG21 . ILE A 1 51 ? -3.32177  -11.83557 -1.05954  1.000 17.26984 ? 46   ILE A HG21 1 
ATOM   664  H HG22 . ILE A 1 51 ? -3.57701  -11.34272 -2.54799  1.000 17.26984 ? 46   ILE A HG22 1 
ATOM   665  H HG23 . ILE A 1 51 ? -2.68965  -10.46784 -1.56276  1.000 17.26984 ? 46   ILE A HG23 1 
ATOM   666  H HD11 . ILE A 1 51 ? -4.93451  -11.22426 2.06368   1.000 20.57123 ? 46   ILE A HD11 1 
ATOM   667  H HD12 . ILE A 1 51 ? -5.40841  -11.99758 0.75949   1.000 20.57123 ? 46   ILE A HD12 1 
ATOM   668  H HD13 . ILE A 1 51 ? -3.86015  -11.88147 1.09552   1.000 20.57123 ? 46   ILE A HD13 1 
ATOM   669  N N    . GLY A 1 52 ? -3.45735  -8.68719  -3.85024  1.000 10.48453 ? 47   GLY A N    1 
ATOM   670  C CA   . GLY A 1 52 ? -3.15012  -8.70394  -5.25057  1.000 11.53661 ? 47   GLY A CA   1 
ATOM   671  C C    . GLY A 1 52 ? -3.30877  -7.37123  -5.94200  1.000 10.51116 ? 47   GLY A C    1 
ATOM   672  O O    . GLY A 1 52 ? -2.79955  -7.19117  -7.04425  1.000 12.75757 ? 47   GLY A O    1 
ATOM   673  H H    . GLY A 1 52 ? -2.81457  -8.39201  -3.36106  1.000 12.58144 ? 47   GLY A H    1 
ATOM   674  H HA2  . GLY A 1 52 ? -2.23055  -8.99064  -5.36502  1.000 13.84393 ? 47   GLY A HA2  1 
ATOM   675  H HA3  . GLY A 1 52 ? -3.73610  -9.33907  -5.69117  1.000 13.84393 ? 47   GLY A HA3  1 
ATOM   676  N N    . ASP A 1 53 ? -4.00769  -6.43375  -5.33103  1.000 10.68668 ? 48   ASP A N    1 
ATOM   677  C CA   . ASP A 1 53 ? -4.15311  -5.13144  -5.95406  1.000 11.34123 ? 48   ASP A CA   1 
ATOM   678  C C    . ASP A 1 53 ? -2.78234  -4.45461  -5.98051  1.000 10.74644 ? 48   ASP A C    1 
ATOM   679  O O    . ASP A 1 53 ? -1.97461  -4.59351  -5.05804  1.000 11.07654 ? 48   ASP A O    1 
ATOM   680  C CB   . ASP A 1 53 ? -5.14187  -4.26607  -5.17644  1.000 11.78596 ? 48   ASP A CB   1 
ATOM   681  C CG   . ASP A 1 53 ? -6.59215  -4.75013  -5.27748  1.000 12.55205 ? 48   ASP A CG   1 
ATOM   682  O OD1  . ASP A 1 53 ? -6.87198  -5.68751  -6.06788  1.000 14.16323 ? 48   ASP A OD1  1 
ATOM   683  O OD2  . ASP A 1 53 ? -7.43748  -4.18905  -4.54277  1.000 13.10499 ? 48   ASP A OD2  1 
ATOM   684  H H    . ASP A 1 53 ? -4.40015  -6.52278  -4.57099  1.000 12.82402 ? 48   ASP A H    1 
ATOM   685  H HA   . ASP A 1 53 ? -4.49717  -5.22465  -6.85618  1.000 13.60948 ? 48   ASP A HA   1 
ATOM   686  H HB2  . ASP A 1 53 ? -4.89235  -4.27123  -4.23910  1.000 14.14315 ? 48   ASP A HB2  1 
ATOM   687  H HB3  . ASP A 1 53 ? -5.10654  -3.36123  -5.52417  1.000 14.14315 ? 48   ASP A HB3  1 
ATOM   688  N N    . VAL A 1 54 ? -2.50892  -3.74614  -7.05999  1.000 11.51475 ? 49   VAL A N    1 
ATOM   689  C CA   . VAL A 1 54 ? -1.21660  -3.08809  -7.27078  1.000 10.86019 ? 49   VAL A CA   1 
ATOM   690  C C    . VAL A 1 54 ? -1.30533  -1.64264  -6.82275  1.000 10.72222 ? 49   VAL A C    1 
ATOM   691  O O    . VAL A 1 54 ? -2.27313  -0.93596  -7.14830  1.000 11.82662 ? 49   VAL A O    1 
ATOM   692  C CB   . VAL A 1 54 ? -0.80825  -3.18481  -8.74988  1.000 13.16032 ? 49   VAL A CB   1 
ATOM   693  C CG1  . VAL A 1 54 ? 0.33721   -2.24213  -9.09125  1.000 14.70738 ? 49   VAL A CG1  1 
ATOM   694  C CG2  . VAL A 1 54 ? -0.41452  -4.59778  -9.06506  1.000 15.16377 ? 49   VAL A CG2  1 
ATOM   695  H H    . VAL A 1 54 ? -3.06399  -3.62397  -7.70541  1.000 13.81770 ? 49   VAL A H    1 
ATOM   696  H HA   . VAL A 1 54 ? -0.54206  -3.52264  -6.72575  1.000 13.03223 ? 49   VAL A HA   1 
ATOM   697  H HB   . VAL A 1 54 ? -1.56776  -2.92145  -9.29273  1.000 15.79238 ? 49   VAL A HB   1 
ATOM   698  H HG11 . VAL A 1 54 ? 0.71688   -2.50267  -9.94499  1.000 17.64886 ? 49   VAL A HG11 1 
ATOM   699  H HG12 . VAL A 1 54 ? -0.00464  -1.33589  -9.14401  1.000 17.64886 ? 49   VAL A HG12 1 
ATOM   700  H HG13 . VAL A 1 54 ? 1.01229   -2.30113  -8.39722  1.000 17.64886 ? 49   VAL A HG13 1 
ATOM   701  H HG21 . VAL A 1 54 ? -0.16573  -4.65503  -10.00086 1.000 18.19653 ? 49   VAL A HG21 1 
ATOM   702  H HG22 . VAL A 1 54 ? 0.33825   -4.84787  -8.50677  1.000 18.19653 ? 49   VAL A HG22 1 
ATOM   703  H HG23 . VAL A 1 54 ? -1.16745  -5.18271  -8.88658  1.000 18.19653 ? 49   VAL A HG23 1 
ATOM   704  N N    . VAL A 1 55 ? -0.32335  -1.21085  -6.04814  1.000 11.18508 ? 50   VAL A N    1 
ATOM   705  C CA   . VAL A 1 55 ? -0.27479  0.17075   -5.58575  1.000 10.33829 ? 50   VAL A CA   1 
ATOM   706  C C    . VAL A 1 55 ? 0.34611   1.02967   -6.67810  1.000 10.74792 ? 50   VAL A C    1 
ATOM   707  O O    . VAL A 1 55 ? 1.50008   0.81238   -7.04636  1.000 12.89457 ? 50   VAL A O    1 
ATOM   708  C CB   . VAL A 1 55 ? 0.52625   0.28530   -4.28008  1.000 12.70935 ? 50   VAL A CB   1 
ATOM   709  C CG1  . VAL A 1 55 ? 0.65643   1.75432   -3.87027  1.000 13.17424 ? 50   VAL A CG1  1 
ATOM   710  C CG2  . VAL A 1 55 ? -0.12971  -0.52047  -3.18551  1.000 14.50811 ? 50   VAL A CG2  1 
ATOM   711  H H    . VAL A 1 55 ? 0.33018   -1.69812  -5.77413  1.000 13.42209 ? 50   VAL A H    1 
ATOM   712  H HA   . VAL A 1 55 ? -1.17831  0.48443   -5.42399  1.000 12.40595 ? 50   VAL A HA   1 
ATOM   713  H HB   . VAL A 1 55 ? 1.41717   -0.07195  -4.41984  1.000 15.25123 ? 50   VAL A HB   1 
ATOM   714  H HG11 . VAL A 1 55 ? 0.93633   1.79979   -2.94263  1.000 15.80909 ? 50   VAL A HG11 1 
ATOM   715  H HG12 . VAL A 1 55 ? 1.31722   2.18279   -4.43654  1.000 15.80909 ? 50   VAL A HG12 1 
ATOM   716  H HG13 . VAL A 1 55 ? -0.20369  2.18964   -3.97796  1.000 15.80909 ? 50   VAL A HG13 1 
ATOM   717  H HG21 . VAL A 1 55 ? 0.36903   -0.39979  -2.36236  1.000 17.40973 ? 50   VAL A HG21 1 
ATOM   718  H HG22 . VAL A 1 55 ? -1.04139  -0.21061  -3.06835  1.000 17.40973 ? 50   VAL A HG22 1 
ATOM   719  H HG23 . VAL A 1 55 ? -0.12856  -1.45684  -3.43873  1.000 17.40973 ? 50   VAL A HG23 1 
ATOM   720  N N    . LEU A 1 56 ? -0.42728  1.97333   -7.22655  1.000 10.65935 ? 51   LEU A N    1 
ATOM   721  C CA   . LEU A 1 56 ? 0.04799   2.84765   -8.28531  1.000 11.51010 ? 51   LEU A CA   1 
ATOM   722  C C    . LEU A 1 56 ? 0.66441   4.13582   -7.75497  1.000 12.27657 ? 51   LEU A C    1 
ATOM   723  O O    . LEU A 1 56 ? 1.56950   4.68857   -8.39858  1.000 12.58894 ? 51   LEU A O    1 
ATOM   724  C CB   . LEU A 1 56 ? -1.10438  3.22021   -9.22643  1.000 13.11679 ? 51   LEU A CB   1 
ATOM   725  C CG   . LEU A 1 56 ? -1.72939  2.04901   -9.98378  1.000 16.74832 ? 51   LEU A CG   1 
ATOM   726  C CD1  . LEU A 1 56 ? -2.86211  2.54401   -10.85802 1.000 20.22548 ? 51   LEU A CD1  1 
ATOM   727  C CD2  . LEU A 1 56 ? -0.67513  1.32189   -10.82022 1.000 22.43601 ? 51   LEU A CD2  1 
ATOM   728  H H    . LEU A 1 56 ? -1.24167  2.12387   -6.99479  1.000 12.79122 ? 51   LEU A H    1 
ATOM   729  H HA   . LEU A 1 56 ? 0.72030   2.36732   -8.79343  1.000 13.81212 ? 51   LEU A HA   1 
ATOM   730  H HB2  . LEU A 1 56 ? -1.80653  3.63451   -8.70084  1.000 15.74015 ? 51   LEU A HB2  1 
ATOM   731  H HB3  . LEU A 1 56 ? -0.76964  3.84763   -9.88611  1.000 15.74015 ? 51   LEU A HB3  1 
ATOM   732  H HG   . LEU A 1 56 ? -2.09036  1.41134   -9.34818  1.000 20.09798 ? 51   LEU A HG   1 
ATOM   733  H HD11 . LEU A 1 56 ? -3.21950  1.79783   -11.36438 1.000 24.27058 ? 51   LEU A HD11 1 
ATOM   734  H HD12 . LEU A 1 56 ? -3.55429  2.92263   -10.29373 1.000 24.27058 ? 51   LEU A HD12 1 
ATOM   735  H HD13 . LEU A 1 56 ? -2.52130  3.22131   -11.46302 1.000 24.27058 ? 51   LEU A HD13 1 
ATOM   736  H HD21 . LEU A 1 56 ? -1.12038  0.70984   -11.42690 1.000 26.92321 ? 51   LEU A HD21 1 
ATOM   737  H HD22 . LEU A 1 56 ? -0.16612  1.97571   -11.32455 1.000 26.92321 ? 51   LEU A HD22 1 
ATOM   738  H HD23 . LEU A 1 56 ? -0.08591  0.82978   -10.22731 1.000 26.92321 ? 51   LEU A HD23 1 
ATOM   739  N N    . SER A 1 57 ? 0.18129   4.64144   -6.61893  1.000 10.99580 ? 52   SER A N    1 
ATOM   740  C CA   . SER A 1 57 ? 0.70968   5.86399   -6.05236  1.000 12.06549 ? 52   SER A CA   1 
ATOM   741  C C    . SER A 1 57 ? 0.44299   5.85877   -4.55575  1.000 10.61833 ? 52   SER A C    1 
ATOM   742  O O    . SER A 1 57 ? -0.51876  5.24699   -4.07228  1.000 10.68316 ? 52   SER A O    1 
ATOM   743  C CB   . SER A 1 57 ? 0.13229   7.11569   -6.70545  1.000 13.02681 ? 52   SER A CB   1 
ATOM   744  O OG   . SER A 1 57 ? -1.24867  7.22071   -6.50345  1.000 16.44130 ? 52   SER A OG   1 
ATOM   745  H H    . SER A 1 57 ? -0.45519  4.28772   -6.16136  1.000 13.19496 ? 52   SER A H    1 
ATOM   746  H HA   . SER A 1 57 ? 1.66885   5.88829   -6.19489  1.000 14.47859 ? 52   SER A HA   1 
ATOM   747  H HB2  . SER A 1 57 ? 0.56345   7.89482   -6.32081  1.000 15.63217 ? 52   SER A HB2  1 
ATOM   748  H HB3  . SER A 1 57 ? 0.30554   7.07757   -7.65909  1.000 15.63217 ? 52   SER A HB3  1 
ATOM   749  H HG   . SER A 1 57 ? -1.41309  7.31298   -5.68488  1.000 19.72956 ? 52   SER A HG   1 
ATOM   750  N N    . ILE A 1 58 ? 1.30674   6.57400   -3.83851  1.000 10.57493 ? 53   ILE A N    1 
ATOM   751  C CA   . ILE A 1 58 ? 1.17899   6.76220   -2.40394  1.000 11.56195 ? 53   ILE A CA   1 
ATOM   752  C C    . ILE A 1 58 ? 1.34164   8.25385   -2.15235  1.000 11.15220 ? 53   ILE A C    1 
ATOM   753  O O    . ILE A 1 58 ? 2.39080   8.82004   -2.47288  1.000 12.71789 ? 53   ILE A O    1 
ATOM   754  C CB   . ILE A 1 58 ? 2.22040   5.97017   -1.58816  1.000 11.46175 ? 53   ILE A CB   1 
ATOM   755  C CG1  . ILE A 1 58 ? 2.14576   4.46584   -1.89318  1.000 12.04891 ? 53   ILE A CG1  1 
ATOM   756  C CG2  . ILE A 1 58 ? 2.01661   6.24100   -0.09572  1.000 14.25794 ? 53   ILE A CG2  1 
ATOM   757  C CD1  . ILE A 1 58 ? 3.33282   3.63904   -1.39392  1.000 13.48746 ? 53   ILE A CD1  1 
ATOM   758  H H    . ILE A 1 58 ? 1.99274   6.96926   -4.17433  1.000 12.68992 ? 53   ILE A H    1 
ATOM   759  H HA   . ILE A 1 58 ? 0.30131   6.46515   -2.11698  1.000 13.87433 ? 53   ILE A HA   1 
ATOM   760  H HB   . ILE A 1 58 ? 3.10599   6.26957   -1.84697  1.000 13.75410 ? 53   ILE A HB   1 
ATOM   761  H HG12 . ILE A 1 58 ? 1.34709   4.10796   -1.47491  1.000 14.45870 ? 53   ILE A HG12 1 
ATOM   762  H HG13 . ILE A 1 58 ? 2.09658   4.35061   -2.85506  1.000 14.45870 ? 53   ILE A HG13 1 
ATOM   763  H HG21 . ILE A 1 58 ? 2.59959   5.65666   0.41377   1.000 17.10953 ? 53   ILE A HG21 1 
ATOM   764  H HG22 . ILE A 1 58 ? 2.23363   7.16809   0.08952   1.000 17.10953 ? 53   ILE A HG22 1 
ATOM   765  H HG23 . ILE A 1 58 ? 1.09047   6.06592   0.13344   1.000 17.10953 ? 53   ILE A HG23 1 
ATOM   766  H HD11 . ILE A 1 58 ? 3.23154   2.72422   -1.70010  1.000 16.18495 ? 53   ILE A HD11 1 
ATOM   767  H HD12 . ILE A 1 58 ? 4.15262   4.01759   -1.74820  1.000 16.18495 ? 53   ILE A HD12 1 
ATOM   768  H HD13 . ILE A 1 58 ? 3.34916   3.66345   -0.42437  1.000 16.18495 ? 53   ILE A HD13 1 
ATOM   769  N N    . ASP A 1 59 ? 0.31473   8.89795   -1.60745  1.000 11.92098 ? 54   ASP A N    1 
ATOM   770  C CA   . ASP A 1 59 ? 0.36568   10.33528  -1.34023  1.000 18.27318 ? 54   ASP A CA   1 
ATOM   771  C C    . ASP A 1 59 ? 0.71645   11.13146  -2.59813  1.000 13.75536 ? 54   ASP A C    1 
ATOM   772  O O    . ASP A 1 59 ? 1.42310   12.14301  -2.55063  1.000 17.80614 ? 54   ASP A O    1 
ATOM   773  C CB   . ASP A 1 59 ? 1.34243   10.64486  -0.20027  1.000 21.21504 ? 54   ASP A CB   1 
ATOM   774  C CG   . ASP A 1 59 ? 1.01709   11.93834  0.52587   1.000 33.63771 ? 54   ASP A CG   1 
ATOM   775  O OD1  . ASP A 1 59 ? -0.17704  12.30198  0.59419   1.000 28.47549 ? 54   ASP A OD1  1 
ATOM   776  O OD2  . ASP A 1 59 ? 1.96298   12.58425  1.03038   1.000 40.99835 ? 54   ASP A OD2  1 
ATOM   777  H H    . ASP A 1 59 ? -0.42665  8.52501   -1.38188  1.000 14.30518 ? 54   ASP A H    1 
ATOM   778  H HA   . ASP A 1 59 ? -0.51913  10.62085  -1.06370  1.000 21.92782 ? 54   ASP A HA   1 
ATOM   779  H HB2  . ASP A 1 59 ? 1.31061   9.92284   0.44672   1.000 25.45805 ? 54   ASP A HB2  1 
ATOM   780  H HB3  . ASP A 1 59 ? 2.23766   10.72409  -0.56521  1.000 25.45805 ? 54   ASP A HB3  1 
ATOM   781  N N    . GLY A 1 60 ? 0.17902   10.70981  -3.73275  1.000 16.17354 ? 55   GLY A N    1 
ATOM   782  C CA   . GLY A 1 60 ? 0.39462   11.40894  -4.97838  1.000 17.16910 ? 55   GLY A CA   1 
ATOM   783  C C    . GLY A 1 60 ? 1.69921   11.10931  -5.67777  1.000 15.59697 ? 55   GLY A C    1 
ATOM   784  O O    . GLY A 1 60 ? 1.89749   11.58764  -6.80309  1.000 19.78503 ? 55   GLY A O    1 
ATOM   785  H H    . GLY A 1 60 ? -0.31954  10.01262  -3.80313  1.000 19.40825 ? 55   GLY A H    1 
ATOM   786  H HA2  . GLY A 1 60 ? -0.32384  11.17932  -5.58828  1.000 20.60292 ? 55   GLY A HA2  1 
ATOM   787  H HA3  . GLY A 1 60 ? 0.36830   12.36282  -4.80424  1.000 20.60292 ? 55   GLY A HA3  1 
ATOM   788  N N    . ILE A 1 61 ? 2.58928   10.32653  -5.07044  1.000 14.17830 ? 56   ILE A N    1 
ATOM   789  C CA   . ILE A 1 61 ? 3.86946   9.99491   -5.67707  1.000 14.62757 ? 56   ILE A CA   1 
ATOM   790  C C    . ILE A 1 61 ? 3.73770   8.65141   -6.37445  1.000 12.81256 ? 56   ILE A C    1 
ATOM   791  O O    . ILE A 1 61 ? 3.28930   7.66483   -5.77364  1.000 12.57145 ? 56   ILE A O    1 
ATOM   792  C CB   . ILE A 1 61 ? 4.97874   9.94705   -4.61998  1.000 14.18394 ? 56   ILE A CB   1 
ATOM   793  C CG1  . ILE A 1 61 ? 5.03878   11.23591  -3.80708  1.000 17.52886 ? 56   ILE A CG1  1 
ATOM   794  C CG2  . ILE A 1 61 ? 6.33366   9.67995   -5.28619  1.000 18.38714 ? 56   ILE A CG2  1 
ATOM   795  C CD1  . ILE A 1 61 ? 5.22502   12.49248  -4.65229  1.000 24.00586 ? 56   ILE A CD1  1 
ATOM   796  H H    . ILE A 1 61 ? 2.46993   9.97221   -4.29596  1.000 17.01395 ? 56   ILE A H    1 
ATOM   797  H HA   . ILE A 1 61 ? 4.09809   10.66960  -6.33543  1.000 17.55308 ? 56   ILE A HA   1 
ATOM   798  H HB   . ILE A 1 61 ? 4.76975   9.22188   -4.01059  1.000 17.02073 ? 56   ILE A HB   1 
ATOM   799  H HG12 . ILE A 1 61 ? 4.20891   11.33189  -3.31411  1.000 21.03463 ? 56   ILE A HG12 1 
ATOM   800  H HG13 . ILE A 1 61 ? 5.78608   11.18085  -3.19112  1.000 21.03463 ? 56   ILE A HG13 1 
ATOM   801  H HG21 . ILE A 1 61 ? 7.03785   9.80460   -4.63084  1.000 22.06457 ? 56   ILE A HG21 1 
ATOM   802  H HG22 . ILE A 1 61 ? 6.34820   8.76860   -5.61807  1.000 22.06457 ? 56   ILE A HG22 1 
ATOM   803  H HG23 . ILE A 1 61 ? 6.45212   10.30160  -6.02132  1.000 22.06457 ? 56   ILE A HG23 1 
ATOM   804  H HD11 . ILE A 1 61 ? 5.14300   13.27224  -4.08120  1.000 28.80703 ? 56   ILE A HD11 1 
ATOM   805  H HD12 . ILE A 1 61 ? 6.10525   12.47170  -5.05931  1.000 28.80703 ? 56   ILE A HD12 1 
ATOM   806  H HD13 . ILE A 1 61 ? 4.54247   12.51374  -5.34118  1.000 28.80703 ? 56   ILE A HD13 1 
ATOM   807  N N    . ASN A 1 62 ? 4.09380   8.62099   -7.65437  1.000 14.21758 ? 57   ASN A N    1 
ATOM   808  C CA   . ASN A 1 62 ? 4.02019   7.39629   -8.43263  1.000 15.04632 ? 57   ASN A CA   1 
ATOM   809  C C    . ASN A 1 62 ? 4.87856   6.33321   -7.76870  1.000 13.90182 ? 57   ASN A C    1 
ATOM   810  O O    . ASN A 1 62 ? 6.03253   6.58910   -7.40854  1.000 15.58919 ? 57   ASN A O    1 
ATOM   811  C CB   . ASN A 1 62 ? 4.55346   7.69185   -9.82727  1.000 16.45001 ? 57   ASN A CB   1 
ATOM   812  C CG   . ASN A 1 62 ? 4.37544   6.54981   -10.79251 1.000 18.17051 ? 57   ASN A CG   1 
ATOM   813  O OD1  . ASN A 1 62 ? 4.21709   5.39778   -10.39345 1.000 24.43142 ? 57   ASN A OD1  1 
ATOM   814  N ND2  . ASN A 1 62 ? 4.47614   6.85240   -12.08477 1.000 30.42770 ? 57   ASN A ND2  1 
ATOM   815  H H    . ASN A 1 62 ? 4.38253   9.30021   -8.09584  1.000 17.06110 ? 57   ASN A H    1 
ATOM   816  H HA   . ASN A 1 62 ? 3.10846   7.07107   -8.49504  1.000 18.05558 ? 57   ASN A HA   1 
ATOM   817  H HB2  . ASN A 1 62 ? 4.08263   8.46012   -10.18639 1.000 19.74001 ? 57   ASN A HB2  1 
ATOM   818  H HB3  . ASN A 1 62 ? 5.50239   7.88329   -9.76574  1.000 19.74001 ? 57   ASN A HB3  1 
ATOM   819  H HD21 . ASN A 1 62 ? 4.63444   7.66267   -12.32561 1.000 36.51324 ? 57   ASN A HD21 1 
ATOM   820  H HD22 . ASN A 1 62 ? 4.38289   6.23764   -12.67889 1.000 36.51324 ? 57   ASN A HD22 1 
ATOM   821  N N    . ALA A 1 63 ? 4.30939   5.14936   -7.58447  1.000 14.38557 ? 58   ALA A N    1 
ATOM   822  C CA   . ALA A 1 63 ? 5.00350   4.08833   -6.87269  1.000 14.64702 ? 58   ALA A CA   1 
ATOM   823  C C    . ALA A 1 63 ? 6.02004   3.36687   -7.73308  1.000 13.24244 ? 58   ALA A C    1 
ATOM   824  O O    . ALA A 1 63 ? 6.86436   2.64730   -7.19119  1.000 14.89938 ? 58   ALA A O    1 
ATOM   825  C CB   . ALA A 1 63 ? 3.99855   3.09066   -6.30511  1.000 19.62294 ? 58   ALA A CB   1 
ATOM   826  H H    . ALA A 1 63 ? 3.52356   4.93679   -7.86173  1.000 17.26268 ? 58   ALA A H    1 
ATOM   827  H HA   . ALA A 1 63 ? 5.48091   4.47830   -6.12375  1.000 17.57643 ? 58   ALA A HA   1 
ATOM   828  H HB1  . ALA A 1 63 ? 4.47866   2.39432   -5.83023  1.000 23.54753 ? 58   ALA A HB1  1 
ATOM   829  H HB2  . ALA A 1 63 ? 3.40186   3.55464   -5.69719  1.000 23.54753 ? 58   ALA A HB2  1 
ATOM   830  H HB3  . ALA A 1 63 ? 3.49106   2.70345   -7.03548  1.000 23.54753 ? 58   ALA A HB3  1 
ATOM   831  N N    . GLN A 1 64 ? 5.97087   3.54506   -9.04823  1.000 12.97975 ? 59   GLN A N    1 
ATOM   832  C CA   . GLN A 1 64 ? 6.80260   2.74878   -9.94725  1.000 15.36183 ? 59   GLN A CA   1 
ATOM   833  C C    . GLN A 1 64 ? 8.28384   2.76800   -9.56748  1.000 22.81987 ? 59   GLN A C    1 
ATOM   834  O O    . GLN A 1 64 ? 8.94429   1.72237   -9.55592  1.000 23.73084 ? 59   GLN A O    1 
ATOM   835  C CB   . GLN A 1 64 ? 6.59941   3.20765   -11.39365 1.000 16.18202 ? 59   GLN A CB   1 
ATOM   836  C CG   . GLN A 1 64 ? 7.44230   2.43065   -12.40428 1.000 27.94420 ? 59   GLN A CG   1 
ATOM   837  C CD   . GLN A 1 64 ? 7.12771   2.81635   -13.83203 1.000 27.29687 ? 59   GLN A CD   1 
ATOM   838  O OE1  . GLN A 1 64 ? 5.97387   2.75010   -14.26118 1.000 28.13978 ? 59   GLN A OE1  1 
ATOM   839  N NE2  . GLN A 1 64 ? 8.15193   3.22665   -14.57639 1.000 30.08096 ? 59   GLN A NE2  1 
ATOM   840  H H    . GLN A 1 64 ? 5.46729   4.11749   -9.44616  1.000 15.57570 ? 59   GLN A H    1 
ATOM   841  H HA   . GLN A 1 64 ? 6.51263   1.82600   -9.87437  1.000 18.43420 ? 59   GLN A HA   1 
ATOM   842  H HB2  . GLN A 1 64 ? 5.66647   3.08897   -11.63121 1.000 19.41843 ? 59   GLN A HB2  1 
ATOM   843  H HB3  . GLN A 1 64 ? 6.84254   4.14421   -11.46164 1.000 19.41843 ? 59   GLN A HB3  1 
ATOM   844  H HG2  . GLN A 1 64 ? 8.38106   2.61334   -12.24225 1.000 33.53304 ? 59   GLN A HG2  1 
ATOM   845  H HG3  . GLN A 1 64 ? 7.26644   1.48220   -12.30222 1.000 33.53304 ? 59   GLN A HG3  1 
ATOM   846  H HE21 . GLN A 1 64 ? 8.94211   3.26147   -14.23877 1.000 36.09715 ? 59   GLN A HE21 1 
ATOM   847  H HE22 . GLN A 1 64 ? 8.02353   3.45693   -15.39497 1.000 36.09715 ? 59   GLN A HE22 1 
ATOM   848  N N    . GLY A 1 65 ? 8.83039   3.93388   -9.26435  1.000 21.13069 ? 60   GLY A N    1 
ATOM   849  C CA   . GLY A 1 65 ? 10.26235  3.97046   -8.97616  1.000 20.95668 ? 60   GLY A CA   1 
ATOM   850  C C    . GLY A 1 65 ? 10.66406  3.52954   -7.57676  1.000 15.17769 ? 60   GLY A C    1 
ATOM   851  O O    . GLY A 1 65 ? 11.86840  3.43753   -7.27794  1.000 16.11538 ? 60   GLY A O    1 
ATOM   852  H H    . GLY A 1 65 ? 8.41644   4.68637   -9.21974  1.000 25.35683 ? 60   GLY A H    1 
ATOM   853  H HA2  . GLY A 1 65 ? 10.71778  3.39142   -9.60719  1.000 25.14801 ? 60   GLY A HA2  1 
ATOM   854  H HA3  . GLY A 1 65 ? 10.57725  4.87982   -9.09788  1.000 25.14801 ? 60   GLY A HA3  1 
ATOM   855  N N    . MET A 1 66 ? 9.69189   3.30297   -6.70041  1.000 12.18905 ? 61   MET A N    1 
ATOM   856  C CA   . MET A 1 66 ? 10.00206  3.19398   -5.30046  1.000 11.15438 ? 61   MET A CA   1 
ATOM   857  C C    . MET A 1 66 ? 10.56012  1.82544   -4.94870  1.000 10.05434 ? 61   MET A C    1 
ATOM   858  O O    . MET A 1 66 ? 10.12713  0.81106   -5.49413  1.000 11.40545 ? 61   MET A O    1 
ATOM   859  C CB   . MET A 1 66 ? 8.81249   3.36758   -4.36302  1.000 11.94721 ? 61   MET A CB   1 
ATOM   860  C CG   . MET A 1 66 ? 8.12934   4.71978   -4.40480  1.000 14.31383 ? 61   MET A CG   1 
ATOM   861  S SD   . MET A 1 66 ? 6.72012   4.71324   -3.31346  1.000 13.75792 ? 61   MET A SD   1 
ATOM   862  C CE   . MET A 1 66 ? 6.16867   6.41672   -3.58847  1.000 18.26332 ? 61   MET A CE   1 
ATOM   863  H H    . MET A 1 66 ? 8.85992   3.21135   -6.89797  1.000 14.62687 ? 61   MET A H    1 
ATOM   864  H HA   . MET A 1 66 ? 10.63170  3.91770   -5.15669  1.000 13.38526 ? 61   MET A HA   1 
ATOM   865  H HB2  . MET A 1 66 ? 8.14547   2.70176   -4.59249  1.000 14.33666 ? 61   MET A HB2  1 
ATOM   866  H HB3  . MET A 1 66 ? 9.12005   3.22932   -3.45351  1.000 14.33666 ? 61   MET A HB3  1 
ATOM   867  H HG2  . MET A 1 66 ? 8.74733   5.40853   -4.11392  1.000 17.17660 ? 61   MET A HG2  1 
ATOM   868  H HG3  . MET A 1 66 ? 7.82569   4.90603   -5.30702  1.000 17.17660 ? 61   MET A HG3  1 
ATOM   869  H HE1  . MET A 1 66 ? 5.36347   6.57536   -3.07138  1.000 21.91599 ? 61   MET A HE1  1 
ATOM   870  H HE2  . MET A 1 66 ? 6.86903   7.02502   -3.30502  1.000 21.91599 ? 61   MET A HE2  1 
ATOM   871  H HE3  . MET A 1 66 ? 5.98509   6.54065   -4.53284  1.000 21.91599 ? 61   MET A HE3  1 
ATOM   872  N N    . THR A 1 67 ? 11.49897  1.79686   -4.00306  1.000 10.73515 ? 62   THR A N    1 
ATOM   873  C CA   . THR A 1 67 ? 11.87195  0.52996   -3.41037  1.000 10.32850 ? 62   THR A CA   1 
ATOM   874  C C    . THR A 1 67 ? 10.79137  0.10061   -2.40829  1.000 9.34383  ? 62   THR A C    1 
ATOM   875  O O    . THR A 1 67 ? 9.91777   0.86439   -1.99892  1.000 9.91389  ? 62   THR A O    1 
ATOM   876  C CB   . THR A 1 67 ? 13.18804  0.65510   -2.65652  1.000 9.53209  ? 62   THR A CB   1 
ATOM   877  O OG1  . THR A 1 67 ? 13.02210  1.62407   -1.62822  1.000 9.69315  ? 62   THR A OG1  1 
ATOM   878  C CG2  . THR A 1 67 ? 14.31961  1.07496   -3.60526  1.000 10.87725 ? 62   THR A CG2  1 
ATOM   879  H H    . THR A 1 67 ? 11.91950  2.48323   -3.70032  1.000 12.88218 ? 62   THR A H    1 
ATOM   880  H HA   . THR A 1 67 ? 11.96869  -0.13026  -4.11441  1.000 12.39421 ? 62   THR A HA   1 
ATOM   881  H HB   . THR A 1 67 ? 13.44062  -0.19706  -2.26803  1.000 11.43851 ? 62   THR A HB   1 
ATOM   882  H HG1  . THR A 1 67 ? 13.74623  1.73324   -1.21677  1.000 11.63178 ? 62   THR A HG1  1 
ATOM   883  H HG21 . THR A 1 67 ? 15.15364  1.14736   -3.11530  1.000 13.05270 ? 62   THR A HG21 1 
ATOM   884  H HG22 . THR A 1 67 ? 14.42420  0.41571   -4.30908  1.000 13.05270 ? 62   THR A HG22 1 
ATOM   885  H HG23 . THR A 1 67 ? 14.11460  1.93397   -4.00646  1.000 13.05270 ? 62   THR A HG23 1 
ATOM   886  N N    . HIS A 1 68 ? 10.89227  -1.15053  -1.99101  1.000 10.19666 ? 63   HIS A N    1 
ATOM   887  C CA   . HIS A 1 68 ? 10.02916  -1.68535  -0.94861  1.000 10.65311 ? 63   HIS A CA   1 
ATOM   888  C C    . HIS A 1 68 ? 10.07863  -0.82421  0.30759   1.000 9.90141  ? 63   HIS A C    1 
ATOM   889  O O    . HIS A 1 68 ? 9.03918   -0.44162  0.84923   1.000 9.95349  ? 63   HIS A O    1 
ATOM   890  C CB   . HIS A 1 68 ? 10.49803  -3.11407  -0.67683  1.000 11.89140 ? 63   HIS A CB   1 
ATOM   891  C CG   . HIS A 1 68 ? 9.60255   -3.87443  0.22269   1.000 13.54919 ? 63   HIS A CG   1 
ATOM   892  N ND1  . HIS A 1 68 ? 8.49651   -4.54780  -0.23865  1.000 15.55013 ? 63   HIS A ND1  1 
ATOM   893  C CD2  . HIS A 1 68 ? 9.64933   -4.08374  1.55538   1.000 18.06935 ? 63   HIS A CD2  1 
ATOM   894  C CE1  . HIS A 1 68 ? 7.87489   -5.10698  0.78191   1.000 13.82907 ? 63   HIS A CE1  1 
ATOM   895  N NE2  . HIS A 1 68 ? 8.56099   -4.85153  1.88103   1.000 19.82090 ? 63   HIS A NE2  1 
ATOM   896  H H    . HIS A 1 68 ? 11.45903  -1.72006  -2.29764  1.000 12.23599 ? 63   HIS A H    1 
ATOM   897  H HA   . HIS A 1 68 ? 9.10140   -1.69635  -1.23153  1.000 12.78373 ? 63   HIS A HA   1 
ATOM   898  H HB2  . HIS A 1 68 ? 10.54650  -3.59202  -1.51951  1.000 14.26969 ? 63   HIS A HB2  1 
ATOM   899  H HB3  . HIS A 1 68 ? 11.37478  -3.08120  -0.26316  1.000 14.26969 ? 63   HIS A HB3  1 
ATOM   900  H HD1  . HIS A 1 68 ? 8.24931   -4.59674  -1.06090  1.000 18.66015 ? 63   HIS A HD1  1 
ATOM   901  H HD2  . HIS A 1 68 ? 10.29759  -3.76689  2.14213   1.000 21.68322 ? 63   HIS A HD2  1 
ATOM   902  H HE1  . HIS A 1 68 ? 7.08657   -5.59816  0.73517   1.000 16.59488 ? 63   HIS A HE1  1 
ATOM   903  N N    A LEU A 1 69 ? 11.27833  -0.49862  0.78070   0.505 9.71083  ? 64   LEU A N    1 
ATOM   904  N N    B LEU A 1 69 ? 11.29218  -0.49176  0.76286   0.495 9.74954  ? 64   LEU A N    1 
ATOM   905  C CA   A LEU A 1 69 ? 11.39077  0.30143   1.99255   0.505 9.88048  ? 64   LEU A CA   1 
ATOM   906  C CA   B LEU A 1 69 ? 11.45874  0.31293   1.96745   0.495 9.80939  ? 64   LEU A CA   1 
ATOM   907  C C    A LEU A 1 69 ? 10.84293  1.71483   1.79375   0.505 9.26930  ? 64   LEU A C    1 
ATOM   908  C C    B LEU A 1 69 ? 10.86322  1.70674   1.79130   0.495 9.27326  ? 64   LEU A C    1 
ATOM   909  O O    A LEU A 1 69 ? 10.19764  2.25903   2.69122   0.505 9.83651  ? 64   LEU A O    1 
ATOM   910  O O    B LEU A 1 69 ? 10.21022  2.22699   2.69789   0.495 9.85223  ? 64   LEU A O    1 
ATOM   911  C CB   A LEU A 1 69 ? 12.84041  0.32176   2.46090   0.505 10.65183 ? 64   LEU A CB   1 
ATOM   912  C CB   B LEU A 1 69 ? 12.94536  0.39154   2.33108   0.495 10.45509 ? 64   LEU A CB   1 
ATOM   913  C CG   A LEU A 1 69 ? 13.03122  1.07107   3.77874   0.505 10.27839 ? 64   LEU A CG   1 
ATOM   914  C CG   B LEU A 1 69 ? 13.24867  1.25004   3.55976   0.495 11.94660 ? 64   LEU A CG   1 
ATOM   915  C CD1  A LEU A 1 69 ? 12.20906  0.47497   4.92515   0.505 11.94729 ? 64   LEU A CD1  1 
ATOM   916  C CD1  B LEU A 1 69 ? 14.36953  0.64815   4.40459   0.495 14.54080 ? 64   LEU A CD1  1 
ATOM   917  C CD2  A LEU A 1 69 ? 14.51786  1.18543   4.13081   0.505 11.19687 ? 64   LEU A CD2  1 
ATOM   918  C CD2  B LEU A 1 69 ? 13.59810  2.67764   3.14630   0.495 15.54001 ? 64   LEU A CD2  1 
ATOM   919  H H    A LEU A 1 69 ? 12.02823  -0.72429  0.42529   0.505 11.65299 ? 64   LEU A H    1 
ATOM   920  H H    B LEU A 1 69 ? 12.03256  -0.72116  0.39027   0.495 11.69945 ? 64   LEU A H    1 
ATOM   921  H HA   A LEU A 1 69 ? 10.85912  -0.10848  2.69271   0.505 11.85658 ? 64   LEU A HA   1 
ATOM   922  H HA   B LEU A 1 69 ? 10.99076  -0.11259  2.70286   0.495 11.77127 ? 64   LEU A HA   1 
ATOM   923  H HB2  A LEU A 1 69 ? 13.14219  -0.59124  2.58845   0.505 12.78219 ? 64   LEU A HB2  1 
ATOM   924  H HB2  B LEU A 1 69 ? 13.26703  -0.50550  2.51203   0.495 12.54610 ? 64   LEU A HB2  1 
ATOM   925  H HB3  A LEU A 1 69 ? 13.38255  0.75912   1.78584   0.505 12.78219 ? 64   LEU A HB3  1 
ATOM   926  H HB3  B LEU A 1 69 ? 13.42744  0.77166   1.58007   0.495 12.54610 ? 64   LEU A HB3  1 
ATOM   927  H HG   A LEU A 1 69 ? 12.68965  1.97112   3.65975   0.505 12.33406 ? 64   LEU A HG   1 
ATOM   928  H HG   B LEU A 1 69 ? 12.45213  1.27738   4.11265   0.495 14.33592 ? 64   LEU A HG   1 
ATOM   929  H HD11 A LEU A 1 69 ? 12.48599  0.88562   5.75916   0.505 14.33674 ? 64   LEU A HD11 1 
ATOM   930  H HD11 B LEU A 1 69 ? 14.52134  1.21433   5.17743   0.495 17.44896 ? 64   LEU A HD11 1 
ATOM   931  H HD12 A LEU A 1 69 ? 11.26897  0.65254   4.76516   0.505 14.33674 ? 64   LEU A HD12 1 
ATOM   932  H HD12 B LEU A 1 69 ? 14.10628  -0.24013  4.69189   0.495 17.44896 ? 64   LEU A HD12 1 
ATOM   933  H HD13 A LEU A 1 69 ? 12.36362  -0.48199  4.96031   0.505 14.33674 ? 64   LEU A HD13 1 
ATOM   934  H HD13 B LEU A 1 69 ? 15.17633  0.59686   3.86853   0.495 17.44896 ? 64   LEU A HD13 1 
ATOM   935  H HD21 A LEU A 1 69 ? 14.60776  1.66303   4.97027   0.505 13.43624 ? 64   LEU A HD21 1 
ATOM   936  H HD21 B LEU A 1 69 ? 12.78139  3.15010   2.92120   0.495 18.64801 ? 64   LEU A HD21 1 
ATOM   937  H HD22 A LEU A 1 69 ? 14.89179  0.29441   4.21547   0.505 13.43624 ? 64   LEU A HD22 1 
ATOM   938  H HD22 B LEU A 1 69 ? 14.04340  3.12048   3.88556   0.495 18.64801 ? 64   LEU A HD22 1 
ATOM   939  H HD23 A LEU A 1 69 ? 14.97336  1.66955   3.42437   0.505 13.43624 ? 64   LEU A HD23 1 
ATOM   940  H HD23 B LEU A 1 69 ? 14.18634  2.64819   2.37559   0.495 18.64801 ? 64   LEU A HD23 1 
ATOM   941  N N    . GLU A 1 70 ? 11.05536  2.31534   0.62317   1.000 8.92055  ? 65   GLU A N    1 
ATOM   942  C CA   . GLU A 1 70 ? 10.51452  3.65403   0.40671   1.000 9.85687  ? 65   GLU A CA   1 
ATOM   943  C C    . GLU A 1 70 ? 8.99815   3.66007   0.53213   1.000 8.92008  ? 65   GLU A C    1 
ATOM   944  O O    . GLU A 1 70 ? 8.42802   4.55894   1.16291   1.000 9.64737  ? 65   GLU A O    1 
ATOM   945  C CB   . GLU A 1 70 ? 10.93452  4.19866   -0.95450  1.000 9.65518  ? 65   GLU A CB   1 
ATOM   946  C CG   . GLU A 1 70 ? 12.32495  4.78538   -0.93687  1.000 9.97334  ? 65   GLU A CG   1 
ATOM   947  C CD   . GLU A 1 70 ? 12.91898  5.12388   -2.29765  1.000 9.56531  ? 65   GLU A CD   1 
ATOM   948  O OE1  . GLU A 1 70 ? 12.49195  4.53302   -3.32522  1.000 11.36146 ? 65   GLU A OE1  1 
ATOM   949  O OE2  . GLU A 1 70 ? 13.84127  5.97701   -2.31900  1.000 10.58475 ? 65   GLU A OE2  1 
ATOM   950  H H    . GLU A 1 70 ? 11.49372  1.97878   -0.03575  1.000 10.70466 ? 65   GLU A H    1 
ATOM   951  H HA   . GLU A 1 70 ? 10.88363  4.24207   1.08411   1.000 11.82824 ? 65   GLU A HA   1 
ATOM   952  H HB2  . GLU A 1 70 ? 10.91979  3.47714   -1.60265  1.000 11.58622 ? 65   GLU A HB2  1 
ATOM   953  H HB3  . GLU A 1 70 ? 10.31594  4.89670   -1.22100  1.000 11.58622 ? 65   GLU A HB3  1 
ATOM   954  H HG2  . GLU A 1 70 ? 12.30210  5.60681   -0.42149  1.000 11.96801 ? 65   GLU A HG2  1 
ATOM   955  H HG3  . GLU A 1 70 ? 12.91985  4.14564   -0.51529  1.000 11.96801 ? 65   GLU A HG3  1 
ATOM   956  N N    . ALA A 1 71 ? 8.32123   2.67385   -0.06466  1.000 9.21433  ? 66   ALA A N    1 
ATOM   957  C CA   . ALA A 1 71 ? 6.87468   2.58918   0.06016   1.000 9.81211  ? 66   ALA A CA   1 
ATOM   958  C C    . ALA A 1 71 ? 6.46970   2.34461   1.50062   1.000 9.08690  ? 66   ALA A C    1 
ATOM   959  O O    . ALA A 1 71 ? 5.55422   2.99102   2.01441   1.000 9.97694  ? 66   ALA A O    1 
ATOM   960  C CB   . ALA A 1 71 ? 6.36229   1.47212   -0.84682  1.000 10.08845 ? 66   ALA A CB   1 
ATOM   961  H H    . ALA A 1 71 ? 8.67582   2.05139   -0.54047  1.000 11.05720 ? 66   ALA A H    1 
ATOM   962  H HA   . ALA A 1 71 ? 6.47166   3.42516   -0.22199  1.000 11.77454 ? 66   ALA A HA   1 
ATOM   963  H HB1  . ALA A 1 71 ? 5.40001   1.40107   -0.74751  1.000 12.10614 ? 66   ALA A HB1  1 
ATOM   964  H HB2  . ALA A 1 71 ? 6.58509   1.68492   -1.76659  1.000 12.10614 ? 66   ALA A HB2  1 
ATOM   965  H HB3  . ALA A 1 71 ? 6.78397   0.63750   -0.58893  1.000 12.10614 ? 66   ALA A HB3  1 
ATOM   966  N N    A GLN A 1 72 ? 7.17296   1.42981   2.16723   0.493 9.35073  ? 67   GLN A N    1 
ATOM   967  N N    B GLN A 1 72 ? 7.11245   1.39753   2.17311   0.507 9.28058  ? 67   GLN A N    1 
ATOM   968  C CA   A GLN A 1 72 ? 6.89738   1.07624   3.55239   0.493 10.68555 ? 67   GLN A CA   1 
ATOM   969  C CA   B GLN A 1 72 ? 6.76684   1.13186   3.56448   0.507 10.52291 ? 67   GLN A CA   1 
ATOM   970  C C    A GLN A 1 72 ? 6.99473   2.27715   4.47452   0.493 10.52373 ? 67   GLN A C    1 
ATOM   971  C C    B GLN A 1 72 ? 6.86625   2.40735   4.38878   0.507 10.64119 ? 67   GLN A C    1 
ATOM   972  O O    A GLN A 1 72 ? 6.23021   2.38418   5.43395   0.493 9.81942  ? 67   GLN A O    1 
ATOM   973  O O    B GLN A 1 72 ? 5.93404   2.75281   5.12945   0.507 10.37210 ? 67   GLN A O    1 
ATOM   974  C CB   A GLN A 1 72 ? 7.90303   0.00721   3.99165   0.493 13.61581 ? 67   GLN A CB   1 
ATOM   975  C CB   B GLN A 1 72 ? 7.68116   0.04057   4.13060   0.507 12.70206 ? 67   GLN A CB   1 
ATOM   976  C CG   A GLN A 1 72 ? 7.94923   -0.29363  5.48329   0.493 14.53830 ? 67   GLN A CG   1 
ATOM   977  C CG   B GLN A 1 72 ? 7.75809   -1.22216  3.26776   0.507 19.02210 ? 67   GLN A CG   1 
ATOM   978  C CD   A GLN A 1 72 ? 8.91334   -1.43275  5.80670   0.493 16.60788 ? 67   GLN A CD   1 
ATOM   979  C CD   B GLN A 1 72 ? 7.39699   -2.49639  4.00188   0.507 24.46524 ? 67   GLN A CD   1 
ATOM   980  O OE1  A GLN A 1 72 ? 8.83599   -2.50858  5.21241   0.493 21.25477 ? 67   GLN A OE1  1 
ATOM   981  O OE1  B GLN A 1 72 ? 6.49196   -3.22025  3.59277   0.507 18.58492 ? 67   GLN A OE1  1 
ATOM   982  N NE2  A GLN A 1 72 ? 9.81643   -1.20324  6.75280   0.493 20.68315 ? 67   GLN A NE2  1 
ATOM   983  N NE2  B GLN A 1 72 ? 8.12886   -2.79804  5.06619   0.507 21.78514 ? 67   GLN A NE2  1 
ATOM   984  H H    A GLN A 1 72 ? 7.83057   0.98959   1.83054   0.493 11.22087 ? 67   GLN A H    1 
ATOM   985  H H    B GLN A 1 72 ? 7.74030   0.90361   1.85459   0.507 11.13670 ? 67   GLN A H    1 
ATOM   986  H HA   A GLN A 1 72 ? 5.99412   0.72844   3.61603   0.493 12.82266 ? 67   GLN A HA   1 
ATOM   987  H HA   B GLN A 1 72 ? 5.85414   0.80716   3.61387   0.507 12.62749 ? 67   GLN A HA   1 
ATOM   988  H HB2  A GLN A 1 72 ? 7.68124   -0.82157  3.53906   0.493 16.33898 ? 67   GLN A HB2  1 
ATOM   989  H HB2  B GLN A 1 72 ? 8.57927   0.39841   4.20959   0.507 15.24247 ? 67   GLN A HB2  1 
ATOM   990  H HB3  A GLN A 1 72 ? 8.79014   0.30044   3.73099   0.493 16.33898 ? 67   GLN A HB3  1 
ATOM   991  H HB3  B GLN A 1 72 ? 7.34965   -0.21954  5.00430   0.507 15.24247 ? 67   GLN A HB3  1 
ATOM   992  H HG2  A GLN A 1 72 ? 8.24461   0.49812   5.95951   0.493 17.44596 ? 67   GLN A HG2  1 
ATOM   993  H HG2  B GLN A 1 72 ? 7.14381   -1.12763  2.52303   0.507 22.82652 ? 67   GLN A HG2  1 
ATOM   994  H HG3  A GLN A 1 72 ? 7.06382   -0.55094  5.78451   0.493 17.44596 ? 67   GLN A HG3  1 
ATOM   995  H HG3  B GLN A 1 72 ? 8.66552   -1.31919  2.93905   0.507 22.82652 ? 67   GLN A HG3  1 
ATOM   996  H HE21 A GLN A 1 72 ? 9.83809   -0.44119  7.15080   0.493 24.81978 ? 67   GLN A HE21 1 
ATOM   997  H HE21 B GLN A 1 72 ? 7.96099   -3.51209  5.51515   0.507 26.14217 ? 67   GLN A HE21 1 
ATOM   998  H HE22 A GLN A 1 72 ? 10.37964  -1.81667  6.96753   0.493 24.81978 ? 67   GLN A HE22 1 
ATOM   999  H HE22 B GLN A 1 72 ? 8.77124   -2.27956  5.30731   0.507 26.14217 ? 67   GLN A HE22 1 
ATOM   1000 N N    . ASN A 1 73 ? 7.99408   3.12740   4.26954   1.000 9.83361  ? 68   ASN A N    1 
ATOM   1001 C CA   . ASN A 1 73 ? 8.16161   4.31544   5.09299   1.000 12.01281 ? 68   ASN A CA   1 
ATOM   1002 C C    . ASN A 1 73 ? 7.18177   5.42724   4.74512   1.000 10.30436 ? 68   ASN A C    1 
ATOM   1003 O O    . ASN A 1 73 ? 6.76752   6.16404   5.63973   1.000 12.31911 ? 68   ASN A O    1 
ATOM   1004 C CB   . ASN A 1 73 ? 9.58000   4.81815   5.00393   1.000 11.69311 ? 68   ASN A CB   1 
ATOM   1005 C CG   . ASN A 1 73 ? 10.50411  3.99781   5.83504   1.000 13.28879 ? 68   ASN A CG   1 
ATOM   1006 O OD1  . ASN A 1 73 ? 10.09240  3.40971   6.82859   1.000 20.76551 ? 68   ASN A OD1  1 
ATOM   1007 N ND2  . ASN A 1 73 ? 11.77582  3.96108   5.45677   1.000 14.48293 ? 68   ASN A ND2  1 
ATOM   1008 H H    . ASN A 1 73 ? 8.64556   2.94813   3.73754   1.000 11.80034 ? 68   ASN A H    1 
ATOM   1009 H HA   . ASN A 1 73 ? 7.98513   4.06079   6.01218   1.000 14.41537 ? 68   ASN A HA   1 
ATOM   1010 H HB2  . ASN A 1 73 ? 9.87855   4.77429   4.08206   1.000 14.03174 ? 68   ASN A HB2  1 
ATOM   1011 H HB3  . ASN A 1 73 ? 9.61618   5.73409   5.32115   1.000 14.03174 ? 68   ASN A HB3  1 
ATOM   1012 H HD21 . ASN A 1 73 ? 12.34523  3.49998   5.90704   1.000 17.37952 ? 68   ASN A HD21 1 
ATOM   1013 H HD22 . ASN A 1 73 ? 12.03040  4.39838   4.76138   1.000 17.37952 ? 68   ASN A HD22 1 
ATOM   1014 N N    A LYS A 1 74 ? 6.84554   5.61434   3.47152   0.516 11.07328 ? 69   LYS A N    1 
ATOM   1015 N N    B LYS A 1 74 ? 6.82018   5.59110   3.47436   0.484 11.06669 ? 69   LYS A N    1 
ATOM   1016 C CA   A LYS A 1 74 ? 5.81867   6.58949   3.13505   0.516 11.83687 ? 69   LYS A CA   1 
ATOM   1017 C CA   B LYS A 1 74 ? 5.81685   6.58499   3.12039   0.484 11.84423 ? 69   LYS A CA   1 
ATOM   1018 C C    A LYS A 1 74 ? 4.51468   6.23107   3.82567   0.516 11.46436 ? 69   LYS A C    1 
ATOM   1019 C C    B LYS A 1 74 ? 4.46942   6.23732   3.72507   0.484 11.36697 ? 69   LYS A C    1 
ATOM   1020 O O    A LYS A 1 74 ? 3.85020   7.09860   4.40694   0.516 11.68520 ? 69   LYS A O    1 
ATOM   1021 O O    B LYS A 1 74 ? 3.70042   7.13533   4.08672   0.484 12.45393 ? 69   LYS A O    1 
ATOM   1022 C CB   A LYS A 1 74 ? 5.64223   6.66861   1.61945   0.516 13.24640 ? 69   LYS A CB   1 
ATOM   1023 C CB   B LYS A 1 74 ? 5.71073   6.68549   1.59991   0.484 13.20680 ? 69   LYS A CB   1 
ATOM   1024 C CG   A LYS A 1 74 ? 6.61853   7.62334   0.95923   0.516 16.84789 ? 69   LYS A CG   1 
ATOM   1025 C CG   B LYS A 1 74 ? 6.83433   7.48295   0.98714   0.484 16.24774 ? 69   LYS A CG   1 
ATOM   1026 C CD   A LYS A 1 74 ? 6.38802   7.77442   -0.54162  0.516 19.05693 ? 69   LYS A CD   1 
ATOM   1027 C CD   B LYS A 1 74 ? 6.96716   7.24769   -0.49835  0.484 20.54019 ? 69   LYS A CD   1 
ATOM   1028 C CE   A LYS A 1 74 ? 5.02714   8.38246   -0.86972  0.516 26.70038 ? 69   LYS A CE   1 
ATOM   1029 C CE   B LYS A 1 74 ? 7.88048   8.29942   -1.11436  0.484 20.23267 ? 69   LYS A CE   1 
ATOM   1030 N NZ   A LYS A 1 74 ? 4.89824   9.79958   -0.43071  0.516 25.90877 ? 69   LYS A NZ   1 
ATOM   1031 N NZ   B LYS A 1 74 ? 7.19016   9.61117   -1.27051  0.484 22.59753 ? 69   LYS A NZ   1 
ATOM   1032 H H    A LYS A 1 74 ? 7.18880   5.19940   2.80099   0.516 13.28794 ? 69   LYS A H    1 
ATOM   1033 H H    B LYS A 1 74 ? 7.13624   5.14606   2.80979   0.484 13.28003 ? 69   LYS A H    1 
ATOM   1034 H HA   A LYS A 1 74 ? 6.09146   7.47074   3.43486   0.516 14.20424 ? 69   LYS A HA   1 
ATOM   1035 H HA   B LYS A 1 74 ? 6.08529   7.45252   3.46132   0.484 14.21308 ? 69   LYS A HA   1 
ATOM   1036 H HB2  A LYS A 1 74 ? 5.78215   5.78706   1.23972   0.516 15.89568 ? 69   LYS A HB2  1 
ATOM   1037 H HB2  B LYS A 1 74 ? 5.73569   5.79242   1.22219   0.484 15.84816 ? 69   LYS A HB2  1 
ATOM   1038 H HB3  A LYS A 1 74 ? 4.74344   6.97577   1.42268   0.516 15.89568 ? 69   LYS A HB3  1 
ATOM   1039 H HB3  B LYS A 1 74 ? 4.87434   7.11967   1.37005   0.484 15.84816 ? 69   LYS A HB3  1 
ATOM   1040 H HG2  A LYS A 1 74 ? 6.52509   8.49960   1.36460   0.516 20.21747 ? 69   LYS A HG2  1 
ATOM   1041 H HG2  B LYS A 1 74 ? 6.66648   8.42788   1.12795   0.484 19.49729 ? 69   LYS A HG2  1 
ATOM   1042 H HG3  A LYS A 1 74 ? 7.52065   7.29174   1.09010   0.516 20.21747 ? 69   LYS A HG3  1 
ATOM   1043 H HG3  B LYS A 1 74 ? 7.67048   7.22824   1.40772   0.484 19.49729 ? 69   LYS A HG3  1 
ATOM   1044 H HD2  A LYS A 1 74 ? 7.07240   8.35451   -0.91041  0.516 22.86832 ? 69   LYS A HD2  1 
ATOM   1045 H HD2  B LYS A 1 74 ? 7.35091   6.37113   -0.65732  0.484 24.64823 ? 69   LYS A HD2  1 
ATOM   1046 H HD3  A LYS A 1 74 ? 6.43418   6.89995   -0.95883  0.516 22.86832 ? 69   LYS A HD3  1 
ATOM   1047 H HD3  B LYS A 1 74 ? 6.09488   7.30908   -0.91818  0.484 24.64823 ? 69   LYS A HD3  1 
ATOM   1048 H HE2  A LYS A 1 74 ? 4.89307   8.35450   -1.83001  0.516 32.04045 ? 69   LYS A HE2  1 
ATOM   1049 H HE2  B LYS A 1 74 ? 8.65178   8.42876   -0.54054  0.484 24.27920 ? 69   LYS A HE2  1 
ATOM   1050 H HE3  A LYS A 1 74 ? 4.33655   7.86805   -0.42321  0.516 32.04045 ? 69   LYS A HE3  1 
ATOM   1051 H HE3  B LYS A 1 74 ? 8.16617   8.00044   -1.99180  0.484 24.27920 ? 69   LYS A HE3  1 
ATOM   1052 H HZ1  A LYS A 1 74 ? 4.17761   10.16845  -0.80045  0.516 31.09052 ? 69   LYS A HZ1  1 
ATOM   1053 H HZ1  B LYS A 1 74 ? 6.92639   9.91284   -0.47583  0.484 27.11703 ? 69   LYS A HZ1  1 
ATOM   1054 H HZ2  A LYS A 1 74 ? 5.61793   10.26136  -0.67747  0.516 31.09052 ? 69   LYS A HZ2  1 
ATOM   1055 H HZ2  B LYS A 1 74 ? 6.47754   9.51950   -1.79573  0.484 27.11703 ? 69   LYS A HZ2  1 
ATOM   1056 H HZ3  A LYS A 1 74 ? 4.82014   9.83794   0.45503   0.516 31.09052 ? 69   LYS A HZ3  1 
ATOM   1057 H HZ3  B LYS A 1 74 ? 7.74364   10.20485  -1.63564  0.484 27.11703 ? 69   LYS A HZ3  1 
ATOM   1058 N N    . ILE A 1 75 ? 4.16343   4.94541   3.81722   1.000 10.60436 ? 70   ILE A N    1 
ATOM   1059 C CA   . ILE A 1 75 ? 2.94794   4.48239   4.47693   1.000 11.36369 ? 70   ILE A CA   1 
ATOM   1060 C C    . ILE A 1 75 ? 3.07294   4.63389   5.99524   1.000 11.46766 ? 70   ILE A C    1 
ATOM   1061 O O    . ILE A 1 75 ? 2.17354   5.15245   6.66471   1.000 13.27083 ? 70   ILE A O    1 
ATOM   1062 C CB   . ILE A 1 75 ? 2.67719   3.02557   4.03532   1.000 9.80513  ? 70   ILE A CB   1 
ATOM   1063 C CG1  . ILE A 1 75 ? 2.22600   2.98645   2.57460   1.000 10.63711 ? 70   ILE A CG1  1 
ATOM   1064 C CG2  . ILE A 1 75 ? 1.63324   2.37443   4.92312   1.000 11.98414 ? 70   ILE A CG2  1 
ATOM   1065 C CD1  . ILE A 1 75 ? 2.42438   1.64225   1.88537   1.000 9.70993  ? 70   ILE A CD1  1 
ATOM   1066 H H    . ILE A 1 75 ? 4.61558   4.32209   3.43432   1.000 12.72523 ? 70   ILE A H    1 
ATOM   1067 H HA   . ILE A 1 75 ? 2.19070   5.02762   4.21192   1.000 13.63643 ? 70   ILE A HA   1 
ATOM   1068 H HB   . ILE A 1 75 ? 3.50605   2.52915   4.12175   1.000 11.76616 ? 70   ILE A HB   1 
ATOM   1069 H HG12 . ILE A 1 75 ? 1.27983   3.19699   2.53811   1.000 12.76453 ? 70   ILE A HG12 1 
ATOM   1070 H HG13 . ILE A 1 75 ? 2.73243   3.64763   2.07735   1.000 12.76453 ? 70   ILE A HG13 1 
ATOM   1071 H HG21 . ILE A 1 75 ? 1.30859   1.56923   4.49051   1.000 14.38097 ? 70   ILE A HG21 1 
ATOM   1072 H HG22 . ILE A 1 75 ? 2.03844   2.15144   5.77575   1.000 14.38097 ? 70   ILE A HG22 1 
ATOM   1073 H HG23 . ILE A 1 75 ? 0.90081   2.99603   5.05746   1.000 14.38097 ? 70   ILE A HG23 1 
ATOM   1074 H HD11 . ILE A 1 75 ? 2.14139   1.71673   0.96055   1.000 11.65192 ? 70   ILE A HD11 1 
ATOM   1075 H HD12 . ILE A 1 75 ? 3.36335   1.40222   1.92565   1.000 11.65192 ? 70   ILE A HD12 1 
ATOM   1076 H HD13 . ILE A 1 75 ? 1.89175   0.97191   2.34130   1.000 11.65192 ? 70   ILE A HD13 1 
ATOM   1077 N N    . LYS A 1 76 ? 4.17087   4.16046   6.57027   1.000 12.64302 ? 71   LYS A N    1 
ATOM   1078 C CA   . LYS A 1 76 ? 4.30750   4.12913   8.02837   1.000 15.06655 ? 71   LYS A CA   1 
ATOM   1079 C C    . LYS A 1 76 ? 4.31560   5.52927   8.60947   1.000 13.15746 ? 71   LYS A C    1 
ATOM   1080 O O    . LYS A 1 76 ? 3.74826   5.78643   9.67858   1.000 15.32205 ? 71   LYS A O    1 
ATOM   1081 C CB   . LYS A 1 76 ? 5.62972   3.47932   8.43738   1.000 17.17207 ? 71   LYS A CB   1 
ATOM   1082 C CG   . LYS A 1 76 ? 5.66537   1.98366   8.52278   1.000 23.09801 ? 71   LYS A CG   1 
ATOM   1083 C CD   . LYS A 1 76 ? 7.11730   1.55011   8.68045   1.000 25.87888 ? 71   LYS A CD   1 
ATOM   1084 C CE   . LYS A 1 76 ? 7.25042   0.07443   8.99277   1.000 24.13426 ? 71   LYS A CE   1 
ATOM   1085 N NZ   . LYS A 1 76 ? 7.18975   -0.20814  10.45534  1.000 20.28823 ? 71   LYS A NZ   1 
ATOM   1086 H H    . LYS A 1 76 ? 4.85166   3.85137   6.14533   1.000 15.17162 ? 71   LYS A H    1 
ATOM   1087 H HA   . LYS A 1 76 ? 3.56007   3.61485   8.37153   1.000 18.07986 ? 71   LYS A HA   1 
ATOM   1088 H HB2  . LYS A 1 76 ? 6.30236   3.73934   7.78865   1.000 20.60648 ? 71   LYS A HB2  1 
ATOM   1089 H HB3  . LYS A 1 76 ? 5.86783   3.81614   9.31531   1.000 20.60648 ? 71   LYS A HB3  1 
ATOM   1090 H HG2  . LYS A 1 76 ? 5.15729   1.68109   9.29167   1.000 27.71761 ? 71   LYS A HG2  1 
ATOM   1091 H HG3  . LYS A 1 76 ? 5.30299   1.59435   7.71158   1.000 27.71761 ? 71   LYS A HG3  1 
ATOM   1092 H HD2  . LYS A 1 76 ? 7.59296   1.72658   7.85371   1.000 31.05465 ? 71   LYS A HD2  1 
ATOM   1093 H HD3  . LYS A 1 76 ? 7.52043   2.04901   9.40812   1.000 31.05465 ? 71   LYS A HD3  1 
ATOM   1094 H HE2  . LYS A 1 76 ? 6.52622   -0.40719  8.56327   1.000 28.96111 ? 71   LYS A HE2  1 
ATOM   1095 H HE3  . LYS A 1 76 ? 8.10404   -0.24435  8.66017   1.000 28.96111 ? 71   LYS A HE3  1 
ATOM   1096 H HZ1  . LYS A 1 76 ? 7.84814   0.21869   10.87540  1.000 24.34588 ? 71   LYS A HZ1  1 
ATOM   1097 H HZ2  . LYS A 1 76 ? 6.41040   0.06609   10.78628  1.000 24.34588 ? 71   LYS A HZ2  1 
ATOM   1098 H HZ3  . LYS A 1 76 ? 7.27354   -1.08226  10.60022  1.000 24.34588 ? 71   LYS A HZ3  1 
ATOM   1099 N N    . GLY A 1 77 ? 4.99774   6.42828   7.95254   1.000 15.98633 ? 72   GLY A N    1 
ATOM   1100 C CA   . GLY A 1 77 ? 5.20756   7.75744   8.45008   1.000 15.53424 ? 72   GLY A CA   1 
ATOM   1101 C C    . GLY A 1 77 ? 4.16930   8.70472   7.95033   1.000 15.53779 ? 72   GLY A C    1 
ATOM   1102 O O    . GLY A 1 77 ? 4.29828   9.92642   8.13381   1.000 18.29721 ? 72   GLY A O    1 
ATOM   1103 H H    . GLY A 1 77 ? 5.36291   6.28668   7.18691   1.000 19.18359 ? 72   GLY A H    1 
ATOM   1104 H HA2  . GLY A 1 77 ? 5.17647   7.74788   9.41954   1.000 18.64109 ? 72   GLY A HA2  1 
ATOM   1105 H HA3  . GLY A 1 77 ? 6.07869   8.07500   8.16517   1.000 18.64109 ? 72   GLY A HA3  1 
ATOM   1106 N N    . CYS A 1 78 ? 3.09845   8.16762   7.38848   1.000 17.92062 ? 73   CYS A N    1 
ATOM   1107 C CA   . CYS A 1 78 ? 2.07891   9.02323   6.83564   1.000 14.56523 ? 73   CYS A CA   1 
ATOM   1108 C C    . CYS A 1 78 ? 1.39914   9.84196   7.93430   1.000 18.07709 ? 73   CYS A C    1 
ATOM   1109 O O    . CYS A 1 78 ? 0.93700   9.29588   8.94034   1.000 20.01100 ? 73   CYS A O    1 
ATOM   1110 C CB   . CYS A 1 78 ? 1.05680   8.14051   6.13993   1.000 17.76861 ? 73   CYS A CB   1 
ATOM   1111 S SG   . CYS A 1 78 ? -0.27314  9.02756   5.51134   1.000 19.40084 ? 73   CYS A SG   1 
ATOM   1112 H H    . CYS A 1 78 ? 2.94553   7.32424   7.31828   1.000 21.50474 ? 73   CYS A H    1 
ATOM   1113 H HA   . CYS A 1 78 ? 2.46788   9.64775   6.20351   1.000 17.47828 ? 73   CYS A HA   1 
ATOM   1114 H HB2  . CYS A 1 78 ? 1.48719   7.68157   5.40167   1.000 21.32233 ? 73   CYS A HB2  1 
ATOM   1115 H HB3  . CYS A 1 78 ? 0.71268   7.49472   6.77667   1.000 21.32233 ? 73   CYS A HB3  1 
ATOM   1116 H HG   . CYS A 1 78 ? -1.21872  8.29553   5.41132   1.000 23.28101 ? 73   CYS A HG   1 
ATOM   1117 N N    . THR A 1 79 ? 1.34888   11.16062  7.74352   1.000 27.68332 ? 74   THR A N    1 
ATOM   1118 C CA   . THR A 1 79 ? 0.61823   12.04061  8.65045   1.000 26.91887 ? 74   THR A CA   1 
ATOM   1119 C C    . THR A 1 79 ? -0.84677  12.10375  8.22890   1.000 32.00878 ? 74   THR A C    1 
ATOM   1120 O O    . THR A 1 79 ? -1.15942  12.37678  7.06167   1.000 32.62611 ? 74   THR A O    1 
ATOM   1121 C CB   . THR A 1 79 ? 1.23466   13.44500  8.65627   1.000 31.05585 ? 74   THR A CB   1 
ATOM   1122 O OG1  . THR A 1 79 ? 0.88034   14.14961  7.45755   1.000 33.97651 ? 74   THR A OG1  1 
ATOM   1123 C CG2  . THR A 1 79 ? 2.74861   13.36960  8.76970   1.000 31.97809 ? 74   THR A CG2  1 
ATOM   1124 H H    . THR A 1 79 ? 1.73220   11.57105  7.09220   1.000 33.21999 ? 74   THR A H    1 
ATOM   1125 H HA   . THR A 1 79 ? 0.66842   11.69168  9.55413   1.000 32.30264 ? 74   THR A HA   1 
ATOM   1126 H HB   . THR A 1 79 ? 0.89427   13.93336  9.42214   1.000 37.26702 ? 74   THR A HB   1 
ATOM   1127 H HG1  . THR A 1 79 ? 1.22563   14.91535  7.46169   1.000 40.77181 ? 74   THR A HG1  1 
ATOM   1128 H HG21 . THR A 1 79 ? 3.12668   14.26286  8.76331   1.000 38.37371 ? 74   THR A HG21 1 
ATOM   1129 H HG22 . THR A 1 79 ? 2.99777   12.92823  9.59676   1.000 38.37371 ? 74   THR A HG22 1 
ATOM   1130 H HG23 . THR A 1 79 ? 3.11267   12.86833  8.02331   1.000 38.37371 ? 74   THR A HG23 1 
ATOM   1131 N N    . GLY A 1 80 ? -1.74144  11.83697  9.17952   1.000 29.99328 ? 75   GLY A N    1 
ATOM   1132 C CA   . GLY A 1 80 ? -3.15846  11.88130  8.87136   1.000 16.97970 ? 75   GLY A CA   1 
ATOM   1133 C C    . GLY A 1 80 ? -3.55966  10.70446  7.99165   1.000 19.89931 ? 75   GLY A C    1 
ATOM   1134 O O    . GLY A 1 80 ? -3.03153  9.59650   8.12862   1.000 25.10371 ? 75   GLY A O    1 
ATOM   1135 H H    . GLY A 1 80 ? -1.55369  11.63211  9.99339   1.000 35.99193 ? 75   GLY A H    1 
ATOM   1136 H HA2  . GLY A 1 80 ? -3.67320  11.84631  9.69277   1.000 20.37563 ? 75   GLY A HA2  1 
ATOM   1137 H HA3  . GLY A 1 80 ? -3.36595  12.70530  8.40352   1.000 20.37563 ? 75   GLY A HA3  1 
ATOM   1138 N N    . SER A 1 81 ? -4.49911  10.94190  7.06941   1.000 14.91074 ? 76   SER A N    1 
ATOM   1139 C CA   . SER A 1 81 ? -5.05409  9.89090   6.22504   1.000 13.21731 ? 76   SER A CA   1 
ATOM   1140 C C    . SER A 1 81 ? -4.03183  9.34593   5.23850   1.000 12.94506 ? 76   SER A C    1 
ATOM   1141 O O    . SER A 1 81 ? -3.10119  10.03093  4.82115   1.000 14.91700 ? 76   SER A O    1 
ATOM   1142 C CB   . SER A 1 81 ? -6.27007  10.42894  5.46932   1.000 16.20154 ? 76   SER A CB   1 
ATOM   1143 O OG   . SER A 1 81 ? -5.91353  11.42706  4.52558   1.000 24.21276 ? 76   SER A OG   1 
ATOM   1144 H H    . SER A 1 81 ? -4.83510  11.71804  6.91339   1.000 17.89289 ? 76   SER A H    1 
ATOM   1145 H HA   . SER A 1 81 ? -5.32771  9.14885   6.78663   1.000 15.86078 ? 76   SER A HA   1 
ATOM   1146 H HB2  . SER A 1 81 ? -6.69385  9.69395   4.99910   1.000 19.44185 ? 76   SER A HB2  1 
ATOM   1147 H HB3  . SER A 1 81 ? -6.88866  10.81370  6.10979   1.000 19.44185 ? 76   SER A HB3  1 
ATOM   1148 H HG   . SER A 1 81 ? -6.60106  11.71484  4.13817   1.000 29.05531 ? 76   SER A HG   1 
ATOM   1149 N N    . LEU A 1 82 ? -4.21185  8.09239   4.86063   1.000 11.75889 ? 77   LEU A N    1 
ATOM   1150 C CA   . LEU A 1 82 ? -3.35244  7.43569   3.89175   1.000 11.13646 ? 77   LEU A CA   1 
ATOM   1151 C C    . LEU A 1 82 ? -4.05032  7.42571   2.53606   1.000 10.92847 ? 77   LEU A C    1 
ATOM   1152 O O    . LEU A 1 82 ? -5.03325  6.70883   2.34439   1.000 11.42627 ? 77   LEU A O    1 
ATOM   1153 C CB   . LEU A 1 82 ? -3.01206  6.02326   4.36160   1.000 12.29514 ? 77   LEU A CB   1 
ATOM   1154 C CG   . LEU A 1 82 ? -2.16416  5.21308   3.40375   1.000 10.94781 ? 77   LEU A CG   1 
ATOM   1155 C CD1  . LEU A 1 82 ? -0.78706  5.81683   3.17257   1.000 14.18011 ? 77   LEU A CD1  1 
ATOM   1156 C CD2  . LEU A 1 82 ? -2.00400  3.74989   3.86362   1.000 13.41723 ? 77   LEU A CD2  1 
ATOM   1157 H H    . LEU A 1 82 ? -4.84144  7.58826   5.15908   1.000 14.11066 ? 77   LEU A H    1 
ATOM   1158 H HA   . LEU A 1 82 ? -2.52753  7.93635   3.79296   1.000 13.36375 ? 77   LEU A HA   1 
ATOM   1159 H HB2  . LEU A 1 82 ? -2.52465  6.08837   5.19771   1.000 14.75417 ? 77   LEU A HB2  1 
ATOM   1160 H HB3  . LEU A 1 82 ? -3.84102  5.53828   4.49773   1.000 14.75417 ? 77   LEU A HB3  1 
ATOM   1161 H HG   . LEU A 1 82 ? -2.64106  5.22542   2.55917   1.000 13.13737 ? 77   LEU A HG   1 
ATOM   1162 H HD11 . LEU A 1 82 ? -0.27628  5.22688   2.59641   1.000 17.01613 ? 77   LEU A HD11 1 
ATOM   1163 H HD12 . LEU A 1 82 ? -0.88932  6.68425   2.75063   1.000 17.01613 ? 77   LEU A HD12 1 
ATOM   1164 H HD13 . LEU A 1 82 ? -0.33799  5.91534   4.02670   1.000 17.01613 ? 77   LEU A HD13 1 
ATOM   1165 H HD21 . LEU A 1 82 ? -1.44629  3.27764   3.22576   1.000 16.10068 ? 77   LEU A HD21 1 
ATOM   1166 H HD22 . LEU A 1 82 ? -1.58756  3.73796   4.73960   1.000 16.10068 ? 77   LEU A HD22 1 
ATOM   1167 H HD23 . LEU A 1 82 ? -2.87973  3.33515   3.90801   1.000 16.10068 ? 77   LEU A HD23 1 
ATOM   1168 N N    . ASN A 1 83 ? -3.53989  8.20425   1.60567   1.000 11.87469 ? 78   ASN A N    1 
ATOM   1169 C CA   . ASN A 1 83 ? -4.09820  8.34187   0.27203   1.000 11.91763 ? 78   ASN A CA   1 
ATOM   1170 C C    . ASN A 1 83 ? -3.26655  7.48024   -0.65656  1.000 10.66580 ? 78   ASN A C    1 
ATOM   1171 O O    . ASN A 1 83 ? -2.04623  7.66474   -0.74799  1.000 12.37790 ? 78   ASN A O    1 
ATOM   1172 C CB   . ASN A 1 83 ? -4.00852  9.80004   -0.15596  1.000 13.86545 ? 78   ASN A CB   1 
ATOM   1173 C CG   . ASN A 1 83 ? -4.96987  10.69757  0.59317   1.000 13.47676 ? 78   ASN A CG   1 
ATOM   1174 O OD1  . ASN A 1 83 ? -6.16335  10.43343  0.69257   1.000 15.69295 ? 78   ASN A OD1  1 
ATOM   1175 N ND2  . ASN A 1 83 ? -4.41495  11.71861  1.23729   1.000 20.15540 ? 78   ASN A ND2  1 
ATOM   1176 H H    . ASN A 1 83 ? -2.83787  8.68642   1.72516   1.000 14.24962 ? 78   ASN A H    1 
ATOM   1177 H HA   . ASN A 1 83 ? -5.02337  8.05193   0.24199   1.000 14.30115 ? 78   ASN A HA   1 
ATOM   1178 H HB2  . ASN A 1 83 ? -3.10862  10.12209  0.00946   1.000 16.63854 ? 78   ASN A HB2  1 
ATOM   1179 H HB3  . ASN A 1 83 ? -4.21524  9.86408   -1.10151  1.000 16.63854 ? 78   ASN A HB3  1 
ATOM   1180 H HD21 . ASN A 1 83 ? -3.56300  11.83267  1.20953   1.000 24.18648 ? 78   ASN A HD21 1 
ATOM   1181 H HD22 . ASN A 1 83 ? -4.90773  12.26544  1.68198   1.000 24.18648 ? 78   ASN A HD22 1 
ATOM   1182 N N    . MET A 1 84 ? -3.91860  6.53901   -1.33248  1.000 10.11487 ? 79   MET A N    1 
ATOM   1183 C CA   . MET A 1 84 ? -3.27822  5.71920   -2.33796  1.000 9.80330  ? 79   MET A CA   1 
ATOM   1184 C C    . MET A 1 84 ? -4.22266  5.52642   -3.50999  1.000 9.87224  ? 79   MET A C    1 
ATOM   1185 O O    . MET A 1 84 ? -5.44341  5.59877   -3.35464  1.000 11.40828 ? 79   MET A O    1 
ATOM   1186 C CB   . MET A 1 84 ? -2.87766  4.33541   -1.82336  1.000 10.61325 ? 79   MET A CB   1 
ATOM   1187 C CG   . MET A 1 84 ? -1.98599  4.33827   -0.59339  1.000 11.65998 ? 79   MET A CG   1 
ATOM   1188 S SD   . MET A 1 84 ? -1.47443  2.69513   -0.06385  1.000 13.23901 ? 79   MET A SD   1 
ATOM   1189 C CE   . MET A 1 84 ? -2.99527  2.11429   0.69839   1.000 15.62793 ? 79   MET A CE   1 
ATOM   1190 H H    . MET A 1 84 ? -4.75147  6.35681   -1.21961  1.000 12.13784 ? 79   MET A H    1 
ATOM   1191 H HA   . MET A 1 84 ? -2.47400  6.18300   -2.61906  1.000 11.76396 ? 79   MET A HA   1 
ATOM   1192 H HB2  . MET A 1 84 ? -3.68459  3.84756   -1.59587  1.000 12.73590 ? 79   MET A HB2  1 
ATOM   1193 H HB3  . MET A 1 84 ? -2.39816  3.87311   -2.52853  1.000 12.73590 ? 79   MET A HB3  1 
ATOM   1194 H HG2  . MET A 1 84 ? -1.18469  4.84835   -0.78994  1.000 13.99198 ? 79   MET A HG2  1 
ATOM   1195 H HG3  . MET A 1 84 ? -2.46867  4.74867   0.14111   1.000 13.99198 ? 79   MET A HG3  1 
ATOM   1196 H HE1  . MET A 1 84 ? -2.86051  1.21024   1.02311   1.000 18.75351 ? 79   MET A HE1  1 
ATOM   1197 H HE2  . MET A 1 84 ? -3.22228  2.70066   1.43700   1.000 18.75351 ? 79   MET A HE2  1 
ATOM   1198 H HE3  . MET A 1 84 ? -3.70454  2.12585   0.03680   1.000 18.75351 ? 79   MET A HE3  1 
ATOM   1199 N N    A THR A 1 85 ? -3.63222  5.21437   -4.66434  0.457 10.16895 ? 80   THR A N    1 
ATOM   1200 N N    B THR A 1 85 ? -3.66095  5.30808   -4.69171  0.543 10.38383 ? 80   THR A N    1 
ATOM   1201 C CA   A THR A 1 85 ? -4.35696  4.79926   -5.85575  0.457 10.61585 ? 80   THR A CA   1 
ATOM   1202 C CA   B THR A 1 85 ? -4.43137  4.77877   -5.80104  0.543 10.81892 ? 80   THR A CA   1 
ATOM   1203 C C    A THR A 1 85 ? -3.84884  3.42829   -6.28449  0.457 8.57329  ? 80   THR A C    1 
ATOM   1204 C C    B THR A 1 85 ? -3.89330  3.38943   -6.09997  0.543 9.28548  ? 80   THR A C    1 
ATOM   1205 O O    A THR A 1 85 ? -2.63568  3.20513   -6.39255  0.457 9.85279  ? 80   THR A O    1 
ATOM   1206 O O    B THR A 1 85 ? -2.71328  3.09684   -5.88866  0.543 9.11134  ? 80   THR A O    1 
ATOM   1207 C CB   A THR A 1 85 ? -4.23222  5.82652   -6.97746  0.457 11.66494 ? 80   THR A CB   1 
ATOM   1208 C CB   B THR A 1 85 ? -4.43911  5.66950   -7.04180  0.543 11.76260 ? 80   THR A CB   1 
ATOM   1209 O OG1  A THR A 1 85 ? -4.90738  7.03420   -6.59921  0.457 12.99023 ? 80   THR A OG1  1 
ATOM   1210 O OG1  B THR A 1 85 ? -3.12725  5.75424   -7.59307  0.543 13.86709 ? 80   THR A OG1  1 
ATOM   1211 C CG2  A THR A 1 85 ? -4.86258  5.27737   -8.24658  0.457 11.85114 ? 80   THR A CG2  1 
ATOM   1212 C CG2  B THR A 1 85 ? -4.95572  7.05550   -6.69920  0.543 12.89774 ? 80   THR A CG2  1 
ATOM   1213 H H    A THR A 1 85 ? -2.78058  5.23789   -4.78163  0.457 12.20274 ? 80   THR A H    1 
ATOM   1214 H H    B THR A 1 85 ? -2.83396  5.45993   -4.87235  0.543 12.46060 ? 80   THR A H    1 
ATOM   1215 H HA   A THR A 1 85 ? -5.30301  4.71692   -5.65798  0.457 12.73902 ? 80   THR A HA   1 
ATOM   1216 H HA   B THR A 1 85 ? -5.36931  4.72499   -5.55968  0.543 12.98271 ? 80   THR A HA   1 
ATOM   1217 H HB   A THR A 1 85 ? -3.29729  6.02157   -7.14705  0.457 13.99793 ? 80   THR A HB   1 
ATOM   1218 H HB   B THR A 1 85 ? -5.02934  5.28721   -7.70991  0.543 14.11512 ? 80   THR A HB   1 
ATOM   1219 H HG1  A THR A 1 85 ? -5.72414  6.88057   -6.47711  0.457 15.58827 ? 80   THR A HG1  1 
ATOM   1220 H HG1  B THR A 1 85 ? -2.60171  6.09450   -7.03305  0.543 16.64051 ? 80   THR A HG1  1 
ATOM   1221 H HG21 A THR A 1 85 ? -5.01621  5.99678   -8.87884  0.457 14.22137 ? 80   THR A HG21 1 
ATOM   1222 H HG21 B THR A 1 85 ? -4.21149  7.65887   -6.54767  0.543 15.47729 ? 80   THR A HG21 1 
ATOM   1223 H HG22 A THR A 1 85 ? -4.27405  4.62183   -8.65252  0.457 14.22137 ? 80   THR A HG22 1 
ATOM   1224 H HG22 B THR A 1 85 ? -5.49527  7.39817   -7.42883  0.543 15.47729 ? 80   THR A HG22 1 
ATOM   1225 H HG23 A THR A 1 85 ? -5.71034  4.85387   -8.03953  0.457 14.22137 ? 80   THR A HG23 1 
ATOM   1226 H HG23 B THR A 1 85 ? -5.49905  7.01801   -5.89652  0.543 15.47729 ? 80   THR A HG23 1 
ATOM   1227 N N    . LEU A 1 86 ? -4.79421  2.53261   -6.56579  1.000 10.00251 ? 81   LEU A N    1 
ATOM   1228 C CA   . LEU A 1 86 ? -4.51586  1.12545   -6.75614  1.000 10.42279 ? 81   LEU A CA   1 
ATOM   1229 C C    . LEU A 1 86 ? -5.18751  0.65540   -8.03048  1.000 10.93909 ? 81   LEU A C    1 
ATOM   1230 O O    . LEU A 1 86 ? -6.17116  1.23014   -8.50714  1.000 12.86745 ? 81   LEU A O    1 
ATOM   1231 C CB   . LEU A 1 86 ? -4.97298  0.25010   -5.57169  1.000 11.37469 ? 81   LEU A CB   1 
ATOM   1232 C CG   . LEU A 1 86 ? -4.35841  0.55201   -4.20786  1.000 11.23337 ? 81   LEU A CG   1 
ATOM   1233 C CD1  . LEU A 1 86 ? -5.21469  1.53506   -3.44675  1.000 11.61064 ? 81   LEU A CD1  1 
ATOM   1234 C CD2  . LEU A 1 86 ? -4.14061  -0.72866  -3.40453  1.000 13.81802 ? 81   LEU A CD2  1 
ATOM   1235 H H    . LEU A 1 86 ? -5.59678  2.75089   -6.78450  1.000 12.00301 ? 81   LEU A H    1 
ATOM   1236 H HA   . LEU A 1 86 ? -3.55596  1.01500   -6.84162  1.000 12.50735 ? 81   LEU A HA   1 
ATOM   1237 H HB2  . LEU A 1 86 ? -5.93300  0.35266   -5.47807  1.000 13.64962 ? 81   LEU A HB2  1 
ATOM   1238 H HB3  . LEU A 1 86 ? -4.75672  -0.67195  -5.78132  1.000 13.64962 ? 81   LEU A HB3  1 
ATOM   1239 H HG   . LEU A 1 86 ? -3.48741  0.95756   -4.34126  1.000 13.48005 ? 81   LEU A HG   1 
ATOM   1240 H HD11 . LEU A 1 86 ? -4.78233  1.74412   -2.60399  1.000 13.93277 ? 81   LEU A HD11 1 
ATOM   1241 H HD12 . LEU A 1 86 ? -5.31558  2.34178   -3.97583  1.000 13.93277 ? 81   LEU A HD12 1 
ATOM   1242 H HD13 . LEU A 1 86 ? -6.08356  1.13622   -3.28276  1.000 13.93277 ? 81   LEU A HD13 1 
ATOM   1243 H HD21 . LEU A 1 86 ? -3.76859  -0.49890  -2.53866  1.000 16.58162 ? 81   LEU A HD21 1 
ATOM   1244 H HD22 . LEU A 1 86 ? -4.99246  -1.17821  -3.28980  1.000 16.58162 ? 81   LEU A HD22 1 
ATOM   1245 H HD23 . LEU A 1 86 ? -3.52567  -1.30325  -3.88682  1.000 16.58162 ? 81   LEU A HD23 1 
ATOM   1246 N N    . GLN A 1 87 ? -4.67314  -0.44597  -8.54593  1.000 12.47487 ? 82   GLN A N    1 
ATOM   1247 C CA   . GLN A 1 87 ? -5.25337  -1.14290  -9.67981  1.000 13.65989 ? 82   GLN A CA   1 
ATOM   1248 C C    . GLN A 1 87 ? -5.73813  -2.50724  -9.22557  1.000 12.95431 ? 82   GLN A C    1 
ATOM   1249 O O    . GLN A 1 87 ? -4.98702  -3.26596  -8.60078  1.000 14.29571 ? 82   GLN A O    1 
ATOM   1250 C CB   . GLN A 1 87 ? -4.21927  -1.21716  -10.79669 1.000 19.83877 ? 82   GLN A CB   1 
ATOM   1251 C CG   . GLN A 1 87 ? -4.58406  -2.04284  -11.97934 1.000 28.08762 ? 82   GLN A CG   1 
ATOM   1252 C CD   . GLN A 1 87 ? -3.39039  -2.23983  -12.88143 1.000 36.24928 ? 82   GLN A CD   1 
ATOM   1253 O OE1  . GLN A 1 87 ? -2.99123  -1.32786  -13.60790 1.000 47.84136 ? 82   GLN A OE1  1 
ATOM   1254 N NE2  . GLN A 1 87 ? -2.75826  -3.39993  -12.77636 1.000 40.06412 ? 82   GLN A NE2  1 
ATOM   1255 H H    . GLN A 1 87 ? -3.96141  -0.82361  -8.24521  1.000 14.96984 ? 82   GLN A H    1 
ATOM   1256 H HA   . GLN A 1 87 ? -6.03339  -0.68560  -10.03100 1.000 16.39186 ? 82   GLN A HA   1 
ATOM   1257 H HB2  . GLN A 1 87 ? -4.05598  -0.31634  -11.11723 1.000 23.80653 ? 82   GLN A HB2  1 
ATOM   1258 H HB3  . GLN A 1 87 ? -3.40357  -1.59121  -10.42841 1.000 23.80653 ? 82   GLN A HB3  1 
ATOM   1259 H HG2  . GLN A 1 87 ? -4.89429  -2.91302  -11.68363 1.000 33.70514 ? 82   GLN A HG2  1 
ATOM   1260 H HG3  . GLN A 1 87 ? -5.28161  -1.59578  -12.48380 1.000 33.70514 ? 82   GLN A HG3  1 
ATOM   1261 H HE21 . GLN A 1 87 ? -3.03457  -3.99098  -12.21609 1.000 48.07695 ? 82   GLN A HE21 1 
ATOM   1262 H HE22 . GLN A 1 87 ? -2.07175  -3.56166  -13.26843 1.000 48.07695 ? 82   GLN A HE22 1 
ATOM   1263 N N    A ARG A 1 88 ? -6.98873  -2.81486  -9.54914  0.609 16.22950 ? 83   ARG A N    1 
ATOM   1264 N N    B ARG A 1 88 ? -6.98935  -2.81888  -9.54552  0.391 16.25804 ? 83   ARG A N    1 
ATOM   1265 C CA   A ARG A 1 88 ? -7.54918  -4.09990  -9.17485  0.609 17.95361 ? 83   ARG A CA   1 
ATOM   1266 C CA   B ARG A 1 88 ? -7.56504  -4.09204  -9.14511  0.391 18.01856 ? 83   ARG A CA   1 
ATOM   1267 C C    A ARG A 1 88 ? -6.79661  -5.23007  -9.85213  0.609 18.78070 ? 83   ARG A C    1 
ATOM   1268 C C    B ARG A 1 88 ? -6.85480  -5.23884  -9.84718  0.391 18.80322 ? 83   ARG A C    1 
ATOM   1269 O O    A ARG A 1 88 ? -6.48549  -5.16840  -11.04682 0.609 19.92563 ? 83   ARG A O    1 
ATOM   1270 O O    B ARG A 1 88 ? -6.62837  -5.19326  -11.06099 0.391 20.06071 ? 83   ARG A O    1 
ATOM   1271 C CB   A ARG A 1 88 ? -9.00683  -4.18352  -9.60809  0.609 20.73897 ? 83   ARG A CB   1 
ATOM   1272 C CB   B ARG A 1 88 ? -9.04614  -4.12786  -9.51058  0.391 20.79759 ? 83   ARG A CB   1 
ATOM   1273 C CG   A ARG A 1 88 ? -9.96980  -3.48128  -8.69994  0.609 19.65720 ? 83   ARG A CG   1 
ATOM   1274 C CG   B ARG A 1 88 ? -9.89948  -3.13272  -8.76184  0.391 18.96517 ? 83   ARG A CG   1 
ATOM   1275 C CD   A ARG A 1 88 ? -9.90233  -3.97960  -7.26589  0.609 22.58117 ? 83   ARG A CD   1 
ATOM   1276 C CD   B ARG A 1 88 ? -11.38275 -3.37547  -9.02318  0.391 21.24222 ? 83   ARG A CD   1 
ATOM   1277 N NE   A ARG A 1 88 ? -11.05763 -3.48841  -6.52912  0.609 22.71243 ? 83   ARG A NE   1 
ATOM   1278 N NE   B ARG A 1 88 ? -12.22334 -2.62355  -8.09929  0.391 17.61450 ? 83   ARG A NE   1 
ATOM   1279 C CZ   A ARG A 1 88 ? -11.17390 -3.46527  -5.20847  0.609 16.64048 ? 83   ARG A CZ   1 
ATOM   1280 C CZ   B ARG A 1 88 ? -12.52190 -1.33881  -8.22853  0.391 17.61495 ? 83   ARG A CZ   1 
ATOM   1281 N NH1  A ARG A 1 88 ? -10.20814 -3.90006  -4.41329  0.609 12.00485 ? 83   ARG A NH1  1 
ATOM   1282 N NH1  B ARG A 1 88 ? -12.12218 -0.63852  -9.27682  0.391 16.37340 ? 83   ARG A NH1  1 
ATOM   1283 N NH2  A ARG A 1 88 ? -12.28632 -2.97810  -4.67043  0.609 21.18141 ? 83   ARG A NH2  1 
ATOM   1284 N NH2  B ARG A 1 88 ? -13.24099 -0.74221  -7.28203  0.391 18.86869 ? 83   ARG A NH2  1 
ATOM   1285 H H    A ARG A 1 88 ? -7.52621  -2.30069  -9.98081  0.609 19.47540 ? 83   ARG A H    1 
ATOM   1286 H H    B ARG A 1 88 ? -7.52179  -2.31190  -9.99170  0.391 19.50965 ? 83   ARG A H    1 
ATOM   1287 H HA   A ARG A 1 88 ? -7.48589  -4.19495  -8.21159  0.609 21.54433 ? 83   ARG A HA   1 
ATOM   1288 H HA   B ARG A 1 88 ? -7.46551  -4.19809  -8.18607  0.391 21.62228 ? 83   ARG A HA   1 
ATOM   1289 H HB2  A ARG A 1 88 ? -9.09040  -3.78396  -10.48802 0.609 24.88676 ? 83   ARG A HB2  1 
ATOM   1290 H HB2  B ARG A 1 88 ? -9.13548  -3.93670  -10.45735 0.391 24.95711 ? 83   ARG A HB2  1 
ATOM   1291 H HB3  A ARG A 1 88 ? -9.26532  -5.11782  -9.64206  0.609 24.88676 ? 83   ARG A HB3  1 
ATOM   1292 H HB3  B ARG A 1 88 ? -9.39082  -5.01364  -9.31700  0.391 24.95711 ? 83   ARG A HB3  1 
ATOM   1293 H HG2  A ARG A 1 88 ? -9.76635  -2.53286  -8.69653  0.609 23.58864 ? 83   ARG A HG2  1 
ATOM   1294 H HG2  B ARG A 1 88 ? -9.73755  -3.22055  -7.80950  0.391 22.75821 ? 83   ARG A HG2  1 
ATOM   1295 H HG3  A ARG A 1 88 ? -10.87247 -3.62579  -9.02427  0.609 23.58864 ? 83   ARG A HG3  1 
ATOM   1296 H HG3  B ARG A 1 88 ? -9.67965  -2.23435  -9.05428  0.391 22.75821 ? 83   ARG A HG3  1 
ATOM   1297 H HD2  A ARG A 1 88 ? -9.91134  -4.94948  -7.25369  0.609 27.09740 ? 83   ARG A HD2  1 
ATOM   1298 H HD2  B ARG A 1 88 ? -11.59865 -3.09639  -9.92672  0.391 25.49067 ? 83   ARG A HD2  1 
ATOM   1299 H HD3  A ARG A 1 88 ? -9.09532  -3.64994  -6.84050  0.609 27.09740 ? 83   ARG A HD3  1 
ATOM   1300 H HD3  B ARG A 1 88 ? -11.57728 -4.31925  -8.91204  0.391 25.49067 ? 83   ARG A HD3  1 
ATOM   1301 H HE   A ARG A 1 88 ? -11.71980 -3.18828  -6.98854  0.609 27.25492 ? 83   ARG A HE   1 
ATOM   1302 H HE   B ARG A 1 88 ? -12.54837 -3.04330  -7.42271  0.391 21.13740 ? 83   ARG A HE   1 
ATOM   1303 H HH11 A ARG A 1 88 ? -9.47971  -4.20869  -4.75055  0.609 14.40583 ? 83   ARG A HH11 1 
ATOM   1304 H HH11 B ARG A 1 88 ? -11.65748 -1.01593  -9.89425  0.391 19.64807 ? 83   ARG A HH11 1 
ATOM   1305 H HH12 A ARG A 1 88 ? -10.30946 -3.87377  -3.55969  0.609 14.40583 ? 83   ARG A HH12 1 
ATOM   1306 H HH12 B ARG A 1 88 ? -12.32695 0.19428   -9.34105  0.391 19.64807 ? 83   ARG A HH12 1 
ATOM   1307 H HH21 A ARG A 1 88 ? -12.91618 -2.68444  -5.17703  0.609 25.41769 ? 83   ARG A HH21 1 
ATOM   1308 H HH21 B ARG A 1 88 ? -13.44093 0.09104   -7.35493  0.391 22.64243 ? 83   ARG A HH21 1 
ATOM   1309 H HH22 A ARG A 1 88 ? -12.37671 -2.95634  -3.81547  0.609 25.41769 ? 83   ARG A HH22 1 
ATOM   1310 H HH22 B ARG A 1 88 ? -13.50603 -1.18969  -6.59711  0.391 22.64243 ? 83   ARG A HH22 1 
ATOM   1311 N N    . ALA A 1 89 ? -6.52484  -6.27632  -9.08221  1.000 17.63262 ? 84   ALA A N    1 
ATOM   1312 C CA   . ALA A 1 89 ? -5.98359  -7.50200  -9.65258  1.000 20.03581 ? 84   ALA A CA   1 
ATOM   1313 C C    . ALA A 1 89 ? -7.12106  -8.16155  -10.45726 1.000 26.74555 ? 84   ALA A C    1 
ATOM   1314 O O    . ALA A 1 89 ? -6.90762  -8.80881  -11.48770 1.000 30.18810 ? 84   ALA A O    1 
ATOM   1315 C CB   . ALA A 1 89 ? -5.48563  -8.43280  -8.57666  1.000 22.67464 ? 84   ALA A CB   1 
ATOM   1316 H H    . ALA A 1 89 ? -6.64449  -6.30114  -8.23094  1.000 21.15914 ? 84   ALA A H    1 
ATOM   1317 H HA   . ALA A 1 89 ? -5.21881  -7.31588  -10.21948 1.000 24.04297 ? 84   ALA A HA   1 
ATOM   1318 H HB1  . ALA A 1 89 ? -5.14891  -9.24275  -8.99079  1.000 27.20957 ? 84   ALA A HB1  1 
ATOM   1319 H HB2  . ALA A 1 89 ? -4.77534  -7.99372  -8.08311  1.000 27.20957 ? 84   ALA A HB2  1 
ATOM   1320 H HB3  . ALA A 1 89 ? -6.21966  -8.64699  -7.97982  1.000 27.20957 ? 84   ALA A HB3  1 
ATOM   1321 N N    . ASP B 2 1  ? 11.73403  -9.56916  2.21677   1.000 38.18436 ? 956  ASP B N    1 
ATOM   1322 C CA   . ASP B 2 1  ? 12.79467  -9.98701  3.12600   1.000 45.76904 ? 956  ASP B CA   1 
ATOM   1323 C C    . ASP B 2 1  ? 12.21307  -10.53252 4.42875   1.000 45.53605 ? 956  ASP B C    1 
ATOM   1324 O O    . ASP B 2 1  ? 12.62069  -11.58966 4.89865   1.000 47.30264 ? 956  ASP B O    1 
ATOM   1325 C CB   . ASP B 2 1  ? 13.73685  -8.81725  3.42018   1.000 42.81212 ? 956  ASP B CB   1 
ATOM   1326 H H1   . ASP B 2 1  ? 11.91849  -8.85773  1.76956   1.000 45.82123 ? 956  ASP B H1   1 
ATOM   1327 H HA   . ASP B 2 1  ? 13.31178  -10.69320 2.70792   1.000 54.92285 ? 956  ASP B HA   1 
ATOM   1328 N N    . GLN B 2 2  ? 11.28328  -9.78822  5.02514   1.000 31.20642 ? 957  GLN B N    1 
ATOM   1329 C CA   . GLN B 2 2  ? 10.56706  -10.21467 6.22070   1.000 29.88558 ? 957  GLN B CA   1 
ATOM   1330 C C    . GLN B 2 2  ? 9.12851   -9.73378  6.09263   1.000 21.54474 ? 957  GLN B C    1 
ATOM   1331 O O    . GLN B 2 2  ? 8.81000   -8.90210  5.23897   1.000 23.34404 ? 957  GLN B O    1 
ATOM   1332 C CB   . GLN B 2 2  ? 11.17624  -9.63970  7.50645   1.000 35.00880 ? 957  GLN B CB   1 
ATOM   1333 C CG   . GLN B 2 2  ? 12.68280  -9.78790  7.61038   1.000 51.47882 ? 957  GLN B CG   1 
ATOM   1334 C CD   . GLN B 2 2  ? 13.10652  -10.96349 8.47407   1.000 62.37528 ? 957  GLN B CD   1 
ATOM   1335 O OE1  . GLN B 2 2  ? 12.31691  -11.87064 8.74460   1.000 52.92253 ? 957  GLN B OE1  1 
ATOM   1336 N NE2  . GLN B 2 2  ? 14.36448  -10.95530 8.90626   1.000 63.14815 ? 957  GLN B NE2  1 
ATOM   1337 H H    . GLN B 2 2  ? 11.04433  -9.01047  4.74658   1.000 37.44771 ? 957  GLN B H    1 
ATOM   1338 H HA   . GLN B 2 2  ? 10.59889  -11.18241 6.27876   1.000 35.86269 ? 957  GLN B HA   1 
ATOM   1339 H HB2  . GLN B 2 2  ? 10.97151  -8.69249  7.54848   1.000 42.01056 ? 957  GLN B HB2  1 
ATOM   1340 H HB3  . GLN B 2 2  ? 10.78377  -10.09799 8.26595   1.000 42.01056 ? 957  GLN B HB3  1 
ATOM   1341 H HG2  . GLN B 2 2  ? 13.04806  -9.92297  6.72199   1.000 61.77458 ? 957  GLN B HG2  1 
ATOM   1342 H HG3  . GLN B 2 2  ? 13.05241  -8.98106  8.00191   1.000 61.77458 ? 957  GLN B HG3  1 
ATOM   1343 H HE21 . GLN B 2 2  ? 14.88811  -10.30719 8.69327   1.000 75.77778 ? 957  GLN B HE21 1 
ATOM   1344 H HE22 . GLN B 2 2  ? 14.65417  -11.59811 9.39868   1.000 75.77778 ? 957  GLN B HE22 1 
ATOM   1345 N N    . LEU B 2 3  ? 8.24469   -10.26016 6.93689   1.000 19.30539 ? 958  LEU B N    1 
ATOM   1346 C CA   . LEU B 2 3  ? 6.84132   -9.86427  6.90425   1.000 16.60189 ? 958  LEU B CA   1 
ATOM   1347 C C    . LEU B 2 3  ? 6.65899   -8.70430  7.87130   1.000 17.53699 ? 958  LEU B C    1 
ATOM   1348 O O    . LEU B 2 3  ? 6.79918   -8.86844  9.08990   1.000 22.57480 ? 958  LEU B O    1 
ATOM   1349 C CB   . LEU B 2 3  ? 5.92212   -11.02415 7.25807   1.000 17.32610 ? 958  LEU B CB   1 
ATOM   1350 C CG   . LEU B 2 3  ? 6.03678   -12.21973 6.32065   1.000 16.72989 ? 958  LEU B CG   1 
ATOM   1351 C CD1  . LEU B 2 3  ? 5.07362   -13.32337 6.75095   1.000 20.40295 ? 958  LEU B CD1  1 
ATOM   1352 C CD2  . LEU B 2 3  ? 5.80515   -11.87791 4.85461   1.000 17.65521 ? 958  LEU B CD2  1 
ATOM   1353 H H    . LEU B 2 3  ? 8.43437   -10.84718 7.53608   1.000 23.16646 ? 958  LEU B H    1 
ATOM   1354 H HA   . LEU B 2 3  ? 6.61159   -9.57480  6.00741   1.000 19.92227 ? 958  LEU B HA   1 
ATOM   1355 H HB2  . LEU B 2 3  ? 6.13902   -11.32911 8.15297   1.000 20.79132 ? 958  LEU B HB2  1 
ATOM   1356 H HB3  . LEU B 2 3  ? 5.00418   -10.71213 7.22729   1.000 20.79132 ? 958  LEU B HB3  1 
ATOM   1357 H HG   . LEU B 2 3  ? 6.95248   -12.53342 6.38372   1.000 20.07587 ? 958  LEU B HG   1 
ATOM   1358 H HD11 . LEU B 2 3  ? 5.15996   -14.07315 6.14161   1.000 24.48354 ? 958  LEU B HD11 1 
ATOM   1359 H HD12 . LEU B 2 3  ? 5.29610   -13.60276 7.65281   1.000 24.48354 ? 958  LEU B HD12 1 
ATOM   1360 H HD13 . LEU B 2 3  ? 4.16714   -12.97909 6.72545   1.000 24.48354 ? 958  LEU B HD13 1 
ATOM   1361 H HD21 . LEU B 2 3  ? 5.78801   -12.69863 4.33787   1.000 21.18626 ? 958  LEU B HD21 1 
ATOM   1362 H HD22 . LEU B 2 3  ? 4.95711   -11.41500 4.76843   1.000 21.18626 ? 958  LEU B HD22 1 
ATOM   1363 H HD23 . LEU B 2 3  ? 6.52627   -11.30747 4.54560   1.000 21.18626 ? 958  LEU B HD23 1 
ATOM   1364 N N    . ILE B 2 4  ? 6.34246   -7.53372  7.32990   1.000 14.31905 ? 959  ILE B N    1 
ATOM   1365 C CA   . ILE B 2 4  ? 6.26817   -6.29532  8.09953   1.000 15.94067 ? 959  ILE B CA   1 
ATOM   1366 C C    . ILE B 2 4  ? 4.84339   -5.76591  8.01477   1.000 14.84661 ? 959  ILE B C    1 
ATOM   1367 O O    . ILE B 2 4  ? 4.38155   -5.36243  6.93759   1.000 13.75617 ? 959  ILE B O    1 
ATOM   1368 C CB   . ILE B 2 4  ? 7.25090   -5.23541  7.57224   1.000 17.21411 ? 959  ILE B CB   1 
ATOM   1369 C CG1  . ILE B 2 4  ? 8.69759   -5.71180  7.66924   1.000 19.57486 ? 959  ILE B CG1  1 
ATOM   1370 C CG2  . ILE B 2 4  ? 7.10296   -3.91962  8.34377   1.000 18.15807 ? 959  ILE B CG2  1 
ATOM   1371 C CD1  . ILE B 2 4  ? 9.09595   -6.23186  9.01785   1.000 28.85799 ? 959  ILE B CD1  1 
ATOM   1372 H H    . ILE B 2 4  ? 6.16147   -7.42805  6.49583   1.000 17.18286 ? 959  ILE B H    1 
ATOM   1373 H HA   . ILE B 2 4  ? 6.47624   -6.49113  9.02649   1.000 19.12881 ? 959  ILE B HA   1 
ATOM   1374 H HB   . ILE B 2 4  ? 7.03110   -5.09196  6.63844   1.000 20.65693 ? 959  ILE B HB   1 
ATOM   1375 H HG12 . ILE B 2 4  ? 8.82985   -6.42840  7.02901   1.000 23.48983 ? 959  ILE B HG12 1 
ATOM   1376 H HG13 . ILE B 2 4  ? 9.28227   -4.96694  7.45895   1.000 23.48983 ? 959  ILE B HG13 1 
ATOM   1377 H HG21 . ILE B 2 4  ? 7.76324   -3.28739  8.01942   1.000 21.78968 ? 959  ILE B HG21 1 
ATOM   1378 H HG22 . ILE B 2 4  ? 6.21024   -3.56825  8.20061   1.000 21.78968 ? 959  ILE B HG22 1 
ATOM   1379 H HG23 . ILE B 2 4  ? 7.24392   -4.08979  9.28827   1.000 21.78968 ? 959  ILE B HG23 1 
ATOM   1380 H HD11 . ILE B 2 4  ? 10.03370  -6.47900  8.99663   1.000 34.62959 ? 959  ILE B HD11 1 
ATOM   1381 H HD12 . ILE B 2 4  ? 8.95183   -5.53723  9.67937   1.000 34.62959 ? 959  ILE B HD12 1 
ATOM   1382 H HD13 . ILE B 2 4  ? 8.55406   -7.00797  9.22972   1.000 34.62959 ? 959  ILE B HD13 1 
ATOM   1383 N N    . ASP B 2 5  ? 4.15770   -5.72909  9.14855   1.000 15.94432 ? 960  ASP B N    1 
ATOM   1384 C CA   . ASP B 2 5  ? 2.78390   -5.25999  9.15521   1.000 15.79778 ? 960  ASP B CA   1 
ATOM   1385 C C    . ASP B 2 5  ? 2.75454   -3.73396  9.15647   1.000 14.67571 ? 960  ASP B C    1 
ATOM   1386 O O    . ASP B 2 5  ? 3.42361   -3.09669  9.97570   1.000 17.53931 ? 960  ASP B O    1 
ATOM   1387 C CB   . ASP B 2 5  ? 2.05197   -5.79825  10.38447  1.000 16.81951 ? 960  ASP B CB   1 
ATOM   1388 C CG   . ASP B 2 5  ? 1.74562   -7.28208  10.27610  1.000 17.51508 ? 960  ASP B CG   1 
ATOM   1389 O OD1  . ASP B 2 5  ? 1.77878   -7.97699  11.31016  1.000 21.54297 ? 960  ASP B OD1  1 
ATOM   1390 O OD2  . ASP B 2 5  ? 1.47262   -7.77838  9.16176   1.000 16.71451 ? 960  ASP B OD2  1 
ATOM   1391 H H    . ASP B 2 5  ? 4.46272   -5.96754  9.91648   1.000 19.13318 ? 960  ASP B H    1 
ATOM   1392 H HA   . ASP B 2 5  ? 2.32802   -5.57667  8.35974   1.000 18.95734 ? 960  ASP B HA   1 
ATOM   1393 H HB2  . ASP B 2 5  ? 2.60660   -5.66199  11.16852  1.000 20.18341 ? 960  ASP B HB2  1 
ATOM   1394 H HB3  . ASP B 2 5  ? 1.21182   -5.32418  10.48596  1.000 20.18341 ? 960  ASP B HB3  1 
ATOM   1395 N N    . LEU B 2 6  ? 1.93418   -3.15361  8.27880   1.000 13.78568 ? 961  LEU B N    1 
ATOM   1396 C CA   . LEU B 2 6  ? 1.83545   -1.70942  8.13172   1.000 14.12589 ? 961  LEU B CA   1 
ATOM   1397 C C    . LEU B 2 6  ? 0.49785   -1.19320  8.64242   0.973 13.03300 ? 961  LEU B C    1 
ATOM   1398 O O    . LEU B 2 6  ? 0.36070   0.02320   8.88109   0.974 15.19245 ? 961  LEU B O    1 
ATOM   1399 C CB   . LEU B 2 6  ? 1.95208   -1.30901  6.67141   1.000 12.72517 ? 961  LEU B CB   1 
ATOM   1400 C CG   . LEU B 2 6  ? 3.14255   -1.88477  5.91978   1.000 13.39983 ? 961  LEU B CG   1 
ATOM   1401 C CD1  . LEU B 2 6  ? 3.11784   -1.47589  4.45950   0.768 13.60108 ? 961  LEU B CD1  1 
ATOM   1402 C CD2  . LEU B 2 6  ? 4.45208   -1.45920  6.58425   1.000 17.10208 ? 961  LEU B CD2  1 
ATOM   1403 O OXT  . LEU B 2 6  ? -0.44416  -1.98615  8.77354   1.000 14.41027 ? 961  LEU B OXT  1 
ATOM   1404 H H    . LEU B 2 6  ? 1.41515   -3.58737  7.74769   1.000 16.54281 ? 961  LEU B H    1 
ATOM   1405 H HA   . LEU B 2 6  ? 2.55739   -1.30889  8.64090   1.000 16.95107 ? 961  LEU B HA   1 
ATOM   1406 H HB2  . LEU B 2 6  ? 1.15083   -1.60419  6.21124   1.000 15.27021 ? 961  LEU B HB2  1 
ATOM   1407 H HB3  . LEU B 2 6  ? 2.02333   -0.34266  6.62682   1.000 15.27021 ? 961  LEU B HB3  1 
ATOM   1408 H HG   . LEU B 2 6  ? 3.09093   -2.85292  5.95002   1.000 16.07979 ? 961  LEU B HG   1 
ATOM   1409 H HD11 . LEU B 2 6  ? 3.89635   -1.84599  4.01471   0.000 16.32129 ? 961  LEU B HD11 1 
ATOM   1410 H HD12 . LEU B 2 6  ? 2.30841   -1.81856  4.04927   0.688 16.32129 ? 961  LEU B HD12 1 
ATOM   1411 H HD13 . LEU B 2 6  ? 3.13331   -0.50769  4.40235   1.000 16.32129 ? 961  LEU B HD13 1 
ATOM   1412 H HD21 . LEU B 2 6  ? 5.19589   -1.78618  6.05440   1.000 20.52250 ? 961  LEU B HD21 1 
ATOM   1413 H HD22 . LEU B 2 6  ? 4.48126   -0.49088  6.63320   1.000 20.52250 ? 961  LEU B HD22 1 
ATOM   1414 H HD23 . LEU B 2 6  ? 4.49057   -1.83684  7.47689   1.000 20.52250 ? 961  LEU B HD23 1 
HETATM 1415 O O    . HOH C 3 .  ? -9.10899  -4.68163  -15.32302 1.000 32.83185 ? 101  HOH A O    1 
HETATM 1416 O O    . HOH C 3 .  ? -9.35501  -5.90157  -13.40262 1.000 47.37344 ? 102  HOH A O    1 
HETATM 1417 O O    . HOH C 3 .  ? -6.20975  10.53179  8.73842   1.000 26.42500 ? 103  HOH A O    1 
HETATM 1418 O O    . HOH C 3 .  ? -9.13573  -12.14048 7.44984   1.000 38.17403 ? 104  HOH A O    1 
HETATM 1419 O O    . HOH C 3 .  ? -2.75135  9.23213   10.60120  1.000 26.72335 ? 105  HOH A O    1 
HETATM 1420 O O    . HOH C 3 .  ? 5.46881   6.43464   11.40258  1.000 23.40728 ? 106  HOH A O    1 
HETATM 1421 O O    . HOH C 3 .  ? -3.58629  -4.90690  -10.92818 1.000 28.07586 ? 107  HOH A O    1 
HETATM 1422 O O    . HOH C 3 .  ? 4.82944   -4.99980  4.26239   1.000 13.28387 ? 108  HOH A O    1 
HETATM 1423 O O    . HOH C 3 .  ? -12.87111 1.92449   -10.19038 1.000 31.57200 ? 109  HOH A O    1 
HETATM 1424 O O    . HOH C 3 .  ? -8.66470  -7.64822  -6.63952  1.000 28.77414 ? 110  HOH A O    1 
HETATM 1425 O O    . HOH C 3 .  ? 8.04519   7.31553   -8.86697  1.000 29.40430 ? 111  HOH A O    1 
HETATM 1426 O O    . HOH C 3 .  ? -4.49215  -9.25973  -12.35897 1.000 26.33124 ? 112  HOH A O    1 
HETATM 1427 O O    . HOH C 3 .  ? 16.34015  -4.92685  -1.25099  1.000 25.99000 ? 113  HOH A O    1 
HETATM 1428 O O    . HOH C 3 .  ? -2.10792  -8.75806  7.36765   1.000 17.32746 ? 114  HOH A O    1 
HETATM 1429 O O    . HOH C 3 .  ? -7.88578  -9.98513  -5.15312  1.000 28.55690 ? 115  HOH A O    1 
HETATM 1430 O O    . HOH C 3 .  ? 10.22004  1.11772   8.14107   1.000 24.04522 ? 116  HOH A O    1 
HETATM 1431 O O    . HOH C 3 .  ? 14.82473  -9.24603  -7.88891  1.000 18.77201 ? 117  HOH A O    1 
HETATM 1432 O O    . HOH C 3 .  ? 13.62777  -1.86206  0.09962   1.000 14.92471 ? 118  HOH A O    1 
HETATM 1433 O O    . HOH C 3 .  ? -1.59159  8.46729   -4.15645  1.000 19.19536 ? 119  HOH A O    1 
HETATM 1434 O O    . HOH C 3 .  ? 1.06102   6.68078   9.52440   1.000 19.17706 ? 120  HOH A O    1 
HETATM 1435 O O    . HOH C 3 .  ? -11.18658 -6.50893  0.97519   1.000 28.11855 ? 121  HOH A O    1 
HETATM 1436 O O    . HOH C 3 .  ? 2.87186   3.09029   -10.77301 1.000 28.96613 ? 122  HOH A O    1 
HETATM 1437 O O    . HOH C 3 .  ? -11.98894 -9.23576  12.98160  1.000 35.52021 ? 123  HOH A O    1 
HETATM 1438 O O    . HOH C 3 .  ? 8.60036   -6.21375  4.24914   1.000 26.43820 ? 124  HOH A O    1 
HETATM 1439 O O    . HOH C 3 .  ? -8.39016  -11.06609 -11.92753 1.000 37.66852 ? 125  HOH A O    1 
HETATM 1440 O O    . HOH C 3 .  ? 17.59695  -6.25379  -5.92692  1.000 28.70263 ? 126  HOH A O    1 
HETATM 1441 O O    . HOH C 3 .  ? 3.45421   1.04691   -8.94813  1.000 39.66050 ? 127  HOH A O    1 
HETATM 1442 O O    . HOH C 3 .  ? -0.60943  6.73756   11.76094  1.000 17.18409 ? 128  HOH A O    1 
HETATM 1443 O O    . HOH C 3 .  ? -11.69357 6.01543   4.16990   1.000 18.90519 ? 129  HOH A O    1 
HETATM 1444 O O    . HOH C 3 .  ? 9.06831   4.33156   9.21399   1.000 24.83845 ? 130  HOH A O    1 
HETATM 1445 O O    . HOH C 3 .  ? -1.22137  -8.32393  -9.00027  1.000 15.46059 ? 131  HOH A O    1 
HETATM 1446 O O    . HOH C 3 .  ? -10.90246 -4.15206  -12.98889 1.000 35.03765 ? 132  HOH A O    1 
HETATM 1447 O O    . HOH C 3 .  ? -5.02288  1.09649   13.55125  1.000 30.77935 ? 133  HOH A O    1 
HETATM 1448 O O    . HOH C 3 .  ? -7.08579  -4.45850  6.89333   1.000 13.87899 ? 134  HOH A O    1 
HETATM 1449 O O    . HOH C 3 .  ? -4.84380  -11.47891 4.74272   1.000 26.02769 ? 135  HOH A O    1 
HETATM 1450 O O    . HOH C 3 .  ? -7.93734  -10.55117 5.99402   1.000 40.68435 ? 136  HOH A O    1 
HETATM 1451 O O    . HOH C 3 .  ? -16.07625 -1.17259  2.38109   1.000 28.30631 ? 137  HOH A O    1 
HETATM 1452 O O    . HOH C 3 .  ? -12.67460 5.77467   -2.08951  1.000 22.91992 ? 138  HOH A O    1 
HETATM 1453 O O    . HOH C 3 .  ? 1.55008   -7.92060  -8.69077  1.000 15.40635 ? 139  HOH A O    1 
HETATM 1454 O O    . HOH C 3 .  ? -11.04810 2.12846   6.40514   1.000 19.21674 ? 140  HOH A O    1 
HETATM 1455 O O    . HOH C 3 .  ? -15.86647 -1.46084  6.05014   1.000 25.67407 ? 141  HOH A O    1 
HETATM 1456 O O    . HOH C 3 .  ? 10.28665  -0.09685  -11.22418 1.000 29.81227 ? 142  HOH A O    1 
HETATM 1457 O O    . HOH C 3 .  ? 8.23549   0.02752   -7.41847  1.000 23.31857 ? 143  HOH A O    1 
HETATM 1458 O O    . HOH C 3 .  ? 4.47018   9.84571   4.39651   1.000 26.60201 ? 144  HOH A O    1 
HETATM 1459 O O    . HOH C 3 .  ? 4.15060   4.89678   -14.38682 1.000 27.66957 ? 145  HOH A O    1 
HETATM 1460 O O    . HOH C 3 .  ? -5.05002  -11.98079 -5.46691  1.000 25.76777 ? 146  HOH A O    1 
HETATM 1461 O O    . HOH C 3 .  ? 7.90879   -9.60354  -11.66039 1.000 13.03905 ? 147  HOH A O    1 
HETATM 1462 O O    . HOH C 3 .  ? 2.94772   3.71359   11.42681  1.000 17.98284 ? 148  HOH A O    1 
HETATM 1463 O O    . HOH C 3 .  ? 11.63198  -10.73288 -6.10077  1.000 25.71313 ? 149  HOH A O    1 
HETATM 1464 O O    . HOH C 3 .  ? -4.14808  8.69553   -4.43422  1.000 18.72637 ? 150  HOH A O    1 
HETATM 1465 O O    . HOH C 3 .  ? -13.00076 -6.39130  3.07605   1.000 44.06515 ? 151  HOH A O    1 
HETATM 1466 O O    . HOH C 3 .  ? 13.43444  8.57134   -1.19394  1.000 12.24474 ? 152  HOH A O    1 
HETATM 1467 O O    . HOH C 3 .  ? -12.16311 5.19456   -5.24612  1.000 19.70006 ? 153  HOH A O    1 
HETATM 1468 O O    . HOH C 3 .  ? 5.49996   10.82109  -8.89139  1.000 22.25196 ? 154  HOH A O    1 
HETATM 1469 O O    . HOH C 3 .  ? -1.60024  10.26863  2.23363   1.000 22.68434 ? 155  HOH A O    1 
HETATM 1470 O O    . HOH C 3 .  ? 8.69866   -7.94740  -1.41690  1.000 16.95538 ? 156  HOH A O    1 
HETATM 1471 O O    . HOH C 3 .  ? 8.63310   3.85345   -17.37705 1.000 27.87448 ? 157  HOH A O    1 
HETATM 1472 O O    . HOH C 3 .  ? 5.77101   -0.46573  -7.87983  1.000 17.33148 ? 158  HOH A O    1 
HETATM 1473 O O    . HOH C 3 .  ? -7.31047  -8.69719  13.04263  1.000 44.25763 ? 159  HOH A O    1 
HETATM 1474 O O    . HOH C 3 .  ? -7.83557  -11.10893 -3.23938  1.000 28.91816 ? 160  HOH A O    1 
HETATM 1475 O O    . HOH C 3 .  ? -14.31051 1.83873   -8.14074  1.000 25.37423 ? 161  HOH A O    1 
HETATM 1476 O O    . HOH C 3 .  ? 0.65866   -12.83476 9.39143   1.000 26.34389 ? 162  HOH A O    1 
HETATM 1477 O O    . HOH C 3 .  ? -5.85186  -1.39233  10.68210  1.000 21.65630 ? 163  HOH A O    1 
HETATM 1478 O O    . HOH C 3 .  ? 4.60888   12.72761  -0.62017  1.000 36.16243 ? 164  HOH A O    1 
HETATM 1479 O O    . HOH C 3 .  ? -14.98511 -1.82116  -5.03368  1.000 32.49608 ? 165  HOH A O    1 
HETATM 1480 O O    . HOH C 3 .  ? -8.29662  -9.94252  -0.42273  1.000 19.02318 ? 166  HOH A O    1 
HETATM 1481 O O    . HOH C 3 .  ? -9.93583  10.28447  4.77360   1.000 21.62321 ? 167  HOH A O    1 
HETATM 1482 O O    . HOH C 3 .  ? -10.90784 4.78974   6.58825   1.000 15.93177 ? 168  HOH A O    1 
HETATM 1483 O O    . HOH C 3 .  ? -8.38414  6.26803   -9.21153  1.000 24.42582 ? 169  HOH A O    1 
HETATM 1484 O O    . HOH C 3 .  ? 13.45685  2.51070   7.46474   1.000 21.33844 ? 170  HOH A O    1 
HETATM 1485 O O    . HOH C 3 .  ? -9.76555  2.75033   -14.25804 1.000 34.41416 ? 171  HOH A O    1 
HETATM 1486 O O    . HOH C 3 .  ? 7.25422   -10.71628 1.52931   1.000 25.78449 ? 172  HOH A O    1 
HETATM 1487 O O    . HOH C 3 .  ? -6.24221  8.71145   -2.97441  1.000 16.22999 ? 173  HOH A O    1 
HETATM 1488 O O    . HOH C 3 .  ? -14.00586 -10.29677 7.90297   1.000 25.98725 ? 174  HOH A O    1 
HETATM 1489 O O    . HOH C 3 .  ? 7.49974   6.78229   -11.33934 1.000 32.79338 ? 175  HOH A O    1 
HETATM 1490 O O    . HOH C 3 .  ? 7.50863   9.20704   5.99460   1.000 32.32890 ? 176  HOH A O    1 
HETATM 1491 O O    . HOH C 3 .  ? 11.72336  -3.52131  4.40997   1.000 41.08036 ? 177  HOH A O    1 
HETATM 1492 O O    . HOH C 3 .  ? 15.63477  -9.32705  -5.04981  1.000 34.94834 ? 178  HOH A O    1 
HETATM 1493 O O    . HOH C 3 .  ? -16.07455 -0.83023  8.89264   1.000 35.22455 ? 179  HOH A O    1 
HETATM 1494 O O    . HOH C 3 .  ? 12.56250  -3.05833  7.07299   1.000 44.20013 ? 180  HOH A O    1 
HETATM 1495 O O    . HOH C 3 .  ? 5.60729   12.83968  6.93857   1.000 34.41301 ? 181  HOH A O    1 
HETATM 1496 O O    . HOH C 3 .  ? 11.52395  3.82800   -13.18040 1.000 36.83038 ? 182  HOH A O    1 
HETATM 1497 O O    . HOH C 3 .  ? -12.12539 7.61920   0.33767   1.000 25.43356 ? 183  HOH A O    1 
HETATM 1498 O O    . HOH C 3 .  ? 9.10440   7.40633   8.30750   1.000 14.34617 ? 184  HOH A O    1 
HETATM 1499 O O    . HOH C 3 .  ? -5.07195  -3.43012  11.53464  1.000 37.39244 ? 185  HOH A O    1 
HETATM 1500 O O    . HOH C 3 .  ? -2.37975  -7.32351  -11.29802 1.000 25.34385 ? 186  HOH A O    1 
HETATM 1501 O O    . HOH C 3 .  ? 12.82941  4.39065   9.88161   1.000 21.93282 ? 187  HOH A O    1 
HETATM 1502 O O    . HOH C 3 .  ? 16.46183  -5.05018  1.36133   1.000 33.47631 ? 188  HOH A O    1 
HETATM 1503 O O    . HOH C 3 .  ? -16.14867 -8.11966  0.63406   1.000 31.76551 ? 189  HOH A O    1 
HETATM 1504 O O    . HOH C 3 .  ? -10.73510 -9.31133  0.48062   1.000 38.07808 ? 190  HOH A O    1 
HETATM 1505 O O    . HOH C 3 .  ? 6.50905   10.77237  3.59611   1.000 31.46547 ? 191  HOH A O    1 
HETATM 1506 O O    . HOH C 3 .  ? 14.49084  -3.11437  2.50182   1.000 25.10768 ? 192  HOH A O    1 
HETATM 1507 O O    . HOH C 3 .  ? -0.90448  -11.07994 -8.47582  1.000 23.63149 ? 193  HOH A O    1 
HETATM 1508 O O    . HOH C 3 .  ? -12.70395 5.24848   8.69509   1.000 23.61754 ? 194  HOH A O    1 
HETATM 1509 O O    . HOH C 3 .  ? -3.37098  -12.11535 -7.64695  1.000 28.96742 ? 195  HOH A O    1 
HETATM 1510 O O    . HOH D 3 .  ? -1.10841  -4.37543  9.78999   1.000 18.65798 ? 1001 HOH B O    1 
HETATM 1511 O O    . HOH D 3 .  ? 2.23575   1.15468   10.54345  1.000 26.47487 ? 1002 HOH B O    1 
HETATM 1512 O O    . HOH D 3 .  ? -0.74252  -6.47339  8.09561   1.000 18.24292 ? 1003 HOH B O    1 
HETATM 1513 O O    . HOH D 3 .  ? 4.36212   -0.60552  10.80025  1.000 19.93567 ? 1004 HOH B O    1 
HETATM 1514 O O    . HOH D 3 .  ? 6.19227   -7.41049  4.48482   1.000 15.12650 ? 1005 HOH B O    1 
HETATM 1515 O O    . HOH D 3 .  ? -0.08104  -10.23547 11.15132  1.000 30.18047 ? 1006 HOH B O    1 
HETATM 1516 O O    . HOH D 3 .  ? 5.41459   -6.45875  11.76086  1.000 28.34988 ? 1007 HOH B O    1 
HETATM 1517 O O    . HOH D 3 .  ? 8.82712   -12.60518 8.70351   1.000 28.25471 ? 1008 HOH B O    1 
HETATM 1518 O O    . HOH D 3 .  ? -0.90831  -4.39137  12.65772  1.000 28.30387 ? 1009 HOH B O    1 
# 
